data_3MK9
# 
_entry.id   3MK9 
# 
_audit_conform.dict_name       mmcif_pdbx.dic 
_audit_conform.dict_version    5.397 
_audit_conform.dict_location   http://mmcif.pdb.org/dictionaries/ascii/mmcif_pdbx.dic 
# 
loop_
_database_2.database_id 
_database_2.database_code 
_database_2.pdbx_database_accession 
_database_2.pdbx_DOI 
PDB   3MK9         pdb_00003mk9 10.2210/pdb3mk9/pdb 
RCSB  RCSB058649   ?            ?                   
WWPDB D_1000058649 ?            ?                   
# 
loop_
_pdbx_audit_revision_history.ordinal 
_pdbx_audit_revision_history.data_content_type 
_pdbx_audit_revision_history.major_revision 
_pdbx_audit_revision_history.minor_revision 
_pdbx_audit_revision_history.revision_date 
1 'Structure model' 1 0 2010-11-10 
2 'Structure model' 1 1 2011-07-13 
3 'Structure model' 1 2 2012-01-25 
4 'Structure model' 1 3 2019-07-17 
5 'Structure model' 1 4 2021-10-06 
6 'Structure model' 1 5 2023-09-06 
7 'Structure model' 1 6 2024-10-09 
# 
_pdbx_audit_revision_details.ordinal             1 
_pdbx_audit_revision_details.revision_ordinal    1 
_pdbx_audit_revision_details.data_content_type   'Structure model' 
_pdbx_audit_revision_details.provider            repository 
_pdbx_audit_revision_details.type                'Initial release' 
_pdbx_audit_revision_details.description         ? 
_pdbx_audit_revision_details.details             ? 
# 
loop_
_pdbx_audit_revision_group.ordinal 
_pdbx_audit_revision_group.revision_ordinal 
_pdbx_audit_revision_group.data_content_type 
_pdbx_audit_revision_group.group 
1 2 'Structure model' 'Version format compliance' 
2 3 'Structure model' 'Database references'       
3 4 'Structure model' 'Data collection'           
4 4 'Structure model' 'Refinement description'    
5 5 'Structure model' 'Database references'       
6 5 'Structure model' 'Derived calculations'      
7 6 'Structure model' 'Data collection'           
8 6 'Structure model' 'Refinement description'    
9 7 'Structure model' 'Structure summary'         
# 
loop_
_pdbx_audit_revision_category.ordinal 
_pdbx_audit_revision_category.revision_ordinal 
_pdbx_audit_revision_category.data_content_type 
_pdbx_audit_revision_category.category 
1 4 'Structure model' software                      
2 5 'Structure model' database_2                    
3 5 'Structure model' struct_ref_seq_dif            
4 5 'Structure model' struct_site                   
5 6 'Structure model' chem_comp_atom                
6 6 'Structure model' chem_comp_bond                
7 6 'Structure model' pdbx_initial_refinement_model 
8 7 'Structure model' pdbx_entry_details            
9 7 'Structure model' pdbx_modification_feature     
# 
loop_
_pdbx_audit_revision_item.ordinal 
_pdbx_audit_revision_item.revision_ordinal 
_pdbx_audit_revision_item.data_content_type 
_pdbx_audit_revision_item.item 
1 4 'Structure model' '_software.classification'            
2 4 'Structure model' '_software.name'                      
3 4 'Structure model' '_software.version'                   
4 5 'Structure model' '_database_2.pdbx_DOI'                
5 5 'Structure model' '_database_2.pdbx_database_accession' 
6 5 'Structure model' '_struct_ref_seq_dif.details'         
7 5 'Structure model' '_struct_site.pdbx_auth_asym_id'      
8 5 'Structure model' '_struct_site.pdbx_auth_comp_id'      
9 5 'Structure model' '_struct_site.pdbx_auth_seq_id'       
# 
_pdbx_database_status.status_code                     REL 
_pdbx_database_status.entry_id                        3MK9 
_pdbx_database_status.recvd_initial_deposition_date   2010-04-14 
_pdbx_database_status.deposit_site                    RCSB 
_pdbx_database_status.process_site                    RCSB 
_pdbx_database_status.status_code_sf                  REL 
_pdbx_database_status.status_code_mr                  ? 
_pdbx_database_status.SG_entry                        ? 
_pdbx_database_status.status_code_cs                  ? 
_pdbx_database_status.pdb_format_compatible           Y 
_pdbx_database_status.methods_development_category    ? 
_pdbx_database_status.status_code_nmr_data            ? 
# 
_pdbx_database_related.db_name        PDB 
_pdbx_database_related.db_id          3LC9 
_pdbx_database_related.details        'Stabilized Ricin Immunogen 1-33/44-198: R48C/T77C Disulfide Bond Variant' 
_pdbx_database_related.content_type   unspecified 
# 
loop_
_audit_author.name 
_audit_author.pdbx_ordinal 
'Legler, P.M.'  1 
'Compton, J.R.' 2 
'Millard, C.B.' 3 
# 
_citation.id                        primary 
_citation.title                     
'Introduction of a disulfide bond leads to stabilization and crystallization of a ricin immunogen.' 
_citation.journal_abbrev            Proteins 
_citation.journal_volume            79 
_citation.page_first                1048 
_citation.page_last                 1060 
_citation.year                      2011 
_citation.journal_id_ASTM           PSFGEY 
_citation.country                   US 
_citation.journal_id_ISSN           0887-3585 
_citation.journal_id_CSD            0867 
_citation.book_publisher            ? 
_citation.pdbx_database_id_PubMed   21387408 
_citation.pdbx_database_id_DOI      10.1002/prot.22933 
# 
loop_
_citation_author.citation_id 
_citation_author.name 
_citation_author.ordinal 
_citation_author.identifier_ORCID 
primary 'Compton, J.R.' 1 ? 
primary 'Legler, P.M.'  2 ? 
primary 'Clingan, B.V.' 3 ? 
primary 'Olson, M.A.'   4 ? 
primary 'Millard, C.B.' 5 ? 
# 
loop_
_entity.id 
_entity.type 
_entity.src_method 
_entity.pdbx_description 
_entity.formula_weight 
_entity.pdbx_number_of_molecules 
_entity.pdbx_ec 
_entity.pdbx_mutation 
_entity.pdbx_fragment 
_entity.details 
1 polymer     man Ricin         21445.240 1  3.2.2.22 'V49C, E99C' ? ? 
2 non-polymer syn 'SULFATE ION' 96.063    1  ?        ?            ? ? 
3 water       nat water         18.015    76 ?        ?            ? ? 
# 
_entity_name_com.entity_id   1 
_entity_name_com.name        'Ricin A chain, rRNA N-glycosidase, Linker peptide, Ricin B chain' 
# 
_entity_poly.entity_id                      1 
_entity_poly.type                           'polypeptide(L)' 
_entity_poly.nstd_linkage                   no 
_entity_poly.nstd_monomer                   no 
_entity_poly.pdbx_seq_one_letter_code       
;MIFPKQYPIINFTTAGATVQSYTNFIRAVRGRLTVLPNRCGLPINQRFILVELSNHAELSVTLALDVTNAYVVGYRAGNS
AYFFHPDNQCDAEAITHLFTDVQNRYTFAFGGNYDRLEQLAGNLRENIELGNGPLEEAISALYYYSTGGTQLPTLARSFI
ICIQMISEAARFQYIEGEMRTRIRYNRRS
;
_entity_poly.pdbx_seq_one_letter_code_can   
;MIFPKQYPIINFTTAGATVQSYTNFIRAVRGRLTVLPNRCGLPINQRFILVELSNHAELSVTLALDVTNAYVVGYRAGNS
AYFFHPDNQCDAEAITHLFTDVQNRYTFAFGGNYDRLEQLAGNLRENIELGNGPLEEAISALYYYSTGGTQLPTLARSFI
ICIQMISEAARFQYIEGEMRTRIRYNRRS
;
_entity_poly.pdbx_strand_id                 A 
_entity_poly.pdbx_target_identifier         ? 
# 
loop_
_pdbx_entity_nonpoly.entity_id 
_pdbx_entity_nonpoly.name 
_pdbx_entity_nonpoly.comp_id 
2 'SULFATE ION' SO4 
3 water         HOH 
# 
loop_
_entity_poly_seq.entity_id 
_entity_poly_seq.num 
_entity_poly_seq.mon_id 
_entity_poly_seq.hetero 
1 1   MET n 
1 2   ILE n 
1 3   PHE n 
1 4   PRO n 
1 5   LYS n 
1 6   GLN n 
1 7   TYR n 
1 8   PRO n 
1 9   ILE n 
1 10  ILE n 
1 11  ASN n 
1 12  PHE n 
1 13  THR n 
1 14  THR n 
1 15  ALA n 
1 16  GLY n 
1 17  ALA n 
1 18  THR n 
1 19  VAL n 
1 20  GLN n 
1 21  SER n 
1 22  TYR n 
1 23  THR n 
1 24  ASN n 
1 25  PHE n 
1 26  ILE n 
1 27  ARG n 
1 28  ALA n 
1 29  VAL n 
1 30  ARG n 
1 31  GLY n 
1 32  ARG n 
1 33  LEU n 
1 34  THR n 
1 35  VAL n 
1 36  LEU n 
1 37  PRO n 
1 38  ASN n 
1 39  ARG n 
1 40  CYS n 
1 41  GLY n 
1 42  LEU n 
1 43  PRO n 
1 44  ILE n 
1 45  ASN n 
1 46  GLN n 
1 47  ARG n 
1 48  PHE n 
1 49  ILE n 
1 50  LEU n 
1 51  VAL n 
1 52  GLU n 
1 53  LEU n 
1 54  SER n 
1 55  ASN n 
1 56  HIS n 
1 57  ALA n 
1 58  GLU n 
1 59  LEU n 
1 60  SER n 
1 61  VAL n 
1 62  THR n 
1 63  LEU n 
1 64  ALA n 
1 65  LEU n 
1 66  ASP n 
1 67  VAL n 
1 68  THR n 
1 69  ASN n 
1 70  ALA n 
1 71  TYR n 
1 72  VAL n 
1 73  VAL n 
1 74  GLY n 
1 75  TYR n 
1 76  ARG n 
1 77  ALA n 
1 78  GLY n 
1 79  ASN n 
1 80  SER n 
1 81  ALA n 
1 82  TYR n 
1 83  PHE n 
1 84  PHE n 
1 85  HIS n 
1 86  PRO n 
1 87  ASP n 
1 88  ASN n 
1 89  GLN n 
1 90  CYS n 
1 91  ASP n 
1 92  ALA n 
1 93  GLU n 
1 94  ALA n 
1 95  ILE n 
1 96  THR n 
1 97  HIS n 
1 98  LEU n 
1 99  PHE n 
1 100 THR n 
1 101 ASP n 
1 102 VAL n 
1 103 GLN n 
1 104 ASN n 
1 105 ARG n 
1 106 TYR n 
1 107 THR n 
1 108 PHE n 
1 109 ALA n 
1 110 PHE n 
1 111 GLY n 
1 112 GLY n 
1 113 ASN n 
1 114 TYR n 
1 115 ASP n 
1 116 ARG n 
1 117 LEU n 
1 118 GLU n 
1 119 GLN n 
1 120 LEU n 
1 121 ALA n 
1 122 GLY n 
1 123 ASN n 
1 124 LEU n 
1 125 ARG n 
1 126 GLU n 
1 127 ASN n 
1 128 ILE n 
1 129 GLU n 
1 130 LEU n 
1 131 GLY n 
1 132 ASN n 
1 133 GLY n 
1 134 PRO n 
1 135 LEU n 
1 136 GLU n 
1 137 GLU n 
1 138 ALA n 
1 139 ILE n 
1 140 SER n 
1 141 ALA n 
1 142 LEU n 
1 143 TYR n 
1 144 TYR n 
1 145 TYR n 
1 146 SER n 
1 147 THR n 
1 148 GLY n 
1 149 GLY n 
1 150 THR n 
1 151 GLN n 
1 152 LEU n 
1 153 PRO n 
1 154 THR n 
1 155 LEU n 
1 156 ALA n 
1 157 ARG n 
1 158 SER n 
1 159 PHE n 
1 160 ILE n 
1 161 ILE n 
1 162 CYS n 
1 163 ILE n 
1 164 GLN n 
1 165 MET n 
1 166 ILE n 
1 167 SER n 
1 168 GLU n 
1 169 ALA n 
1 170 ALA n 
1 171 ARG n 
1 172 PHE n 
1 173 GLN n 
1 174 TYR n 
1 175 ILE n 
1 176 GLU n 
1 177 GLY n 
1 178 GLU n 
1 179 MET n 
1 180 ARG n 
1 181 THR n 
1 182 ARG n 
1 183 ILE n 
1 184 ARG n 
1 185 TYR n 
1 186 ASN n 
1 187 ARG n 
1 188 ARG n 
1 189 SER n 
# 
_entity_src_gen.entity_id                          1 
_entity_src_gen.pdbx_src_id                        1 
_entity_src_gen.pdbx_alt_source_flag               sample 
_entity_src_gen.pdbx_seq_type                      ? 
_entity_src_gen.pdbx_beg_seq_num                   ? 
_entity_src_gen.pdbx_end_seq_num                   ? 
_entity_src_gen.gene_src_common_name               'Castor bean' 
_entity_src_gen.gene_src_genus                     ? 
_entity_src_gen.pdbx_gene_src_gene                 ? 
_entity_src_gen.gene_src_species                   ? 
_entity_src_gen.gene_src_strain                    ? 
_entity_src_gen.gene_src_tissue                    ? 
_entity_src_gen.gene_src_tissue_fraction           ? 
_entity_src_gen.gene_src_details                   ? 
_entity_src_gen.pdbx_gene_src_fragment             ? 
_entity_src_gen.pdbx_gene_src_scientific_name      'Ricinus communis' 
_entity_src_gen.pdbx_gene_src_ncbi_taxonomy_id     3988 
_entity_src_gen.pdbx_gene_src_variant              ? 
_entity_src_gen.pdbx_gene_src_cell_line            ? 
_entity_src_gen.pdbx_gene_src_atcc                 ? 
_entity_src_gen.pdbx_gene_src_organ                ? 
_entity_src_gen.pdbx_gene_src_organelle            ? 
_entity_src_gen.pdbx_gene_src_cell                 ? 
_entity_src_gen.pdbx_gene_src_cellular_location    ? 
_entity_src_gen.host_org_common_name               ? 
_entity_src_gen.pdbx_host_org_scientific_name      'Escherichia coli' 
_entity_src_gen.pdbx_host_org_ncbi_taxonomy_id     469008 
_entity_src_gen.host_org_genus                     ? 
_entity_src_gen.pdbx_host_org_gene                 ? 
_entity_src_gen.pdbx_host_org_organ                ? 
_entity_src_gen.host_org_species                   ? 
_entity_src_gen.pdbx_host_org_tissue               ? 
_entity_src_gen.pdbx_host_org_tissue_fraction      ? 
_entity_src_gen.pdbx_host_org_strain               'BL-21(DE3)' 
_entity_src_gen.pdbx_host_org_variant              ? 
_entity_src_gen.pdbx_host_org_cell_line            ? 
_entity_src_gen.pdbx_host_org_atcc                 ? 
_entity_src_gen.pdbx_host_org_culture_collection   ? 
_entity_src_gen.pdbx_host_org_cell                 ? 
_entity_src_gen.pdbx_host_org_organelle            ? 
_entity_src_gen.pdbx_host_org_cellular_location    ? 
_entity_src_gen.pdbx_host_org_vector_type          ? 
_entity_src_gen.pdbx_host_org_vector               ? 
_entity_src_gen.host_org_details                   ? 
_entity_src_gen.expression_system_id               ? 
_entity_src_gen.plasmid_name                       ? 
_entity_src_gen.plasmid_details                    ? 
_entity_src_gen.pdbx_description                   ? 
# 
loop_
_chem_comp.id 
_chem_comp.type 
_chem_comp.mon_nstd_flag 
_chem_comp.name 
_chem_comp.pdbx_synonyms 
_chem_comp.formula 
_chem_comp.formula_weight 
ALA 'L-peptide linking' y ALANINE         ? 'C3 H7 N O2'     89.093  
ARG 'L-peptide linking' y ARGININE        ? 'C6 H15 N4 O2 1' 175.209 
ASN 'L-peptide linking' y ASPARAGINE      ? 'C4 H8 N2 O3'    132.118 
ASP 'L-peptide linking' y 'ASPARTIC ACID' ? 'C4 H7 N O4'     133.103 
CYS 'L-peptide linking' y CYSTEINE        ? 'C3 H7 N O2 S'   121.158 
GLN 'L-peptide linking' y GLUTAMINE       ? 'C5 H10 N2 O3'   146.144 
GLU 'L-peptide linking' y 'GLUTAMIC ACID' ? 'C5 H9 N O4'     147.129 
GLY 'peptide linking'   y GLYCINE         ? 'C2 H5 N O2'     75.067  
HIS 'L-peptide linking' y HISTIDINE       ? 'C6 H10 N3 O2 1' 156.162 
HOH non-polymer         . WATER           ? 'H2 O'           18.015  
ILE 'L-peptide linking' y ISOLEUCINE      ? 'C6 H13 N O2'    131.173 
LEU 'L-peptide linking' y LEUCINE         ? 'C6 H13 N O2'    131.173 
LYS 'L-peptide linking' y LYSINE          ? 'C6 H15 N2 O2 1' 147.195 
MET 'L-peptide linking' y METHIONINE      ? 'C5 H11 N O2 S'  149.211 
PHE 'L-peptide linking' y PHENYLALANINE   ? 'C9 H11 N O2'    165.189 
PRO 'L-peptide linking' y PROLINE         ? 'C5 H9 N O2'     115.130 
SER 'L-peptide linking' y SERINE          ? 'C3 H7 N O3'     105.093 
SO4 non-polymer         . 'SULFATE ION'   ? 'O4 S -2'        96.063  
THR 'L-peptide linking' y THREONINE       ? 'C4 H9 N O3'     119.119 
TYR 'L-peptide linking' y TYROSINE        ? 'C9 H11 N O3'    181.189 
VAL 'L-peptide linking' y VALINE          ? 'C5 H11 N O2'    117.146 
# 
loop_
_pdbx_poly_seq_scheme.asym_id 
_pdbx_poly_seq_scheme.entity_id 
_pdbx_poly_seq_scheme.seq_id 
_pdbx_poly_seq_scheme.mon_id 
_pdbx_poly_seq_scheme.ndb_seq_num 
_pdbx_poly_seq_scheme.pdb_seq_num 
_pdbx_poly_seq_scheme.auth_seq_num 
_pdbx_poly_seq_scheme.pdb_mon_id 
_pdbx_poly_seq_scheme.auth_mon_id 
_pdbx_poly_seq_scheme.pdb_strand_id 
_pdbx_poly_seq_scheme.pdb_ins_code 
_pdbx_poly_seq_scheme.hetero 
A 1 1   MET 1   0   ?   ?   ?   A . n 
A 1 2   ILE 2   1   ?   ?   ?   A . n 
A 1 3   PHE 3   2   ?   ?   ?   A . n 
A 1 4   PRO 4   3   ?   ?   ?   A . n 
A 1 5   LYS 5   4   ?   ?   ?   A . n 
A 1 6   GLN 6   5   ?   ?   ?   A . n 
A 1 7   TYR 7   6   6   TYR TYR A . n 
A 1 8   PRO 8   7   7   PRO PRO A . n 
A 1 9   ILE 9   8   8   ILE ILE A . n 
A 1 10  ILE 10  9   9   ILE ILE A . n 
A 1 11  ASN 11  10  10  ASN ASN A . n 
A 1 12  PHE 12  11  11  PHE PHE A . n 
A 1 13  THR 13  12  12  THR THR A . n 
A 1 14  THR 14  13  13  THR THR A . n 
A 1 15  ALA 15  14  14  ALA ALA A . n 
A 1 16  GLY 16  15  15  GLY GLY A . n 
A 1 17  ALA 17  16  16  ALA ALA A . n 
A 1 18  THR 18  17  17  THR THR A . n 
A 1 19  VAL 19  18  18  VAL VAL A . n 
A 1 20  GLN 20  19  19  GLN GLN A . n 
A 1 21  SER 21  20  20  SER SER A . n 
A 1 22  TYR 22  21  21  TYR TYR A . n 
A 1 23  THR 23  22  22  THR THR A . n 
A 1 24  ASN 24  23  23  ASN ASN A . n 
A 1 25  PHE 25  24  24  PHE PHE A . n 
A 1 26  ILE 26  25  25  ILE ILE A . n 
A 1 27  ARG 27  26  26  ARG ARG A . n 
A 1 28  ALA 28  27  27  ALA ALA A . n 
A 1 29  VAL 29  28  28  VAL VAL A . n 
A 1 30  ARG 30  29  29  ARG ARG A . n 
A 1 31  GLY 31  30  30  GLY GLY A . n 
A 1 32  ARG 32  31  31  ARG ARG A . n 
A 1 33  LEU 33  32  32  LEU LEU A . n 
A 1 34  THR 34  33  33  THR THR A . n 
A 1 35  VAL 35  44  44  VAL VAL A . n 
A 1 36  LEU 36  45  45  LEU LEU A . n 
A 1 37  PRO 37  46  46  PRO PRO A . n 
A 1 38  ASN 38  47  47  ASN ASN A . n 
A 1 39  ARG 39  48  48  ARG ARG A . n 
A 1 40  CYS 40  49  49  CYS CYS A . n 
A 1 41  GLY 41  50  50  GLY GLY A . n 
A 1 42  LEU 42  51  51  LEU LEU A . n 
A 1 43  PRO 43  52  52  PRO PRO A . n 
A 1 44  ILE 44  53  53  ILE ILE A . n 
A 1 45  ASN 45  54  54  ASN ASN A . n 
A 1 46  GLN 46  55  55  GLN GLN A . n 
A 1 47  ARG 47  56  56  ARG ARG A . n 
A 1 48  PHE 48  57  57  PHE PHE A . n 
A 1 49  ILE 49  58  58  ILE ILE A . n 
A 1 50  LEU 50  59  59  LEU LEU A . n 
A 1 51  VAL 51  60  60  VAL VAL A . n 
A 1 52  GLU 52  61  61  GLU GLU A . n 
A 1 53  LEU 53  62  62  LEU LEU A . n 
A 1 54  SER 54  63  63  SER SER A . n 
A 1 55  ASN 55  64  64  ASN ASN A . n 
A 1 56  HIS 56  65  65  HIS HIS A . n 
A 1 57  ALA 57  66  66  ALA ALA A . n 
A 1 58  GLU 58  67  67  GLU GLU A . n 
A 1 59  LEU 59  68  68  LEU LEU A . n 
A 1 60  SER 60  69  69  SER SER A . n 
A 1 61  VAL 61  70  70  VAL VAL A . n 
A 1 62  THR 62  71  71  THR THR A . n 
A 1 63  LEU 63  72  72  LEU LEU A . n 
A 1 64  ALA 64  73  73  ALA ALA A . n 
A 1 65  LEU 65  74  74  LEU LEU A . n 
A 1 66  ASP 66  75  75  ASP ASP A . n 
A 1 67  VAL 67  76  76  VAL VAL A . n 
A 1 68  THR 68  77  77  THR THR A . n 
A 1 69  ASN 69  78  78  ASN ASN A . n 
A 1 70  ALA 70  79  79  ALA ALA A . n 
A 1 71  TYR 71  80  80  TYR TYR A . n 
A 1 72  VAL 72  81  81  VAL VAL A . n 
A 1 73  VAL 73  82  82  VAL VAL A . n 
A 1 74  GLY 74  83  83  GLY GLY A . n 
A 1 75  TYR 75  84  84  TYR TYR A . n 
A 1 76  ARG 76  85  85  ARG ARG A . n 
A 1 77  ALA 77  86  86  ALA ALA A . n 
A 1 78  GLY 78  87  87  GLY GLY A . n 
A 1 79  ASN 79  88  88  ASN ASN A . n 
A 1 80  SER 80  89  89  SER SER A . n 
A 1 81  ALA 81  90  90  ALA ALA A . n 
A 1 82  TYR 82  91  91  TYR TYR A . n 
A 1 83  PHE 83  92  92  PHE PHE A . n 
A 1 84  PHE 84  93  93  PHE PHE A . n 
A 1 85  HIS 85  94  94  HIS HIS A . n 
A 1 86  PRO 86  95  95  PRO PRO A . n 
A 1 87  ASP 87  96  96  ASP ASP A . n 
A 1 88  ASN 88  97  97  ASN ASN A . n 
A 1 89  GLN 89  98  98  GLN GLN A . n 
A 1 90  CYS 90  99  99  CYS CYS A . n 
A 1 91  ASP 91  100 100 ASP ASP A . n 
A 1 92  ALA 92  101 101 ALA ALA A . n 
A 1 93  GLU 93  102 102 GLU GLU A . n 
A 1 94  ALA 94  103 103 ALA ALA A . n 
A 1 95  ILE 95  104 104 ILE ILE A . n 
A 1 96  THR 96  105 105 THR THR A . n 
A 1 97  HIS 97  106 106 HIS HIS A . n 
A 1 98  LEU 98  107 107 LEU LEU A . n 
A 1 99  PHE 99  108 108 PHE PHE A . n 
A 1 100 THR 100 109 109 THR THR A . n 
A 1 101 ASP 101 110 110 ASP ASP A . n 
A 1 102 VAL 102 111 111 VAL VAL A . n 
A 1 103 GLN 103 112 112 GLN GLN A . n 
A 1 104 ASN 104 113 113 ASN ASN A . n 
A 1 105 ARG 105 114 114 ARG ARG A . n 
A 1 106 TYR 106 115 115 TYR TYR A . n 
A 1 107 THR 107 116 116 THR THR A . n 
A 1 108 PHE 108 117 117 PHE PHE A . n 
A 1 109 ALA 109 118 118 ALA ALA A . n 
A 1 110 PHE 110 119 119 PHE PHE A . n 
A 1 111 GLY 111 120 120 GLY GLY A . n 
A 1 112 GLY 112 121 121 GLY GLY A . n 
A 1 113 ASN 113 122 122 ASN ASN A . n 
A 1 114 TYR 114 123 123 TYR TYR A . n 
A 1 115 ASP 115 124 124 ASP ASP A . n 
A 1 116 ARG 116 125 125 ARG ARG A . n 
A 1 117 LEU 117 126 126 LEU LEU A . n 
A 1 118 GLU 118 127 127 GLU GLU A . n 
A 1 119 GLN 119 128 128 GLN GLN A . n 
A 1 120 LEU 120 129 129 LEU LEU A . n 
A 1 121 ALA 121 130 130 ALA ALA A . n 
A 1 122 GLY 122 131 131 GLY GLY A . n 
A 1 123 ASN 123 132 132 ASN ASN A . n 
A 1 124 LEU 124 133 133 LEU LEU A . n 
A 1 125 ARG 125 134 134 ARG ARG A . n 
A 1 126 GLU 126 135 135 GLU GLU A . n 
A 1 127 ASN 127 136 136 ASN ASN A . n 
A 1 128 ILE 128 137 137 ILE ILE A . n 
A 1 129 GLU 129 138 138 GLU GLU A . n 
A 1 130 LEU 130 139 139 LEU LEU A . n 
A 1 131 GLY 131 140 140 GLY GLY A . n 
A 1 132 ASN 132 141 141 ASN ASN A . n 
A 1 133 GLY 133 142 142 GLY GLY A . n 
A 1 134 PRO 134 143 143 PRO PRO A . n 
A 1 135 LEU 135 144 144 LEU LEU A . n 
A 1 136 GLU 136 145 145 GLU GLU A . n 
A 1 137 GLU 137 146 146 GLU GLU A . n 
A 1 138 ALA 138 147 147 ALA ALA A . n 
A 1 139 ILE 139 148 148 ILE ILE A . n 
A 1 140 SER 140 149 149 SER SER A . n 
A 1 141 ALA 141 150 150 ALA ALA A . n 
A 1 142 LEU 142 151 151 LEU LEU A . n 
A 1 143 TYR 143 152 152 TYR TYR A . n 
A 1 144 TYR 144 153 153 TYR TYR A . n 
A 1 145 TYR 145 154 154 TYR TYR A . n 
A 1 146 SER 146 155 155 SER SER A . n 
A 1 147 THR 147 156 156 THR THR A . n 
A 1 148 GLY 148 157 157 GLY GLY A . n 
A 1 149 GLY 149 158 158 GLY GLY A . n 
A 1 150 THR 150 159 159 THR THR A . n 
A 1 151 GLN 151 160 160 GLN GLN A . n 
A 1 152 LEU 152 161 161 LEU LEU A . n 
A 1 153 PRO 153 162 162 PRO PRO A . n 
A 1 154 THR 154 163 163 THR THR A . n 
A 1 155 LEU 155 164 164 LEU LEU A . n 
A 1 156 ALA 156 165 165 ALA ALA A . n 
A 1 157 ARG 157 166 166 ARG ARG A . n 
A 1 158 SER 158 167 167 SER SER A . n 
A 1 159 PHE 159 168 168 PHE PHE A . n 
A 1 160 ILE 160 169 169 ILE ILE A . n 
A 1 161 ILE 161 170 170 ILE ILE A . n 
A 1 162 CYS 162 171 171 CYS CYS A . n 
A 1 163 ILE 163 172 172 ILE ILE A . n 
A 1 164 GLN 164 173 173 GLN GLN A . n 
A 1 165 MET 165 174 174 MET MET A . n 
A 1 166 ILE 166 175 175 ILE ILE A . n 
A 1 167 SER 167 176 176 SER SER A . n 
A 1 168 GLU 168 177 177 GLU GLU A . n 
A 1 169 ALA 169 178 178 ALA ALA A . n 
A 1 170 ALA 170 179 179 ALA ALA A . n 
A 1 171 ARG 171 180 180 ARG ARG A . n 
A 1 172 PHE 172 181 181 PHE PHE A . n 
A 1 173 GLN 173 182 182 GLN GLN A . n 
A 1 174 TYR 174 183 183 TYR TYR A . n 
A 1 175 ILE 175 184 184 ILE ILE A . n 
A 1 176 GLU 176 185 185 GLU GLU A . n 
A 1 177 GLY 177 186 186 GLY GLY A . n 
A 1 178 GLU 178 187 187 GLU GLU A . n 
A 1 179 MET 179 188 188 MET MET A . n 
A 1 180 ARG 180 189 ?   ?   ?   A . n 
A 1 181 THR 181 190 ?   ?   ?   A . n 
A 1 182 ARG 182 191 ?   ?   ?   A . n 
A 1 183 ILE 183 192 ?   ?   ?   A . n 
A 1 184 ARG 184 193 ?   ?   ?   A . n 
A 1 185 TYR 185 194 ?   ?   ?   A . n 
A 1 186 ASN 186 195 ?   ?   ?   A . n 
A 1 187 ARG 187 196 ?   ?   ?   A . n 
A 1 188 ARG 188 197 ?   ?   ?   A . n 
A 1 189 SER 189 198 ?   ?   ?   A . n 
# 
loop_
_pdbx_nonpoly_scheme.asym_id 
_pdbx_nonpoly_scheme.entity_id 
_pdbx_nonpoly_scheme.mon_id 
_pdbx_nonpoly_scheme.ndb_seq_num 
_pdbx_nonpoly_scheme.pdb_seq_num 
_pdbx_nonpoly_scheme.auth_seq_num 
_pdbx_nonpoly_scheme.pdb_mon_id 
_pdbx_nonpoly_scheme.auth_mon_id 
_pdbx_nonpoly_scheme.pdb_strand_id 
_pdbx_nonpoly_scheme.pdb_ins_code 
B 2 SO4 1  999 999 SO4 SO4 A . 
C 3 HOH 1  34  34  HOH HOH A . 
C 3 HOH 2  35  35  HOH HOH A . 
C 3 HOH 3  36  36  HOH HOH A . 
C 3 HOH 4  37  37  HOH HOH A . 
C 3 HOH 5  39  39  HOH HOH A . 
C 3 HOH 6  41  41  HOH HOH A . 
C 3 HOH 7  43  43  HOH HOH A . 
C 3 HOH 8  199 1   HOH HOH A . 
C 3 HOH 9  200 2   HOH HOH A . 
C 3 HOH 10 201 3   HOH HOH A . 
C 3 HOH 11 202 4   HOH HOH A . 
C 3 HOH 12 203 5   HOH HOH A . 
C 3 HOH 13 204 6   HOH HOH A . 
C 3 HOH 14 205 7   HOH HOH A . 
C 3 HOH 15 206 8   HOH HOH A . 
C 3 HOH 16 207 9   HOH HOH A . 
C 3 HOH 17 208 10  HOH HOH A . 
C 3 HOH 18 209 11  HOH HOH A . 
C 3 HOH 19 210 12  HOH HOH A . 
C 3 HOH 20 211 14  HOH HOH A . 
C 3 HOH 21 212 15  HOH HOH A . 
C 3 HOH 22 213 16  HOH HOH A . 
C 3 HOH 23 214 17  HOH HOH A . 
C 3 HOH 24 215 18  HOH HOH A . 
C 3 HOH 25 216 19  HOH HOH A . 
C 3 HOH 26 217 20  HOH HOH A . 
C 3 HOH 27 218 21  HOH HOH A . 
C 3 HOH 28 219 22  HOH HOH A . 
C 3 HOH 29 220 23  HOH HOH A . 
C 3 HOH 30 221 24  HOH HOH A . 
C 3 HOH 31 222 27  HOH HOH A . 
C 3 HOH 32 223 28  HOH HOH A . 
C 3 HOH 33 224 29  HOH HOH A . 
C 3 HOH 34 225 30  HOH HOH A . 
C 3 HOH 35 226 31  HOH HOH A . 
C 3 HOH 36 227 33  HOH HOH A . 
C 3 HOH 37 228 46  HOH HOH A . 
C 3 HOH 38 229 47  HOH HOH A . 
C 3 HOH 39 230 48  HOH HOH A . 
C 3 HOH 40 231 49  HOH HOH A . 
C 3 HOH 41 232 50  HOH HOH A . 
C 3 HOH 42 233 51  HOH HOH A . 
C 3 HOH 43 234 53  HOH HOH A . 
C 3 HOH 44 235 55  HOH HOH A . 
C 3 HOH 45 236 56  HOH HOH A . 
C 3 HOH 46 237 60  HOH HOH A . 
C 3 HOH 47 238 63  HOH HOH A . 
C 3 HOH 48 239 64  HOH HOH A . 
C 3 HOH 49 240 65  HOH HOH A . 
C 3 HOH 50 241 67  HOH HOH A . 
C 3 HOH 51 242 68  HOH HOH A . 
C 3 HOH 52 243 69  HOH HOH A . 
C 3 HOH 53 244 70  HOH HOH A . 
C 3 HOH 54 245 71  HOH HOH A . 
C 3 HOH 55 246 72  HOH HOH A . 
C 3 HOH 56 247 73  HOH HOH A . 
C 3 HOH 57 248 74  HOH HOH A . 
C 3 HOH 58 249 75  HOH HOH A . 
C 3 HOH 59 250 76  HOH HOH A . 
C 3 HOH 60 251 77  HOH HOH A . 
C 3 HOH 61 252 79  HOH HOH A . 
C 3 HOH 62 253 80  HOH HOH A . 
C 3 HOH 63 254 81  HOH HOH A . 
C 3 HOH 64 255 82  HOH HOH A . 
C 3 HOH 65 256 83  HOH HOH A . 
C 3 HOH 66 257 84  HOH HOH A . 
C 3 HOH 67 258 85  HOH HOH A . 
C 3 HOH 68 259 91  HOH HOH A . 
C 3 HOH 69 260 92  HOH HOH A . 
C 3 HOH 70 261 93  HOH HOH A . 
C 3 HOH 71 262 94  HOH HOH A . 
C 3 HOH 72 263 95  HOH HOH A . 
C 3 HOH 73 264 96  HOH HOH A . 
C 3 HOH 74 265 97  HOH HOH A . 
C 3 HOH 75 266 98  HOH HOH A . 
C 3 HOH 76 267 99  HOH HOH A . 
# 
loop_
_software.name 
_software.classification 
_software.version 
_software.citation_id 
_software.pdbx_ordinal 
REFMAC         refinement        5.2.0019 ? 1 
AMoRE          phasing           .        ? 2 
CNS            refinement        1.1      ? 3 
SAINT          'data reduction'  .        ? 4 
SADABS         'data scaling'    .        ? 5 
'PROTEUM PLUS' 'data collection' PLUS     ? 6 
# 
_cell.entry_id           3MK9 
_cell.length_a           51.744 
_cell.length_b           72.767 
_cell.length_c           96.382 
_cell.angle_alpha        90.00 
_cell.angle_beta         90.00 
_cell.angle_gamma        90.00 
_cell.Z_PDB              8 
_cell.pdbx_unique_axis   ? 
_cell.length_a_esd       ? 
_cell.length_b_esd       ? 
_cell.length_c_esd       ? 
_cell.angle_alpha_esd    ? 
_cell.angle_beta_esd     ? 
_cell.angle_gamma_esd    ? 
# 
_symmetry.entry_id                         3MK9 
_symmetry.space_group_name_H-M             'I 2 2 2' 
_symmetry.pdbx_full_space_group_name_H-M   ? 
_symmetry.cell_setting                     ? 
_symmetry.Int_Tables_number                23 
_symmetry.space_group_name_Hall            ? 
# 
_exptl.entry_id          3MK9 
_exptl.method            'X-RAY DIFFRACTION' 
_exptl.crystals_number   1 
# 
_exptl_crystal.id                    1 
_exptl_crystal.density_meas          ? 
_exptl_crystal.density_Matthews      2.12 
_exptl_crystal.density_percent_sol   41.85 
_exptl_crystal.description           ? 
_exptl_crystal.F_000                 ? 
_exptl_crystal.preparation           ? 
# 
_exptl_crystal_grow.crystal_id      1 
_exptl_crystal_grow.method          'VAPOR DIFFUSION, HANGING DROP' 
_exptl_crystal_grow.temp            290 
_exptl_crystal_grow.temp_details    ? 
_exptl_crystal_grow.pH              6.4 
_exptl_crystal_grow.pdbx_pH_range   ? 
_exptl_crystal_grow.pdbx_details    
;Protein Buffer: 50mM MES pH 6.4, 200mM NaCl, 2mM BME, Crystallization Solution: 0.17M Ammonium Sulfate, 25.5% w/v PEG 4000, 15% v/v Glycerol , VAPOR DIFFUSION, HANGING DROP, temperature 290K
;
# 
_diffrn.id                     1 
_diffrn.ambient_temp           100 
_diffrn.ambient_temp_details   ? 
_diffrn.crystal_id             1 
# 
_diffrn_detector.diffrn_id              1 
_diffrn_detector.detector               CCD 
_diffrn_detector.type                   'BRUKER SMART 6000' 
_diffrn_detector.pdbx_collection_date   2010-02-21 
_diffrn_detector.details                ? 
# 
_diffrn_radiation.diffrn_id                        1 
_diffrn_radiation.wavelength_id                    1 
_diffrn_radiation.pdbx_monochromatic_or_laue_m_l   M 
_diffrn_radiation.monochromator                    ? 
_diffrn_radiation.pdbx_diffrn_protocol             'SINGLE WAVELENGTH' 
_diffrn_radiation.pdbx_scattering_type             x-ray 
# 
_diffrn_radiation_wavelength.id           1 
_diffrn_radiation_wavelength.wavelength   1.54 
_diffrn_radiation_wavelength.wt           1.0 
# 
_diffrn_source.diffrn_id                   1 
_diffrn_source.source                      'ROTATING ANODE' 
_diffrn_source.type                        'BRUKER AXS MICROSTAR' 
_diffrn_source.pdbx_synchrotron_site       ? 
_diffrn_source.pdbx_synchrotron_beamline   ? 
_diffrn_source.pdbx_wavelength             ? 
_diffrn_source.pdbx_wavelength_list        1.54 
# 
_reflns.entry_id                     3MK9 
_reflns.observed_criterion_sigma_I   3.0 
_reflns.observed_criterion_sigma_F   3.0 
_reflns.d_resolution_low             58.07 
_reflns.d_resolution_high            2.08 
_reflns.number_obs                   10903 
_reflns.number_all                   11284 
_reflns.percent_possible_obs         96.6 
_reflns.pdbx_Rmerge_I_obs            ? 
_reflns.pdbx_Rsym_value              0.054 
_reflns.pdbx_netI_over_sigmaI        20.18 
_reflns.B_iso_Wilson_estimate        ? 
_reflns.pdbx_redundancy              9.61 
_reflns.R_free_details               ? 
_reflns.limit_h_max                  ? 
_reflns.limit_h_min                  ? 
_reflns.limit_k_max                  ? 
_reflns.limit_k_min                  ? 
_reflns.limit_l_max                  ? 
_reflns.limit_l_min                  ? 
_reflns.observed_criterion_F_max     ? 
_reflns.observed_criterion_F_min     ? 
_reflns.pdbx_chi_squared             ? 
_reflns.pdbx_scaling_rejects         ? 
_reflns.pdbx_ordinal                 1 
_reflns.pdbx_diffrn_id               1 
# 
_reflns_shell.d_res_high             2.08 
_reflns_shell.d_res_low              2.17 
_reflns_shell.percent_possible_all   77.1 
_reflns_shell.Rmerge_I_obs           ? 
_reflns_shell.pdbx_Rsym_value        ? 
_reflns_shell.meanI_over_sigI_obs    3.88 
_reflns_shell.pdbx_redundancy        3.01 
_reflns_shell.percent_possible_obs   ? 
_reflns_shell.number_unique_all      ? 
_reflns_shell.number_measured_all    ? 
_reflns_shell.number_measured_obs    ? 
_reflns_shell.number_unique_obs      ? 
_reflns_shell.pdbx_chi_squared       ? 
_reflns_shell.pdbx_ordinal           1 
_reflns_shell.pdbx_diffrn_id         1 
# 
_refine.pdbx_refine_id                           'X-RAY DIFFRACTION' 
_refine.entry_id                                 3MK9 
_refine.ls_number_reflns_obs                     10377 
_refine.ls_number_reflns_all                     11284 
_refine.pdbx_ls_sigma_I                          ? 
_refine.pdbx_ls_sigma_F                          . 
_refine.pdbx_data_cutoff_high_absF               ? 
_refine.pdbx_data_cutoff_low_absF                ? 
_refine.pdbx_data_cutoff_high_rms_absF           ? 
_refine.ls_d_res_low                             58.03 
_refine.ls_d_res_high                            2.08 
_refine.ls_percent_reflns_obs                    96.59 
_refine.ls_R_factor_obs                          0.21108 
_refine.ls_R_factor_all                          ? 
_refine.ls_R_factor_R_work                       0.20991 
_refine.ls_R_factor_R_free                       0.23603 
_refine.ls_R_factor_R_free_error                 ? 
_refine.ls_R_factor_R_free_error_details         ? 
_refine.ls_percent_reflns_R_free                 4.8 
_refine.ls_number_reflns_R_free                  520 
_refine.ls_number_parameters                     ? 
_refine.ls_number_restraints                     ? 
_refine.occupancy_min                            ? 
_refine.occupancy_max                            ? 
_refine.correlation_coeff_Fo_to_Fc               0.926 
_refine.correlation_coeff_Fo_to_Fc_free          0.916 
_refine.B_iso_mean                               22.692 
_refine.aniso_B[1][1]                            -0.97 
_refine.aniso_B[2][2]                            -0.65 
_refine.aniso_B[3][3]                            1.62 
_refine.aniso_B[1][2]                            0.00 
_refine.aniso_B[1][3]                            0.00 
_refine.aniso_B[2][3]                            0.00 
_refine.solvent_model_details                    MASK 
_refine.solvent_model_param_ksol                 ? 
_refine.solvent_model_param_bsol                 ? 
_refine.pdbx_solvent_vdw_probe_radii             1.20 
_refine.pdbx_solvent_ion_probe_radii             0.80 
_refine.pdbx_solvent_shrinkage_radii             0.80 
_refine.pdbx_ls_cross_valid_method               THROUGHOUT 
_refine.details                                  'HYDROGENS HAVE BEEN ADDED IN THE RIDING POSITIONS' 
_refine.pdbx_starting_model                      'PDB ENTRY 1IFS' 
_refine.pdbx_method_to_determine_struct          'MOLECULAR REPLACEMENT' 
_refine.pdbx_isotropic_thermal_model             ? 
_refine.pdbx_stereochemistry_target_values       'MAXIMUM LIKELIHOOD' 
_refine.pdbx_stereochem_target_val_spec_case     ? 
_refine.pdbx_R_Free_selection_details            RANDOM 
_refine.pdbx_overall_ESU_R                       0.252 
_refine.pdbx_overall_ESU_R_Free                  0.188 
_refine.overall_SU_ML                            ? 
_refine.pdbx_overall_phase_error                 ? 
_refine.overall_SU_B                             ? 
_refine.overall_SU_R_Cruickshank_DPI             ? 
_refine.pdbx_overall_SU_R_free_Cruickshank_DPI   ? 
_refine.pdbx_overall_SU_R_Blow_DPI               ? 
_refine.pdbx_overall_SU_R_free_Blow_DPI          ? 
_refine.ls_redundancy_reflns_obs                 ? 
_refine.B_iso_min                                ? 
_refine.B_iso_max                                ? 
_refine.overall_SU_R_free                        ? 
_refine.ls_wR_factor_R_free                      ? 
_refine.ls_wR_factor_R_work                      ? 
_refine.overall_FOM_free_R_set                   ? 
_refine.overall_FOM_work_R_set                   ? 
_refine.pdbx_diffrn_id                           1 
_refine.pdbx_TLS_residual_ADP_flag               ? 
# 
_refine_hist.pdbx_refine_id                   'X-RAY DIFFRACTION' 
_refine_hist.cycle_id                         LAST 
_refine_hist.pdbx_number_atoms_protein        1363 
_refine_hist.pdbx_number_atoms_nucleic_acid   0 
_refine_hist.pdbx_number_atoms_ligand         5 
_refine_hist.number_atoms_solvent             76 
_refine_hist.number_atoms_total               1444 
_refine_hist.d_res_high                       2.08 
_refine_hist.d_res_low                        58.03 
# 
loop_
_refine_ls_restr.type 
_refine_ls_restr.dev_ideal 
_refine_ls_restr.dev_ideal_target 
_refine_ls_restr.weight 
_refine_ls_restr.number 
_refine_ls_restr.pdbx_refine_id 
_refine_ls_restr.pdbx_restraint_function 
r_bond_refined_d             0.006  0.022  ? 1396 'X-RAY DIFFRACTION' ? 
r_bond_other_d               ?      ?      ? ?    'X-RAY DIFFRACTION' ? 
r_angle_refined_deg          1.111  1.948  ? 1899 'X-RAY DIFFRACTION' ? 
r_angle_other_deg            ?      ?      ? ?    'X-RAY DIFFRACTION' ? 
r_dihedral_angle_1_deg       0.972  5.000  ? 171  'X-RAY DIFFRACTION' ? 
r_dihedral_angle_2_deg       39.050 23.611 ? 72   'X-RAY DIFFRACTION' ? 
r_dihedral_angle_3_deg       14.752 15.000 ? 212  'X-RAY DIFFRACTION' ? 
r_dihedral_angle_4_deg       20.198 15.000 ? 11   'X-RAY DIFFRACTION' ? 
r_chiral_restr               0.086  0.200  ? 212  'X-RAY DIFFRACTION' ? 
r_gen_planes_refined         0.007  0.020  ? 1087 'X-RAY DIFFRACTION' ? 
r_gen_planes_other           ?      ?      ? ?    'X-RAY DIFFRACTION' ? 
r_nbd_refined                0.267  0.200  ? 621  'X-RAY DIFFRACTION' ? 
r_nbd_other                  ?      ?      ? ?    'X-RAY DIFFRACTION' ? 
r_nbtor_refined              0.325  0.200  ? 996  'X-RAY DIFFRACTION' ? 
r_nbtor_other                ?      ?      ? ?    'X-RAY DIFFRACTION' ? 
r_xyhbond_nbd_refined        0.155  0.200  ? 59   'X-RAY DIFFRACTION' ? 
r_xyhbond_nbd_other          ?      ?      ? ?    'X-RAY DIFFRACTION' ? 
r_metal_ion_refined          ?      ?      ? ?    'X-RAY DIFFRACTION' ? 
r_metal_ion_other            ?      ?      ? ?    'X-RAY DIFFRACTION' ? 
r_symmetry_vdw_refined       0.309  0.200  ? 51   'X-RAY DIFFRACTION' ? 
r_symmetry_vdw_other         ?      ?      ? ?    'X-RAY DIFFRACTION' ? 
r_symmetry_hbond_refined     0.154  0.200  ? 7    'X-RAY DIFFRACTION' ? 
r_symmetry_hbond_other       ?      ?      ? ?    'X-RAY DIFFRACTION' ? 
r_symmetry_metal_ion_refined ?      ?      ? ?    'X-RAY DIFFRACTION' ? 
r_symmetry_metal_ion_other   ?      ?      ? ?    'X-RAY DIFFRACTION' ? 
r_mcbond_it                  1.257  1.500  ? 856  'X-RAY DIFFRACTION' ? 
r_mcbond_other               ?      ?      ? ?    'X-RAY DIFFRACTION' ? 
r_mcangle_it                 2.277  2.000  ? 1375 'X-RAY DIFFRACTION' ? 
r_scbond_it                  3.253  3.000  ? 540  'X-RAY DIFFRACTION' ? 
r_scangle_it                 5.365  4.500  ? 524  'X-RAY DIFFRACTION' ? 
r_rigid_bond_restr           ?      ?      ? ?    'X-RAY DIFFRACTION' ? 
r_sphericity_free            ?      ?      ? ?    'X-RAY DIFFRACTION' ? 
r_sphericity_bonded          ?      ?      ? ?    'X-RAY DIFFRACTION' ? 
# 
_refine_ls_shell.pdbx_refine_id                   'X-RAY DIFFRACTION' 
_refine_ls_shell.pdbx_total_number_of_bins_used   20 
_refine_ls_shell.d_res_high                       2.080 
_refine_ls_shell.d_res_low                        2.134 
_refine_ls_shell.number_reflns_R_work             579 
_refine_ls_shell.R_factor_R_work                  0.263 
_refine_ls_shell.percent_reflns_obs               74.21 
_refine_ls_shell.R_factor_R_free                  0.223 
_refine_ls_shell.R_factor_R_free_error            ? 
_refine_ls_shell.percent_reflns_R_free            ? 
_refine_ls_shell.number_reflns_R_free             31 
_refine_ls_shell.number_reflns_all                ? 
_refine_ls_shell.R_factor_all                     ? 
_refine_ls_shell.redundancy_reflns_obs            ? 
_refine_ls_shell.number_reflns_obs                ? 
# 
_struct.entry_id                  3MK9 
_struct.title                     'Stabilized Ricin Immunogen 1-33/44-198' 
_struct.pdbx_model_details        ? 
_struct.pdbx_CASP_flag            ? 
_struct.pdbx_model_type_details   ? 
# 
_struct_keywords.entry_id        3MK9 
_struct_keywords.pdbx_keywords   HYDROLASE 
_struct_keywords.text            
'disulfide bond, HYDROLASE, NUCLEOTIDE-BINDING, PLANT DEFENSE, PROTEIN SYNTHESIS INHIBITOR, TOXIN, IMMUNOGEN' 
# 
loop_
_struct_asym.id 
_struct_asym.pdbx_blank_PDB_chainid_flag 
_struct_asym.pdbx_modified 
_struct_asym.entity_id 
_struct_asym.details 
A N N 1 ? 
B N N 2 ? 
C N N 3 ? 
# 
_struct_ref.id                         1 
_struct_ref.db_name                    UNP 
_struct_ref.db_code                    RICI_RICCO 
_struct_ref.pdbx_db_accession          P02879 
_struct_ref.entity_id                  1 
_struct_ref.pdbx_seq_one_letter_code   
;IFPKQYPIINFTTAGATVQSYTNFIRAVRGRLTTGADVRHEIPVLPNRVGLPINQRFILVELSNHAELSVTLALDVTNAY
VVGYRAGNSAYFFHPDNQEDAEAITHLFTDVQNRYTFAFGGNYDRLEQLAGNLRENIELGNGPLEEAISALYYYSTGGTQ
LPTLARSFIICIQMISEAARFQYIEGEMRTRIRYNRRS
;
_struct_ref.pdbx_align_begin           36 
_struct_ref.pdbx_db_isoform            ? 
# 
_struct_ref_seq.align_id                      1 
_struct_ref_seq.ref_id                        1 
_struct_ref_seq.pdbx_PDB_id_code              3MK9 
_struct_ref_seq.pdbx_strand_id                A 
_struct_ref_seq.seq_align_beg                 2 
_struct_ref_seq.pdbx_seq_align_beg_ins_code   ? 
_struct_ref_seq.seq_align_end                 189 
_struct_ref_seq.pdbx_seq_align_end_ins_code   ? 
_struct_ref_seq.pdbx_db_accession             P02879 
_struct_ref_seq.db_align_beg                  36 
_struct_ref_seq.pdbx_db_align_beg_ins_code    ? 
_struct_ref_seq.db_align_end                  233 
_struct_ref_seq.pdbx_db_align_end_ins_code    ? 
_struct_ref_seq.pdbx_auth_seq_align_beg       1 
_struct_ref_seq.pdbx_auth_seq_align_end       198 
# 
loop_
_struct_ref_seq_dif.align_id 
_struct_ref_seq_dif.pdbx_pdb_id_code 
_struct_ref_seq_dif.mon_id 
_struct_ref_seq_dif.pdbx_pdb_strand_id 
_struct_ref_seq_dif.seq_num 
_struct_ref_seq_dif.pdbx_pdb_ins_code 
_struct_ref_seq_dif.pdbx_seq_db_name 
_struct_ref_seq_dif.pdbx_seq_db_accession_code 
_struct_ref_seq_dif.db_mon_id 
_struct_ref_seq_dif.pdbx_seq_db_seq_num 
_struct_ref_seq_dif.details 
_struct_ref_seq_dif.pdbx_auth_seq_num 
_struct_ref_seq_dif.pdbx_ordinal 
1 3MK9 MET A 1  ? UNP P02879 ?   ?   'initiating methionine' 0  1  
1 3MK9 ?   A ?  ? UNP P02879 THR 69  deletion                ?  2  
1 3MK9 ?   A ?  ? UNP P02879 GLY 70  deletion                ?  3  
1 3MK9 ?   A ?  ? UNP P02879 ALA 71  deletion                ?  4  
1 3MK9 ?   A ?  ? UNP P02879 ASP 72  deletion                ?  5  
1 3MK9 ?   A ?  ? UNP P02879 VAL 73  deletion                ?  6  
1 3MK9 ?   A ?  ? UNP P02879 ARG 74  deletion                ?  7  
1 3MK9 ?   A ?  ? UNP P02879 HIS 75  deletion                ?  8  
1 3MK9 ?   A ?  ? UNP P02879 GLU 76  deletion                ?  9  
1 3MK9 ?   A ?  ? UNP P02879 ILE 77  deletion                ?  10 
1 3MK9 ?   A ?  ? UNP P02879 PRO 78  deletion                ?  11 
1 3MK9 CYS A 40 ? UNP P02879 VAL 84  'engineered mutation'   49 12 
1 3MK9 CYS A 90 ? UNP P02879 GLU 134 'engineered mutation'   99 13 
# 
_pdbx_struct_assembly.id                   1 
_pdbx_struct_assembly.details              author_and_software_defined_assembly 
_pdbx_struct_assembly.method_details       PISA 
_pdbx_struct_assembly.oligomeric_details   monomeric 
_pdbx_struct_assembly.oligomeric_count     1 
# 
_pdbx_struct_assembly_gen.assembly_id       1 
_pdbx_struct_assembly_gen.oper_expression   1 
_pdbx_struct_assembly_gen.asym_id_list      A,B,C 
# 
_pdbx_struct_oper_list.id                   1 
_pdbx_struct_oper_list.type                 'identity operation' 
_pdbx_struct_oper_list.name                 1_555 
_pdbx_struct_oper_list.symmetry_operation   x,y,z 
_pdbx_struct_oper_list.matrix[1][1]         1.0000000000 
_pdbx_struct_oper_list.matrix[1][2]         0.0000000000 
_pdbx_struct_oper_list.matrix[1][3]         0.0000000000 
_pdbx_struct_oper_list.vector[1]            0.0000000000 
_pdbx_struct_oper_list.matrix[2][1]         0.0000000000 
_pdbx_struct_oper_list.matrix[2][2]         1.0000000000 
_pdbx_struct_oper_list.matrix[2][3]         0.0000000000 
_pdbx_struct_oper_list.vector[2]            0.0000000000 
_pdbx_struct_oper_list.matrix[3][1]         0.0000000000 
_pdbx_struct_oper_list.matrix[3][2]         0.0000000000 
_pdbx_struct_oper_list.matrix[3][3]         1.0000000000 
_pdbx_struct_oper_list.vector[3]            0.0000000000 
# 
_struct_biol.id        1 
_struct_biol.details   ? 
# 
loop_
_struct_conf.conf_type_id 
_struct_conf.id 
_struct_conf.pdbx_PDB_helix_id 
_struct_conf.beg_label_comp_id 
_struct_conf.beg_label_asym_id 
_struct_conf.beg_label_seq_id 
_struct_conf.pdbx_beg_PDB_ins_code 
_struct_conf.end_label_comp_id 
_struct_conf.end_label_asym_id 
_struct_conf.end_label_seq_id 
_struct_conf.pdbx_end_PDB_ins_code 
_struct_conf.beg_auth_comp_id 
_struct_conf.beg_auth_asym_id 
_struct_conf.beg_auth_seq_id 
_struct_conf.end_auth_comp_id 
_struct_conf.end_auth_asym_id 
_struct_conf.end_auth_seq_id 
_struct_conf.pdbx_PDB_helix_class 
_struct_conf.details 
_struct_conf.pdbx_PDB_helix_length 
HELX_P HELX_P1 1 THR A 18  ? GLY A 31  ? THR A 17  GLY A 30  1 ? 14 
HELX_P HELX_P2 2 PRO A 43  ? GLN A 46  ? PRO A 52  GLN A 55  5 ? 4  
HELX_P HELX_P3 3 ASN A 88  ? ILE A 95  ? ASN A 97  ILE A 104 1 ? 8  
HELX_P HELX_P4 4 THR A 96  ? LEU A 98  ? THR A 105 LEU A 107 5 ? 3  
HELX_P HELX_P5 5 ASN A 113 ? GLY A 122 ? ASN A 122 GLY A 131 1 ? 10 
HELX_P HELX_P6 6 GLY A 131 ? SER A 146 ? GLY A 140 SER A 155 1 ? 16 
HELX_P HELX_P7 7 GLN A 151 ? ILE A 166 ? GLN A 160 ILE A 175 1 ? 16 
HELX_P HELX_P8 8 ILE A 166 ? GLU A 178 ? ILE A 175 GLU A 187 1 ? 13 
# 
_struct_conf_type.id          HELX_P 
_struct_conf_type.criteria    ? 
_struct_conf_type.reference   ? 
# 
_struct_conn.id                            disulf1 
_struct_conn.conn_type_id                  disulf 
_struct_conn.pdbx_leaving_atom_flag        ? 
_struct_conn.pdbx_PDB_id                   ? 
_struct_conn.ptnr1_label_asym_id           A 
_struct_conn.ptnr1_label_comp_id           CYS 
_struct_conn.ptnr1_label_seq_id            40 
_struct_conn.ptnr1_label_atom_id           SG 
_struct_conn.pdbx_ptnr1_label_alt_id       ? 
_struct_conn.pdbx_ptnr1_PDB_ins_code       ? 
_struct_conn.pdbx_ptnr1_standard_comp_id   ? 
_struct_conn.ptnr1_symmetry                1_555 
_struct_conn.ptnr2_label_asym_id           A 
_struct_conn.ptnr2_label_comp_id           CYS 
_struct_conn.ptnr2_label_seq_id            90 
_struct_conn.ptnr2_label_atom_id           SG 
_struct_conn.pdbx_ptnr2_label_alt_id       ? 
_struct_conn.pdbx_ptnr2_PDB_ins_code       ? 
_struct_conn.ptnr1_auth_asym_id            A 
_struct_conn.ptnr1_auth_comp_id            CYS 
_struct_conn.ptnr1_auth_seq_id             49 
_struct_conn.ptnr2_auth_asym_id            A 
_struct_conn.ptnr2_auth_comp_id            CYS 
_struct_conn.ptnr2_auth_seq_id             99 
_struct_conn.ptnr2_symmetry                1_555 
_struct_conn.pdbx_ptnr3_label_atom_id      ? 
_struct_conn.pdbx_ptnr3_label_seq_id       ? 
_struct_conn.pdbx_ptnr3_label_comp_id      ? 
_struct_conn.pdbx_ptnr3_label_asym_id      ? 
_struct_conn.pdbx_ptnr3_label_alt_id       ? 
_struct_conn.pdbx_ptnr3_PDB_ins_code       ? 
_struct_conn.details                       ? 
_struct_conn.pdbx_dist_value               2.033 
_struct_conn.pdbx_value_order              ? 
_struct_conn.pdbx_role                     ? 
# 
_struct_conn_type.id          disulf 
_struct_conn_type.criteria    ? 
_struct_conn_type.reference   ? 
# 
_pdbx_modification_feature.ordinal                            1 
_pdbx_modification_feature.label_comp_id                      CYS 
_pdbx_modification_feature.label_asym_id                      A 
_pdbx_modification_feature.label_seq_id                       40 
_pdbx_modification_feature.label_alt_id                       ? 
_pdbx_modification_feature.modified_residue_label_comp_id     CYS 
_pdbx_modification_feature.modified_residue_label_asym_id     A 
_pdbx_modification_feature.modified_residue_label_seq_id      90 
_pdbx_modification_feature.modified_residue_label_alt_id      ? 
_pdbx_modification_feature.auth_comp_id                       CYS 
_pdbx_modification_feature.auth_asym_id                       A 
_pdbx_modification_feature.auth_seq_id                        49 
_pdbx_modification_feature.PDB_ins_code                       ? 
_pdbx_modification_feature.symmetry                           1_555 
_pdbx_modification_feature.modified_residue_auth_comp_id      CYS 
_pdbx_modification_feature.modified_residue_auth_asym_id      A 
_pdbx_modification_feature.modified_residue_auth_seq_id       99 
_pdbx_modification_feature.modified_residue_PDB_ins_code      ? 
_pdbx_modification_feature.modified_residue_symmetry          1_555 
_pdbx_modification_feature.comp_id_linking_atom               SG 
_pdbx_modification_feature.modified_residue_id_linking_atom   SG 
_pdbx_modification_feature.modified_residue_id                . 
_pdbx_modification_feature.ref_pcm_id                         . 
_pdbx_modification_feature.ref_comp_id                        . 
_pdbx_modification_feature.type                               None 
_pdbx_modification_feature.category                           'Disulfide bridge' 
# 
_struct_sheet.id               A 
_struct_sheet.type             ? 
_struct_sheet.number_strands   6 
_struct_sheet.details          ? 
# 
loop_
_struct_sheet_order.sheet_id 
_struct_sheet_order.range_id_1 
_struct_sheet_order.range_id_2 
_struct_sheet_order.offset 
_struct_sheet_order.sense 
A 1 2 ? parallel      
A 2 3 ? anti-parallel 
A 3 4 ? anti-parallel 
A 4 5 ? anti-parallel 
A 5 6 ? parallel      
# 
loop_
_struct_sheet_range.sheet_id 
_struct_sheet_range.id 
_struct_sheet_range.beg_label_comp_id 
_struct_sheet_range.beg_label_asym_id 
_struct_sheet_range.beg_label_seq_id 
_struct_sheet_range.pdbx_beg_PDB_ins_code 
_struct_sheet_range.end_label_comp_id 
_struct_sheet_range.end_label_asym_id 
_struct_sheet_range.end_label_seq_id 
_struct_sheet_range.pdbx_end_PDB_ins_code 
_struct_sheet_range.beg_auth_comp_id 
_struct_sheet_range.beg_auth_asym_id 
_struct_sheet_range.beg_auth_seq_id 
_struct_sheet_range.end_auth_comp_id 
_struct_sheet_range.end_auth_asym_id 
_struct_sheet_range.end_auth_seq_id 
A 1 ILE A 9   ? THR A 13  ? ILE A 8   THR A 12  
A 2 PHE A 48  ? SER A 54  ? PHE A 57  SER A 63  
A 3 SER A 60  ? ASP A 66  ? SER A 69  ASP A 75  
A 4 VAL A 72  ? ALA A 77  ? VAL A 81  ALA A 86  
A 5 SER A 80  ? PHE A 83  ? SER A 89  PHE A 92  
A 6 ASN A 104 ? THR A 107 ? ASN A 113 THR A 116 
# 
loop_
_pdbx_struct_sheet_hbond.sheet_id 
_pdbx_struct_sheet_hbond.range_id_1 
_pdbx_struct_sheet_hbond.range_id_2 
_pdbx_struct_sheet_hbond.range_1_label_atom_id 
_pdbx_struct_sheet_hbond.range_1_label_comp_id 
_pdbx_struct_sheet_hbond.range_1_label_asym_id 
_pdbx_struct_sheet_hbond.range_1_label_seq_id 
_pdbx_struct_sheet_hbond.range_1_PDB_ins_code 
_pdbx_struct_sheet_hbond.range_1_auth_atom_id 
_pdbx_struct_sheet_hbond.range_1_auth_comp_id 
_pdbx_struct_sheet_hbond.range_1_auth_asym_id 
_pdbx_struct_sheet_hbond.range_1_auth_seq_id 
_pdbx_struct_sheet_hbond.range_2_label_atom_id 
_pdbx_struct_sheet_hbond.range_2_label_comp_id 
_pdbx_struct_sheet_hbond.range_2_label_asym_id 
_pdbx_struct_sheet_hbond.range_2_label_seq_id 
_pdbx_struct_sheet_hbond.range_2_PDB_ins_code 
_pdbx_struct_sheet_hbond.range_2_auth_atom_id 
_pdbx_struct_sheet_hbond.range_2_auth_comp_id 
_pdbx_struct_sheet_hbond.range_2_auth_asym_id 
_pdbx_struct_sheet_hbond.range_2_auth_seq_id 
A 1 2 N ILE A 10 ? N ILE A 9  O LEU A 50  ? O LEU A 59  
A 2 3 N ILE A 49 ? N ILE A 58 O LEU A 65  ? O LEU A 74  
A 3 4 N ALA A 64 ? N ALA A 73 O GLY A 74  ? O GLY A 83  
A 4 5 N ALA A 77 ? N ALA A 86 O SER A 80  ? O SER A 89  
A 5 6 N ALA A 81 ? N ALA A 90 O ASN A 104 ? O ASN A 113 
# 
_struct_site.id                   AC1 
_struct_site.pdbx_evidence_code   Software 
_struct_site.pdbx_auth_asym_id    A 
_struct_site.pdbx_auth_comp_id    SO4 
_struct_site.pdbx_auth_seq_id     999 
_struct_site.pdbx_auth_ins_code   ? 
_struct_site.pdbx_num_residues    7 
_struct_site.details              'BINDING SITE FOR RESIDUE SO4 A 999' 
# 
loop_
_struct_site_gen.id 
_struct_site_gen.site_id 
_struct_site_gen.pdbx_num_res 
_struct_site_gen.label_comp_id 
_struct_site_gen.label_asym_id 
_struct_site_gen.label_seq_id 
_struct_site_gen.pdbx_auth_ins_code 
_struct_site_gen.auth_comp_id 
_struct_site_gen.auth_asym_id 
_struct_site_gen.auth_seq_id 
_struct_site_gen.label_atom_id 
_struct_site_gen.label_alt_id 
_struct_site_gen.symmetry 
_struct_site_gen.details 
1 AC1 7 HOH C .   ? HOH A 36  . ? 1_555 ? 
2 AC1 7 HIS A 56  ? HIS A 65  . ? 7_555 ? 
3 AC1 7 PHE A 110 ? PHE A 119 . ? 1_555 ? 
4 AC1 7 GLY A 111 ? GLY A 120 . ? 1_555 ? 
5 AC1 7 ASN A 113 ? ASN A 122 . ? 1_555 ? 
6 AC1 7 ARG A 116 ? ARG A 125 . ? 1_555 ? 
7 AC1 7 HOH C .   ? HOH A 218 . ? 1_555 ? 
# 
_pdbx_entry_details.entry_id                   3MK9 
_pdbx_entry_details.compound_details           ? 
_pdbx_entry_details.source_details             ? 
_pdbx_entry_details.nonpolymer_details         ? 
_pdbx_entry_details.sequence_details           ? 
_pdbx_entry_details.has_ligand_of_interest     ? 
_pdbx_entry_details.has_protein_modification   Y 
# 
loop_
_pdbx_validate_torsion.id 
_pdbx_validate_torsion.PDB_model_num 
_pdbx_validate_torsion.auth_comp_id 
_pdbx_validate_torsion.auth_asym_id 
_pdbx_validate_torsion.auth_seq_id 
_pdbx_validate_torsion.PDB_ins_code 
_pdbx_validate_torsion.label_alt_id 
_pdbx_validate_torsion.phi 
_pdbx_validate_torsion.psi 
1 1 THR A 33  ? ? -153.47 71.77   
2 1 ASN A 64  ? ? -120.67 -164.14 
3 1 ASN A 78  ? ? -143.18 -7.35   
4 1 ALA A 79  ? ? 78.22   -6.38   
5 1 ASN A 136 ? ? 70.85   88.13   
6 1 ILE A 175 ? ? -121.03 -69.02  
7 1 GLU A 187 ? ? -89.69  32.29   
# 
loop_
_pdbx_unobs_or_zero_occ_residues.id 
_pdbx_unobs_or_zero_occ_residues.PDB_model_num 
_pdbx_unobs_or_zero_occ_residues.polymer_flag 
_pdbx_unobs_or_zero_occ_residues.occupancy_flag 
_pdbx_unobs_or_zero_occ_residues.auth_asym_id 
_pdbx_unobs_or_zero_occ_residues.auth_comp_id 
_pdbx_unobs_or_zero_occ_residues.auth_seq_id 
_pdbx_unobs_or_zero_occ_residues.PDB_ins_code 
_pdbx_unobs_or_zero_occ_residues.label_asym_id 
_pdbx_unobs_or_zero_occ_residues.label_comp_id 
_pdbx_unobs_or_zero_occ_residues.label_seq_id 
1  1 Y 1 A MET 0   ? A MET 1   
2  1 Y 1 A ILE 1   ? A ILE 2   
3  1 Y 1 A PHE 2   ? A PHE 3   
4  1 Y 1 A PRO 3   ? A PRO 4   
5  1 Y 1 A LYS 4   ? A LYS 5   
6  1 Y 1 A GLN 5   ? A GLN 6   
7  1 Y 1 A ARG 189 ? A ARG 180 
8  1 Y 1 A THR 190 ? A THR 181 
9  1 Y 1 A ARG 191 ? A ARG 182 
10 1 Y 1 A ILE 192 ? A ILE 183 
11 1 Y 1 A ARG 193 ? A ARG 184 
12 1 Y 1 A TYR 194 ? A TYR 185 
13 1 Y 1 A ASN 195 ? A ASN 186 
14 1 Y 1 A ARG 196 ? A ARG 187 
15 1 Y 1 A ARG 197 ? A ARG 188 
16 1 Y 1 A SER 198 ? A SER 189 
# 
loop_
_chem_comp_atom.comp_id 
_chem_comp_atom.atom_id 
_chem_comp_atom.type_symbol 
_chem_comp_atom.pdbx_aromatic_flag 
_chem_comp_atom.pdbx_stereo_config 
_chem_comp_atom.pdbx_ordinal 
ALA N    N N N 1   
ALA CA   C N S 2   
ALA C    C N N 3   
ALA O    O N N 4   
ALA CB   C N N 5   
ALA OXT  O N N 6   
ALA H    H N N 7   
ALA H2   H N N 8   
ALA HA   H N N 9   
ALA HB1  H N N 10  
ALA HB2  H N N 11  
ALA HB3  H N N 12  
ALA HXT  H N N 13  
ARG N    N N N 14  
ARG CA   C N S 15  
ARG C    C N N 16  
ARG O    O N N 17  
ARG CB   C N N 18  
ARG CG   C N N 19  
ARG CD   C N N 20  
ARG NE   N N N 21  
ARG CZ   C N N 22  
ARG NH1  N N N 23  
ARG NH2  N N N 24  
ARG OXT  O N N 25  
ARG H    H N N 26  
ARG H2   H N N 27  
ARG HA   H N N 28  
ARG HB2  H N N 29  
ARG HB3  H N N 30  
ARG HG2  H N N 31  
ARG HG3  H N N 32  
ARG HD2  H N N 33  
ARG HD3  H N N 34  
ARG HE   H N N 35  
ARG HH11 H N N 36  
ARG HH12 H N N 37  
ARG HH21 H N N 38  
ARG HH22 H N N 39  
ARG HXT  H N N 40  
ASN N    N N N 41  
ASN CA   C N S 42  
ASN C    C N N 43  
ASN O    O N N 44  
ASN CB   C N N 45  
ASN CG   C N N 46  
ASN OD1  O N N 47  
ASN ND2  N N N 48  
ASN OXT  O N N 49  
ASN H    H N N 50  
ASN H2   H N N 51  
ASN HA   H N N 52  
ASN HB2  H N N 53  
ASN HB3  H N N 54  
ASN HD21 H N N 55  
ASN HD22 H N N 56  
ASN HXT  H N N 57  
ASP N    N N N 58  
ASP CA   C N S 59  
ASP C    C N N 60  
ASP O    O N N 61  
ASP CB   C N N 62  
ASP CG   C N N 63  
ASP OD1  O N N 64  
ASP OD2  O N N 65  
ASP OXT  O N N 66  
ASP H    H N N 67  
ASP H2   H N N 68  
ASP HA   H N N 69  
ASP HB2  H N N 70  
ASP HB3  H N N 71  
ASP HD2  H N N 72  
ASP HXT  H N N 73  
CYS N    N N N 74  
CYS CA   C N R 75  
CYS C    C N N 76  
CYS O    O N N 77  
CYS CB   C N N 78  
CYS SG   S N N 79  
CYS OXT  O N N 80  
CYS H    H N N 81  
CYS H2   H N N 82  
CYS HA   H N N 83  
CYS HB2  H N N 84  
CYS HB3  H N N 85  
CYS HG   H N N 86  
CYS HXT  H N N 87  
GLN N    N N N 88  
GLN CA   C N S 89  
GLN C    C N N 90  
GLN O    O N N 91  
GLN CB   C N N 92  
GLN CG   C N N 93  
GLN CD   C N N 94  
GLN OE1  O N N 95  
GLN NE2  N N N 96  
GLN OXT  O N N 97  
GLN H    H N N 98  
GLN H2   H N N 99  
GLN HA   H N N 100 
GLN HB2  H N N 101 
GLN HB3  H N N 102 
GLN HG2  H N N 103 
GLN HG3  H N N 104 
GLN HE21 H N N 105 
GLN HE22 H N N 106 
GLN HXT  H N N 107 
GLU N    N N N 108 
GLU CA   C N S 109 
GLU C    C N N 110 
GLU O    O N N 111 
GLU CB   C N N 112 
GLU CG   C N N 113 
GLU CD   C N N 114 
GLU OE1  O N N 115 
GLU OE2  O N N 116 
GLU OXT  O N N 117 
GLU H    H N N 118 
GLU H2   H N N 119 
GLU HA   H N N 120 
GLU HB2  H N N 121 
GLU HB3  H N N 122 
GLU HG2  H N N 123 
GLU HG3  H N N 124 
GLU HE2  H N N 125 
GLU HXT  H N N 126 
GLY N    N N N 127 
GLY CA   C N N 128 
GLY C    C N N 129 
GLY O    O N N 130 
GLY OXT  O N N 131 
GLY H    H N N 132 
GLY H2   H N N 133 
GLY HA2  H N N 134 
GLY HA3  H N N 135 
GLY HXT  H N N 136 
HIS N    N N N 137 
HIS CA   C N S 138 
HIS C    C N N 139 
HIS O    O N N 140 
HIS CB   C N N 141 
HIS CG   C Y N 142 
HIS ND1  N Y N 143 
HIS CD2  C Y N 144 
HIS CE1  C Y N 145 
HIS NE2  N Y N 146 
HIS OXT  O N N 147 
HIS H    H N N 148 
HIS H2   H N N 149 
HIS HA   H N N 150 
HIS HB2  H N N 151 
HIS HB3  H N N 152 
HIS HD1  H N N 153 
HIS HD2  H N N 154 
HIS HE1  H N N 155 
HIS HE2  H N N 156 
HIS HXT  H N N 157 
HOH O    O N N 158 
HOH H1   H N N 159 
HOH H2   H N N 160 
ILE N    N N N 161 
ILE CA   C N S 162 
ILE C    C N N 163 
ILE O    O N N 164 
ILE CB   C N S 165 
ILE CG1  C N N 166 
ILE CG2  C N N 167 
ILE CD1  C N N 168 
ILE OXT  O N N 169 
ILE H    H N N 170 
ILE H2   H N N 171 
ILE HA   H N N 172 
ILE HB   H N N 173 
ILE HG12 H N N 174 
ILE HG13 H N N 175 
ILE HG21 H N N 176 
ILE HG22 H N N 177 
ILE HG23 H N N 178 
ILE HD11 H N N 179 
ILE HD12 H N N 180 
ILE HD13 H N N 181 
ILE HXT  H N N 182 
LEU N    N N N 183 
LEU CA   C N S 184 
LEU C    C N N 185 
LEU O    O N N 186 
LEU CB   C N N 187 
LEU CG   C N N 188 
LEU CD1  C N N 189 
LEU CD2  C N N 190 
LEU OXT  O N N 191 
LEU H    H N N 192 
LEU H2   H N N 193 
LEU HA   H N N 194 
LEU HB2  H N N 195 
LEU HB3  H N N 196 
LEU HG   H N N 197 
LEU HD11 H N N 198 
LEU HD12 H N N 199 
LEU HD13 H N N 200 
LEU HD21 H N N 201 
LEU HD22 H N N 202 
LEU HD23 H N N 203 
LEU HXT  H N N 204 
LYS N    N N N 205 
LYS CA   C N S 206 
LYS C    C N N 207 
LYS O    O N N 208 
LYS CB   C N N 209 
LYS CG   C N N 210 
LYS CD   C N N 211 
LYS CE   C N N 212 
LYS NZ   N N N 213 
LYS OXT  O N N 214 
LYS H    H N N 215 
LYS H2   H N N 216 
LYS HA   H N N 217 
LYS HB2  H N N 218 
LYS HB3  H N N 219 
LYS HG2  H N N 220 
LYS HG3  H N N 221 
LYS HD2  H N N 222 
LYS HD3  H N N 223 
LYS HE2  H N N 224 
LYS HE3  H N N 225 
LYS HZ1  H N N 226 
LYS HZ2  H N N 227 
LYS HZ3  H N N 228 
LYS HXT  H N N 229 
MET N    N N N 230 
MET CA   C N S 231 
MET C    C N N 232 
MET O    O N N 233 
MET CB   C N N 234 
MET CG   C N N 235 
MET SD   S N N 236 
MET CE   C N N 237 
MET OXT  O N N 238 
MET H    H N N 239 
MET H2   H N N 240 
MET HA   H N N 241 
MET HB2  H N N 242 
MET HB3  H N N 243 
MET HG2  H N N 244 
MET HG3  H N N 245 
MET HE1  H N N 246 
MET HE2  H N N 247 
MET HE3  H N N 248 
MET HXT  H N N 249 
PHE N    N N N 250 
PHE CA   C N S 251 
PHE C    C N N 252 
PHE O    O N N 253 
PHE CB   C N N 254 
PHE CG   C Y N 255 
PHE CD1  C Y N 256 
PHE CD2  C Y N 257 
PHE CE1  C Y N 258 
PHE CE2  C Y N 259 
PHE CZ   C Y N 260 
PHE OXT  O N N 261 
PHE H    H N N 262 
PHE H2   H N N 263 
PHE HA   H N N 264 
PHE HB2  H N N 265 
PHE HB3  H N N 266 
PHE HD1  H N N 267 
PHE HD2  H N N 268 
PHE HE1  H N N 269 
PHE HE2  H N N 270 
PHE HZ   H N N 271 
PHE HXT  H N N 272 
PRO N    N N N 273 
PRO CA   C N S 274 
PRO C    C N N 275 
PRO O    O N N 276 
PRO CB   C N N 277 
PRO CG   C N N 278 
PRO CD   C N N 279 
PRO OXT  O N N 280 
PRO H    H N N 281 
PRO HA   H N N 282 
PRO HB2  H N N 283 
PRO HB3  H N N 284 
PRO HG2  H N N 285 
PRO HG3  H N N 286 
PRO HD2  H N N 287 
PRO HD3  H N N 288 
PRO HXT  H N N 289 
SER N    N N N 290 
SER CA   C N S 291 
SER C    C N N 292 
SER O    O N N 293 
SER CB   C N N 294 
SER OG   O N N 295 
SER OXT  O N N 296 
SER H    H N N 297 
SER H2   H N N 298 
SER HA   H N N 299 
SER HB2  H N N 300 
SER HB3  H N N 301 
SER HG   H N N 302 
SER HXT  H N N 303 
SO4 S    S N N 304 
SO4 O1   O N N 305 
SO4 O2   O N N 306 
SO4 O3   O N N 307 
SO4 O4   O N N 308 
THR N    N N N 309 
THR CA   C N S 310 
THR C    C N N 311 
THR O    O N N 312 
THR CB   C N R 313 
THR OG1  O N N 314 
THR CG2  C N N 315 
THR OXT  O N N 316 
THR H    H N N 317 
THR H2   H N N 318 
THR HA   H N N 319 
THR HB   H N N 320 
THR HG1  H N N 321 
THR HG21 H N N 322 
THR HG22 H N N 323 
THR HG23 H N N 324 
THR HXT  H N N 325 
TYR N    N N N 326 
TYR CA   C N S 327 
TYR C    C N N 328 
TYR O    O N N 329 
TYR CB   C N N 330 
TYR CG   C Y N 331 
TYR CD1  C Y N 332 
TYR CD2  C Y N 333 
TYR CE1  C Y N 334 
TYR CE2  C Y N 335 
TYR CZ   C Y N 336 
TYR OH   O N N 337 
TYR OXT  O N N 338 
TYR H    H N N 339 
TYR H2   H N N 340 
TYR HA   H N N 341 
TYR HB2  H N N 342 
TYR HB3  H N N 343 
TYR HD1  H N N 344 
TYR HD2  H N N 345 
TYR HE1  H N N 346 
TYR HE2  H N N 347 
TYR HH   H N N 348 
TYR HXT  H N N 349 
VAL N    N N N 350 
VAL CA   C N S 351 
VAL C    C N N 352 
VAL O    O N N 353 
VAL CB   C N N 354 
VAL CG1  C N N 355 
VAL CG2  C N N 356 
VAL OXT  O N N 357 
VAL H    H N N 358 
VAL H2   H N N 359 
VAL HA   H N N 360 
VAL HB   H N N 361 
VAL HG11 H N N 362 
VAL HG12 H N N 363 
VAL HG13 H N N 364 
VAL HG21 H N N 365 
VAL HG22 H N N 366 
VAL HG23 H N N 367 
VAL HXT  H N N 368 
# 
loop_
_chem_comp_bond.comp_id 
_chem_comp_bond.atom_id_1 
_chem_comp_bond.atom_id_2 
_chem_comp_bond.value_order 
_chem_comp_bond.pdbx_aromatic_flag 
_chem_comp_bond.pdbx_stereo_config 
_chem_comp_bond.pdbx_ordinal 
ALA N   CA   sing N N 1   
ALA N   H    sing N N 2   
ALA N   H2   sing N N 3   
ALA CA  C    sing N N 4   
ALA CA  CB   sing N N 5   
ALA CA  HA   sing N N 6   
ALA C   O    doub N N 7   
ALA C   OXT  sing N N 8   
ALA CB  HB1  sing N N 9   
ALA CB  HB2  sing N N 10  
ALA CB  HB3  sing N N 11  
ALA OXT HXT  sing N N 12  
ARG N   CA   sing N N 13  
ARG N   H    sing N N 14  
ARG N   H2   sing N N 15  
ARG CA  C    sing N N 16  
ARG CA  CB   sing N N 17  
ARG CA  HA   sing N N 18  
ARG C   O    doub N N 19  
ARG C   OXT  sing N N 20  
ARG CB  CG   sing N N 21  
ARG CB  HB2  sing N N 22  
ARG CB  HB3  sing N N 23  
ARG CG  CD   sing N N 24  
ARG CG  HG2  sing N N 25  
ARG CG  HG3  sing N N 26  
ARG CD  NE   sing N N 27  
ARG CD  HD2  sing N N 28  
ARG CD  HD3  sing N N 29  
ARG NE  CZ   sing N N 30  
ARG NE  HE   sing N N 31  
ARG CZ  NH1  sing N N 32  
ARG CZ  NH2  doub N N 33  
ARG NH1 HH11 sing N N 34  
ARG NH1 HH12 sing N N 35  
ARG NH2 HH21 sing N N 36  
ARG NH2 HH22 sing N N 37  
ARG OXT HXT  sing N N 38  
ASN N   CA   sing N N 39  
ASN N   H    sing N N 40  
ASN N   H2   sing N N 41  
ASN CA  C    sing N N 42  
ASN CA  CB   sing N N 43  
ASN CA  HA   sing N N 44  
ASN C   O    doub N N 45  
ASN C   OXT  sing N N 46  
ASN CB  CG   sing N N 47  
ASN CB  HB2  sing N N 48  
ASN CB  HB3  sing N N 49  
ASN CG  OD1  doub N N 50  
ASN CG  ND2  sing N N 51  
ASN ND2 HD21 sing N N 52  
ASN ND2 HD22 sing N N 53  
ASN OXT HXT  sing N N 54  
ASP N   CA   sing N N 55  
ASP N   H    sing N N 56  
ASP N   H2   sing N N 57  
ASP CA  C    sing N N 58  
ASP CA  CB   sing N N 59  
ASP CA  HA   sing N N 60  
ASP C   O    doub N N 61  
ASP C   OXT  sing N N 62  
ASP CB  CG   sing N N 63  
ASP CB  HB2  sing N N 64  
ASP CB  HB3  sing N N 65  
ASP CG  OD1  doub N N 66  
ASP CG  OD2  sing N N 67  
ASP OD2 HD2  sing N N 68  
ASP OXT HXT  sing N N 69  
CYS N   CA   sing N N 70  
CYS N   H    sing N N 71  
CYS N   H2   sing N N 72  
CYS CA  C    sing N N 73  
CYS CA  CB   sing N N 74  
CYS CA  HA   sing N N 75  
CYS C   O    doub N N 76  
CYS C   OXT  sing N N 77  
CYS CB  SG   sing N N 78  
CYS CB  HB2  sing N N 79  
CYS CB  HB3  sing N N 80  
CYS SG  HG   sing N N 81  
CYS OXT HXT  sing N N 82  
GLN N   CA   sing N N 83  
GLN N   H    sing N N 84  
GLN N   H2   sing N N 85  
GLN CA  C    sing N N 86  
GLN CA  CB   sing N N 87  
GLN CA  HA   sing N N 88  
GLN C   O    doub N N 89  
GLN C   OXT  sing N N 90  
GLN CB  CG   sing N N 91  
GLN CB  HB2  sing N N 92  
GLN CB  HB3  sing N N 93  
GLN CG  CD   sing N N 94  
GLN CG  HG2  sing N N 95  
GLN CG  HG3  sing N N 96  
GLN CD  OE1  doub N N 97  
GLN CD  NE2  sing N N 98  
GLN NE2 HE21 sing N N 99  
GLN NE2 HE22 sing N N 100 
GLN OXT HXT  sing N N 101 
GLU N   CA   sing N N 102 
GLU N   H    sing N N 103 
GLU N   H2   sing N N 104 
GLU CA  C    sing N N 105 
GLU CA  CB   sing N N 106 
GLU CA  HA   sing N N 107 
GLU C   O    doub N N 108 
GLU C   OXT  sing N N 109 
GLU CB  CG   sing N N 110 
GLU CB  HB2  sing N N 111 
GLU CB  HB3  sing N N 112 
GLU CG  CD   sing N N 113 
GLU CG  HG2  sing N N 114 
GLU CG  HG3  sing N N 115 
GLU CD  OE1  doub N N 116 
GLU CD  OE2  sing N N 117 
GLU OE2 HE2  sing N N 118 
GLU OXT HXT  sing N N 119 
GLY N   CA   sing N N 120 
GLY N   H    sing N N 121 
GLY N   H2   sing N N 122 
GLY CA  C    sing N N 123 
GLY CA  HA2  sing N N 124 
GLY CA  HA3  sing N N 125 
GLY C   O    doub N N 126 
GLY C   OXT  sing N N 127 
GLY OXT HXT  sing N N 128 
HIS N   CA   sing N N 129 
HIS N   H    sing N N 130 
HIS N   H2   sing N N 131 
HIS CA  C    sing N N 132 
HIS CA  CB   sing N N 133 
HIS CA  HA   sing N N 134 
HIS C   O    doub N N 135 
HIS C   OXT  sing N N 136 
HIS CB  CG   sing N N 137 
HIS CB  HB2  sing N N 138 
HIS CB  HB3  sing N N 139 
HIS CG  ND1  sing Y N 140 
HIS CG  CD2  doub Y N 141 
HIS ND1 CE1  doub Y N 142 
HIS ND1 HD1  sing N N 143 
HIS CD2 NE2  sing Y N 144 
HIS CD2 HD2  sing N N 145 
HIS CE1 NE2  sing Y N 146 
HIS CE1 HE1  sing N N 147 
HIS NE2 HE2  sing N N 148 
HIS OXT HXT  sing N N 149 
HOH O   H1   sing N N 150 
HOH O   H2   sing N N 151 
ILE N   CA   sing N N 152 
ILE N   H    sing N N 153 
ILE N   H2   sing N N 154 
ILE CA  C    sing N N 155 
ILE CA  CB   sing N N 156 
ILE CA  HA   sing N N 157 
ILE C   O    doub N N 158 
ILE C   OXT  sing N N 159 
ILE CB  CG1  sing N N 160 
ILE CB  CG2  sing N N 161 
ILE CB  HB   sing N N 162 
ILE CG1 CD1  sing N N 163 
ILE CG1 HG12 sing N N 164 
ILE CG1 HG13 sing N N 165 
ILE CG2 HG21 sing N N 166 
ILE CG2 HG22 sing N N 167 
ILE CG2 HG23 sing N N 168 
ILE CD1 HD11 sing N N 169 
ILE CD1 HD12 sing N N 170 
ILE CD1 HD13 sing N N 171 
ILE OXT HXT  sing N N 172 
LEU N   CA   sing N N 173 
LEU N   H    sing N N 174 
LEU N   H2   sing N N 175 
LEU CA  C    sing N N 176 
LEU CA  CB   sing N N 177 
LEU CA  HA   sing N N 178 
LEU C   O    doub N N 179 
LEU C   OXT  sing N N 180 
LEU CB  CG   sing N N 181 
LEU CB  HB2  sing N N 182 
LEU CB  HB3  sing N N 183 
LEU CG  CD1  sing N N 184 
LEU CG  CD2  sing N N 185 
LEU CG  HG   sing N N 186 
LEU CD1 HD11 sing N N 187 
LEU CD1 HD12 sing N N 188 
LEU CD1 HD13 sing N N 189 
LEU CD2 HD21 sing N N 190 
LEU CD2 HD22 sing N N 191 
LEU CD2 HD23 sing N N 192 
LEU OXT HXT  sing N N 193 
LYS N   CA   sing N N 194 
LYS N   H    sing N N 195 
LYS N   H2   sing N N 196 
LYS CA  C    sing N N 197 
LYS CA  CB   sing N N 198 
LYS CA  HA   sing N N 199 
LYS C   O    doub N N 200 
LYS C   OXT  sing N N 201 
LYS CB  CG   sing N N 202 
LYS CB  HB2  sing N N 203 
LYS CB  HB3  sing N N 204 
LYS CG  CD   sing N N 205 
LYS CG  HG2  sing N N 206 
LYS CG  HG3  sing N N 207 
LYS CD  CE   sing N N 208 
LYS CD  HD2  sing N N 209 
LYS CD  HD3  sing N N 210 
LYS CE  NZ   sing N N 211 
LYS CE  HE2  sing N N 212 
LYS CE  HE3  sing N N 213 
LYS NZ  HZ1  sing N N 214 
LYS NZ  HZ2  sing N N 215 
LYS NZ  HZ3  sing N N 216 
LYS OXT HXT  sing N N 217 
MET N   CA   sing N N 218 
MET N   H    sing N N 219 
MET N   H2   sing N N 220 
MET CA  C    sing N N 221 
MET CA  CB   sing N N 222 
MET CA  HA   sing N N 223 
MET C   O    doub N N 224 
MET C   OXT  sing N N 225 
MET CB  CG   sing N N 226 
MET CB  HB2  sing N N 227 
MET CB  HB3  sing N N 228 
MET CG  SD   sing N N 229 
MET CG  HG2  sing N N 230 
MET CG  HG3  sing N N 231 
MET SD  CE   sing N N 232 
MET CE  HE1  sing N N 233 
MET CE  HE2  sing N N 234 
MET CE  HE3  sing N N 235 
MET OXT HXT  sing N N 236 
PHE N   CA   sing N N 237 
PHE N   H    sing N N 238 
PHE N   H2   sing N N 239 
PHE CA  C    sing N N 240 
PHE CA  CB   sing N N 241 
PHE CA  HA   sing N N 242 
PHE C   O    doub N N 243 
PHE C   OXT  sing N N 244 
PHE CB  CG   sing N N 245 
PHE CB  HB2  sing N N 246 
PHE CB  HB3  sing N N 247 
PHE CG  CD1  doub Y N 248 
PHE CG  CD2  sing Y N 249 
PHE CD1 CE1  sing Y N 250 
PHE CD1 HD1  sing N N 251 
PHE CD2 CE2  doub Y N 252 
PHE CD2 HD2  sing N N 253 
PHE CE1 CZ   doub Y N 254 
PHE CE1 HE1  sing N N 255 
PHE CE2 CZ   sing Y N 256 
PHE CE2 HE2  sing N N 257 
PHE CZ  HZ   sing N N 258 
PHE OXT HXT  sing N N 259 
PRO N   CA   sing N N 260 
PRO N   CD   sing N N 261 
PRO N   H    sing N N 262 
PRO CA  C    sing N N 263 
PRO CA  CB   sing N N 264 
PRO CA  HA   sing N N 265 
PRO C   O    doub N N 266 
PRO C   OXT  sing N N 267 
PRO CB  CG   sing N N 268 
PRO CB  HB2  sing N N 269 
PRO CB  HB3  sing N N 270 
PRO CG  CD   sing N N 271 
PRO CG  HG2  sing N N 272 
PRO CG  HG3  sing N N 273 
PRO CD  HD2  sing N N 274 
PRO CD  HD3  sing N N 275 
PRO OXT HXT  sing N N 276 
SER N   CA   sing N N 277 
SER N   H    sing N N 278 
SER N   H2   sing N N 279 
SER CA  C    sing N N 280 
SER CA  CB   sing N N 281 
SER CA  HA   sing N N 282 
SER C   O    doub N N 283 
SER C   OXT  sing N N 284 
SER CB  OG   sing N N 285 
SER CB  HB2  sing N N 286 
SER CB  HB3  sing N N 287 
SER OG  HG   sing N N 288 
SER OXT HXT  sing N N 289 
SO4 S   O1   doub N N 290 
SO4 S   O2   doub N N 291 
SO4 S   O3   sing N N 292 
SO4 S   O4   sing N N 293 
THR N   CA   sing N N 294 
THR N   H    sing N N 295 
THR N   H2   sing N N 296 
THR CA  C    sing N N 297 
THR CA  CB   sing N N 298 
THR CA  HA   sing N N 299 
THR C   O    doub N N 300 
THR C   OXT  sing N N 301 
THR CB  OG1  sing N N 302 
THR CB  CG2  sing N N 303 
THR CB  HB   sing N N 304 
THR OG1 HG1  sing N N 305 
THR CG2 HG21 sing N N 306 
THR CG2 HG22 sing N N 307 
THR CG2 HG23 sing N N 308 
THR OXT HXT  sing N N 309 
TYR N   CA   sing N N 310 
TYR N   H    sing N N 311 
TYR N   H2   sing N N 312 
TYR CA  C    sing N N 313 
TYR CA  CB   sing N N 314 
TYR CA  HA   sing N N 315 
TYR C   O    doub N N 316 
TYR C   OXT  sing N N 317 
TYR CB  CG   sing N N 318 
TYR CB  HB2  sing N N 319 
TYR CB  HB3  sing N N 320 
TYR CG  CD1  doub Y N 321 
TYR CG  CD2  sing Y N 322 
TYR CD1 CE1  sing Y N 323 
TYR CD1 HD1  sing N N 324 
TYR CD2 CE2  doub Y N 325 
TYR CD2 HD2  sing N N 326 
TYR CE1 CZ   doub Y N 327 
TYR CE1 HE1  sing N N 328 
TYR CE2 CZ   sing Y N 329 
TYR CE2 HE2  sing N N 330 
TYR CZ  OH   sing N N 331 
TYR OH  HH   sing N N 332 
TYR OXT HXT  sing N N 333 
VAL N   CA   sing N N 334 
VAL N   H    sing N N 335 
VAL N   H2   sing N N 336 
VAL CA  C    sing N N 337 
VAL CA  CB   sing N N 338 
VAL CA  HA   sing N N 339 
VAL C   O    doub N N 340 
VAL C   OXT  sing N N 341 
VAL CB  CG1  sing N N 342 
VAL CB  CG2  sing N N 343 
VAL CB  HB   sing N N 344 
VAL CG1 HG11 sing N N 345 
VAL CG1 HG12 sing N N 346 
VAL CG1 HG13 sing N N 347 
VAL CG2 HG21 sing N N 348 
VAL CG2 HG22 sing N N 349 
VAL CG2 HG23 sing N N 350 
VAL OXT HXT  sing N N 351 
# 
_pdbx_initial_refinement_model.id               1 
_pdbx_initial_refinement_model.entity_id_list   ? 
_pdbx_initial_refinement_model.type             'experimental model' 
_pdbx_initial_refinement_model.source_name      PDB 
_pdbx_initial_refinement_model.accession_code   1IFS 
_pdbx_initial_refinement_model.details          'PDB ENTRY 1IFS' 
# 
_atom_sites.entry_id                    3MK9 
_atom_sites.fract_transf_matrix[1][1]   0.01831227 
_atom_sites.fract_transf_matrix[1][2]   -0.00134463 
_atom_sites.fract_transf_matrix[1][3]   -0.00602884 
_atom_sites.fract_transf_matrix[2][1]   -0.00415196 
_atom_sites.fract_transf_matrix[2][2]   0.00169570 
_atom_sites.fract_transf_matrix[2][3]   -0.01298955 
_atom_sites.fract_transf_matrix[3][1]   0.00108170 
_atom_sites.fract_transf_matrix[3][2]   0.01027037 
_atom_sites.fract_transf_matrix[3][3]   0.00099497 
_atom_sites.fract_transf_vector[1]      0.264023 
_atom_sites.fract_transf_vector[2]      0.326213 
_atom_sites.fract_transf_vector[3]      0.178366 
# 
loop_
_atom_type.symbol 
C 
N 
O 
S 
# 
loop_
_atom_site.group_PDB 
_atom_site.id 
_atom_site.type_symbol 
_atom_site.label_atom_id 
_atom_site.label_alt_id 
_atom_site.label_comp_id 
_atom_site.label_asym_id 
_atom_site.label_entity_id 
_atom_site.label_seq_id 
_atom_site.pdbx_PDB_ins_code 
_atom_site.Cartn_x 
_atom_site.Cartn_y 
_atom_site.Cartn_z 
_atom_site.occupancy 
_atom_site.B_iso_or_equiv 
_atom_site.pdbx_formal_charge 
_atom_site.auth_seq_id 
_atom_site.auth_comp_id 
_atom_site.auth_asym_id 
_atom_site.auth_atom_id 
_atom_site.pdbx_PDB_model_num 
ATOM   1    N N   . TYR A 1 7   ? -6.773  -14.063 0.810   1.00 30.60 ? 6   TYR A N   1 
ATOM   2    C CA  . TYR A 1 7   ? -5.302  -13.822 0.873   1.00 30.18 ? 6   TYR A CA  1 
ATOM   3    C C   . TYR A 1 7   ? -4.850  -13.638 2.314   1.00 29.39 ? 6   TYR A C   1 
ATOM   4    O O   . TYR A 1 7   ? -5.614  -13.167 3.158   1.00 29.34 ? 6   TYR A O   1 
ATOM   5    C CB  . TYR A 1 7   ? -4.926  -12.572 0.075   1.00 30.47 ? 6   TYR A CB  1 
ATOM   6    C CG  . TYR A 1 7   ? -5.390  -12.577 -1.364  1.00 31.24 ? 6   TYR A CG  1 
ATOM   7    C CD1 . TYR A 1 7   ? -6.650  -12.087 -1.715  1.00 30.97 ? 6   TYR A CD1 1 
ATOM   8    C CD2 . TYR A 1 7   ? -4.561  -13.056 -2.378  1.00 31.59 ? 6   TYR A CD2 1 
ATOM   9    C CE1 . TYR A 1 7   ? -7.068  -12.071 -3.042  1.00 30.47 ? 6   TYR A CE1 1 
ATOM   10   C CE2 . TYR A 1 7   ? -4.970  -13.047 -3.707  1.00 33.54 ? 6   TYR A CE2 1 
ATOM   11   C CZ  . TYR A 1 7   ? -6.222  -12.552 -4.033  1.00 32.64 ? 6   TYR A CZ  1 
ATOM   12   O OH  . TYR A 1 7   ? -6.622  -12.538 -5.350  1.00 30.87 ? 6   TYR A OH  1 
ATOM   13   N N   . PRO A 1 8   ? -3.597  -14.011 2.616   1.00 28.87 ? 7   PRO A N   1 
ATOM   14   C CA  . PRO A 1 8   ? -3.069  -13.868 3.978   1.00 27.89 ? 7   PRO A CA  1 
ATOM   15   C C   . PRO A 1 8   ? -3.083  -12.401 4.417   1.00 26.94 ? 7   PRO A C   1 
ATOM   16   O O   . PRO A 1 8   ? -2.756  -11.506 3.629   1.00 24.38 ? 7   PRO A O   1 
ATOM   17   C CB  . PRO A 1 8   ? -1.657  -14.447 3.864   1.00 28.71 ? 7   PRO A CB  1 
ATOM   18   C CG  . PRO A 1 8   ? -1.295  -14.183 2.432   1.00 29.15 ? 7   PRO A CG  1 
ATOM   19   C CD  . PRO A 1 8   ? -2.567  -14.538 1.704   1.00 27.86 ? 7   PRO A CD  1 
ATOM   20   N N   . ILE A 1 9   ? -3.470  -12.167 5.671   1.00 24.72 ? 8   ILE A N   1 
ATOM   21   C CA  . ILE A 1 9   ? -3.554  -10.815 6.217   1.00 24.13 ? 8   ILE A CA  1 
ATOM   22   C C   . ILE A 1 9   ? -2.518  -10.552 7.302   1.00 22.60 ? 8   ILE A C   1 
ATOM   23   O O   . ILE A 1 9   ? -2.377  -11.339 8.241   1.00 23.16 ? 8   ILE A O   1 
ATOM   24   C CB  . ILE A 1 9   ? -4.945  -10.547 6.828   1.00 23.17 ? 8   ILE A CB  1 
ATOM   25   C CG1 . ILE A 1 9   ? -6.028  -10.728 5.766   1.00 25.76 ? 8   ILE A CG1 1 
ATOM   26   C CG2 . ILE A 1 9   ? -5.002  -9.136  7.397   1.00 24.50 ? 8   ILE A CG2 1 
ATOM   27   C CD1 . ILE A 1 9   ? -7.446  -10.532 6.299   1.00 26.30 ? 8   ILE A CD1 1 
ATOM   28   N N   . ILE A 1 10  ? -1.807  -9.435  7.167   1.00 19.94 ? 9   ILE A N   1 
ATOM   29   C CA  . ILE A 1 10  ? -0.787  -9.029  8.128   1.00 18.56 ? 9   ILE A CA  1 
ATOM   30   C C   . ILE A 1 10  ? -1.207  -7.697  8.758   1.00 17.81 ? 9   ILE A C   1 
ATOM   31   O O   . ILE A 1 10  ? -1.528  -6.744  8.042   1.00 16.16 ? 9   ILE A O   1 
ATOM   32   C CB  . ILE A 1 10  ? 0.583   -8.869  7.435   1.00 18.99 ? 9   ILE A CB  1 
ATOM   33   C CG1 . ILE A 1 10  ? 1.020   -10.212 6.848   1.00 19.78 ? 9   ILE A CG1 1 
ATOM   34   C CG2 . ILE A 1 10  ? 1.624   -8.368  8.426   1.00 18.51 ? 9   ILE A CG2 1 
ATOM   35   C CD1 . ILE A 1 10  ? 2.343   -10.152 6.100   1.00 18.57 ? 9   ILE A CD1 1 
ATOM   36   N N   . ASN A 1 11  ? -1.199  -7.637  10.090  1.00 16.59 ? 10  ASN A N   1 
ATOM   37   C CA  . ASN A 1 11  ? -1.609  -6.436  10.826  1.00 17.17 ? 10  ASN A CA  1 
ATOM   38   C C   . ASN A 1 11  ? -0.474  -5.604  11.442  1.00 16.27 ? 10  ASN A C   1 
ATOM   39   O O   . ASN A 1 11  ? 0.579   -6.127  11.821  1.00 15.90 ? 10  ASN A O   1 
ATOM   40   C CB  . ASN A 1 11  ? -2.575  -6.820  11.953  1.00 17.92 ? 10  ASN A CB  1 
ATOM   41   C CG  . ASN A 1 11  ? -3.799  -7.565  11.454  1.00 24.03 ? 10  ASN A CG  1 
ATOM   42   O OD1 . ASN A 1 11  ? -4.636  -7.006  10.751  1.00 26.82 ? 10  ASN A OD1 1 
ATOM   43   N ND2 . ASN A 1 11  ? -3.904  -8.836  11.817  1.00 29.28 ? 10  ASN A ND2 1 
ATOM   44   N N   . PHE A 1 12  ? -0.718  -4.304  11.549  1.00 14.26 ? 11  PHE A N   1 
ATOM   45   C CA  . PHE A 1 12  ? 0.239   -3.382  12.141  1.00 13.84 ? 11  PHE A CA  1 
ATOM   46   C C   . PHE A 1 12  ? -0.450  -2.098  12.559  1.00 13.50 ? 11  PHE A C   1 
ATOM   47   O O   . PHE A 1 12  ? -1.255  -1.544  11.812  1.00 13.22 ? 11  PHE A O   1 
ATOM   48   C CB  . PHE A 1 12  ? 1.362   -3.023  11.166  1.00 12.64 ? 11  PHE A CB  1 
ATOM   49   C CG  . PHE A 1 12  ? 2.338   -2.029  11.731  1.00 13.96 ? 11  PHE A CG  1 
ATOM   50   C CD1 . PHE A 1 12  ? 3.215   -2.397  12.751  1.00 12.92 ? 11  PHE A CD1 1 
ATOM   51   C CD2 . PHE A 1 12  ? 2.347   -0.711  11.289  1.00 11.08 ? 11  PHE A CD2 1 
ATOM   52   C CE1 . PHE A 1 12  ? 4.081   -1.467  13.323  1.00 9.08  ? 11  PHE A CE1 1 
ATOM   53   C CE2 . PHE A 1 12  ? 3.210   0.233   11.855  1.00 11.08 ? 11  PHE A CE2 1 
ATOM   54   C CZ  . PHE A 1 12  ? 4.078   -0.145  12.874  1.00 11.21 ? 11  PHE A CZ  1 
ATOM   55   N N   . THR A 1 13  ? -0.128  -1.622  13.758  1.00 14.51 ? 12  THR A N   1 
ATOM   56   C CA  . THR A 1 13  ? -0.707  -0.381  14.256  1.00 14.09 ? 12  THR A CA  1 
ATOM   57   C C   . THR A 1 13  ? 0.394   0.589   14.658  1.00 14.49 ? 12  THR A C   1 
ATOM   58   O O   . THR A 1 13  ? 1.468   0.177   15.102  1.00 14.74 ? 12  THR A O   1 
ATOM   59   C CB  . THR A 1 13  ? -1.630  -0.629  15.478  1.00 13.44 ? 12  THR A CB  1 
ATOM   60   O OG1 . THR A 1 13  ? -2.207  0.616   15.901  1.00 16.12 ? 12  THR A OG1 1 
ATOM   61   C CG2 . THR A 1 13  ? -0.845  -1.233  16.638  1.00 14.09 ? 12  THR A CG2 1 
ATOM   62   N N   . THR A 1 14  ? 0.133   1.880   14.484  1.00 14.45 ? 13  THR A N   1 
ATOM   63   C CA  . THR A 1 14  ? 1.095   2.908   14.864  1.00 13.69 ? 13  THR A CA  1 
ATOM   64   C C   . THR A 1 14  ? 0.926   3.228   16.355  1.00 14.89 ? 13  THR A C   1 
ATOM   65   O O   . THR A 1 14  ? 1.787   3.865   16.969  1.00 14.78 ? 13  THR A O   1 
ATOM   66   C CB  . THR A 1 14  ? 0.884   4.204   14.060  1.00 13.38 ? 13  THR A CB  1 
ATOM   67   O OG1 . THR A 1 14  ? -0.489  4.602   14.144  1.00 14.48 ? 13  THR A OG1 1 
ATOM   68   C CG2 . THR A 1 14  ? 1.262   4.002   12.603  1.00 11.36 ? 13  THR A CG2 1 
ATOM   69   N N   . ALA A 1 15  ? -0.183  2.775   16.934  1.00 14.38 ? 14  ALA A N   1 
ATOM   70   C CA  . ALA A 1 15  ? -0.466  3.028   18.346  1.00 16.66 ? 14  ALA A CA  1 
ATOM   71   C C   . ALA A 1 15  ? 0.439   2.188   19.250  1.00 16.92 ? 14  ALA A C   1 
ATOM   72   O O   . ALA A 1 15  ? 0.291   0.968   19.335  1.00 16.10 ? 14  ALA A O   1 
ATOM   73   C CB  . ALA A 1 15  ? -1.942  2.736   18.647  1.00 16.01 ? 14  ALA A CB  1 
ATOM   74   N N   . GLY A 1 16  ? 1.375   2.855   19.921  1.00 18.55 ? 15  GLY A N   1 
ATOM   75   C CA  . GLY A 1 16  ? 2.303   2.160   20.795  1.00 19.49 ? 15  GLY A CA  1 
ATOM   76   C C   . GLY A 1 16  ? 3.357   1.398   20.008  1.00 19.76 ? 15  GLY A C   1 
ATOM   77   O O   . GLY A 1 16  ? 3.898   0.400   20.485  1.00 21.13 ? 15  GLY A O   1 
ATOM   78   N N   . ALA A 1 17  ? 3.658   1.877   18.805  1.00 17.57 ? 16  ALA A N   1 
ATOM   79   C CA  . ALA A 1 17  ? 4.641   1.234   17.941  1.00 16.57 ? 16  ALA A CA  1 
ATOM   80   C C   . ALA A 1 17  ? 6.074   1.353   18.455  1.00 16.63 ? 16  ALA A C   1 
ATOM   81   O O   . ALA A 1 17  ? 6.486   2.399   18.962  1.00 16.98 ? 16  ALA A O   1 
ATOM   82   C CB  . ALA A 1 17  ? 4.552   1.815   16.530  1.00 14.74 ? 16  ALA A CB  1 
ATOM   83   N N   . THR A 1 18  ? 6.830   0.271   18.303  1.00 15.61 ? 17  THR A N   1 
ATOM   84   C CA  . THR A 1 18  ? 8.228   0.228   18.724  1.00 16.58 ? 17  THR A CA  1 
ATOM   85   C C   . THR A 1 18  ? 9.059   -0.266  17.542  1.00 16.85 ? 17  THR A C   1 
ATOM   86   O O   . THR A 1 18  ? 8.516   -0.786  16.562  1.00 17.10 ? 17  THR A O   1 
ATOM   87   C CB  . THR A 1 18  ? 8.426   -0.749  19.897  1.00 17.06 ? 17  THR A CB  1 
ATOM   88   O OG1 . THR A 1 18  ? 8.110   -2.079  19.463  1.00 15.16 ? 17  THR A OG1 1 
ATOM   89   C CG2 . THR A 1 18  ? 7.531   -0.371  21.068  1.00 16.13 ? 17  THR A CG2 1 
ATOM   90   N N   . VAL A 1 19  ? 10.375  -0.113  17.629  1.00 17.45 ? 18  VAL A N   1 
ATOM   91   C CA  . VAL A 1 19  ? 11.240  -0.562  16.548  1.00 17.78 ? 18  VAL A CA  1 
ATOM   92   C C   . VAL A 1 19  ? 11.038  -2.060  16.332  1.00 16.51 ? 18  VAL A C   1 
ATOM   93   O O   . VAL A 1 19  ? 11.079  -2.547  15.203  1.00 17.55 ? 18  VAL A O   1 
ATOM   94   C CB  . VAL A 1 19  ? 12.722  -0.284  16.865  1.00 19.17 ? 18  VAL A CB  1 
ATOM   95   C CG1 . VAL A 1 19  ? 13.598  -0.734  15.706  1.00 20.67 ? 18  VAL A CG1 1 
ATOM   96   C CG2 . VAL A 1 19  ? 12.922  1.205   17.129  1.00 21.61 ? 18  VAL A CG2 1 
ATOM   97   N N   . GLN A 1 20  ? 10.795  -2.776  17.423  1.00 16.64 ? 19  GLN A N   1 
ATOM   98   C CA  . GLN A 1 20  ? 10.582  -4.221  17.385  1.00 17.00 ? 19  GLN A CA  1 
ATOM   99   C C   . GLN A 1 20  ? 9.272   -4.626  16.701  1.00 16.07 ? 19  GLN A C   1 
ATOM   100  O O   . GLN A 1 20  ? 9.260   -5.558  15.892  1.00 16.96 ? 19  GLN A O   1 
ATOM   101  C CB  . GLN A 1 20  ? 10.618  -4.788  18.808  1.00 18.90 ? 19  GLN A CB  1 
ATOM   102  C CG  . GLN A 1 20  ? 10.312  -6.278  18.899  1.00 24.42 ? 19  GLN A CG  1 
ATOM   103  C CD  . GLN A 1 20  ? 11.344  -7.143  18.187  1.00 35.88 ? 19  GLN A CD  1 
ATOM   104  O OE1 . GLN A 1 20  ? 11.508  -7.065  16.968  1.00 38.82 ? 19  GLN A OE1 1 
ATOM   105  N NE2 . GLN A 1 20  ? 12.046  -7.976  18.952  1.00 39.48 ? 19  GLN A NE2 1 
ATOM   106  N N   . SER A 1 21  ? 8.170   -3.944  17.020  1.00 13.68 ? 20  SER A N   1 
ATOM   107  C CA  . SER A 1 21  ? 6.894   -4.280  16.390  1.00 12.11 ? 20  SER A CA  1 
ATOM   108  C C   . SER A 1 21  ? 6.940   -3.924  14.899  1.00 12.44 ? 20  SER A C   1 
ATOM   109  O O   . SER A 1 21  ? 6.402   -4.645  14.066  1.00 11.36 ? 20  SER A O   1 
ATOM   110  C CB  . SER A 1 21  ? 5.717   -3.561  17.079  1.00 10.14 ? 20  SER A CB  1 
ATOM   111  O OG  . SER A 1 21  ? 5.718   -2.162  16.844  1.00 9.72  ? 20  SER A OG  1 
ATOM   112  N N   . TYR A 1 22  ? 7.596   -2.820  14.562  1.00 11.56 ? 21  TYR A N   1 
ATOM   113  C CA  . TYR A 1 22  ? 7.704   -2.413  13.165  1.00 12.97 ? 21  TYR A CA  1 
ATOM   114  C C   . TYR A 1 22  ? 8.571   -3.406  12.380  1.00 13.48 ? 21  TYR A C   1 
ATOM   115  O O   . TYR A 1 22  ? 8.244   -3.754  11.246  1.00 13.14 ? 21  TYR A O   1 
ATOM   116  C CB  . TYR A 1 22  ? 8.307   -1.008  13.059  1.00 12.23 ? 21  TYR A CB  1 
ATOM   117  C CG  . TYR A 1 22  ? 8.657   -0.598  11.644  1.00 14.43 ? 21  TYR A CG  1 
ATOM   118  C CD1 . TYR A 1 22  ? 7.663   -0.334  10.706  1.00 11.94 ? 21  TYR A CD1 1 
ATOM   119  C CD2 . TYR A 1 22  ? 9.991   -0.491  11.241  1.00 13.53 ? 21  TYR A CD2 1 
ATOM   120  C CE1 . TYR A 1 22  ? 7.982   0.029   9.396   1.00 15.00 ? 21  TYR A CE1 1 
ATOM   121  C CE2 . TYR A 1 22  ? 10.325  -0.125  9.935   1.00 12.92 ? 21  TYR A CE2 1 
ATOM   122  C CZ  . TYR A 1 22  ? 9.315   0.134   9.017   1.00 14.02 ? 21  TYR A CZ  1 
ATOM   123  O OH  . TYR A 1 22  ? 9.632   0.519   7.733   1.00 13.88 ? 21  TYR A OH  1 
ATOM   124  N N   . THR A 1 23  ? 9.666   -3.861  12.989  1.00 13.91 ? 22  THR A N   1 
ATOM   125  C CA  . THR A 1 23  ? 10.569  -4.808  12.337  1.00 14.00 ? 22  THR A CA  1 
ATOM   126  C C   . THR A 1 23  ? 9.927   -6.179  12.126  1.00 14.15 ? 22  THR A C   1 
ATOM   127  O O   . THR A 1 23  ? 10.106  -6.792  11.077  1.00 12.99 ? 22  THR A O   1 
ATOM   128  C CB  . THR A 1 23  ? 11.886  -4.978  13.145  1.00 16.18 ? 22  THR A CB  1 
ATOM   129  O OG1 . THR A 1 23  ? 12.606  -3.737  13.159  1.00 17.94 ? 22  THR A OG1 1 
ATOM   130  C CG2 . THR A 1 23  ? 12.770  -6.055  12.516  1.00 16.18 ? 22  THR A CG2 1 
ATOM   131  N N   . ASN A 1 24  ? 9.180   -6.668  13.112  1.00 13.85 ? 23  ASN A N   1 
ATOM   132  C CA  . ASN A 1 24  ? 8.519   -7.967  12.962  1.00 14.01 ? 23  ASN A CA  1 
ATOM   133  C C   . ASN A 1 24  ? 7.455   -7.867  11.870  1.00 13.67 ? 23  ASN A C   1 
ATOM   134  O O   . ASN A 1 24  ? 7.169   -8.844  11.172  1.00 12.84 ? 23  ASN A O   1 
ATOM   135  C CB  . ASN A 1 24  ? 7.861   -8.409  14.273  1.00 14.75 ? 23  ASN A CB  1 
ATOM   136  C CG  . ASN A 1 24  ? 8.876   -8.701  15.362  1.00 18.27 ? 23  ASN A CG  1 
ATOM   137  O OD1 . ASN A 1 24  ? 9.961   -9.224  15.094  1.00 20.02 ? 23  ASN A OD1 1 
ATOM   138  N ND2 . ASN A 1 24  ? 8.522   -8.381  16.600  1.00 24.28 ? 23  ASN A ND2 1 
ATOM   139  N N   . PHE A 1 25  ? 6.872   -6.675  11.737  1.00 10.97 ? 24  PHE A N   1 
ATOM   140  C CA  . PHE A 1 25  ? 5.854   -6.424  10.723  1.00 12.25 ? 24  PHE A CA  1 
ATOM   141  C C   . PHE A 1 25  ? 6.470   -6.552  9.326   1.00 11.18 ? 24  PHE A C   1 
ATOM   142  O O   . PHE A 1 25  ? 5.958   -7.284  8.474   1.00 12.29 ? 24  PHE A O   1 
ATOM   143  C CB  . PHE A 1 25  ? 5.252   -5.028  10.932  1.00 11.74 ? 24  PHE A CB  1 
ATOM   144  C CG  . PHE A 1 25  ? 4.482   -4.504  9.749   1.00 13.49 ? 24  PHE A CG  1 
ATOM   145  C CD1 . PHE A 1 25  ? 3.526   -5.290  9.111   1.00 14.21 ? 24  PHE A CD1 1 
ATOM   146  C CD2 . PHE A 1 25  ? 4.694   -3.206  9.290   1.00 13.10 ? 24  PHE A CD2 1 
ATOM   147  C CE1 . PHE A 1 25  ? 2.795   -4.791  8.040   1.00 13.86 ? 24  PHE A CE1 1 
ATOM   148  C CE2 . PHE A 1 25  ? 3.965   -2.699  8.220   1.00 12.43 ? 24  PHE A CE2 1 
ATOM   149  C CZ  . PHE A 1 25  ? 3.015   -3.490  7.594   1.00 10.36 ? 24  PHE A CZ  1 
ATOM   150  N N   . ILE A 1 26  ? 7.575   -5.848  9.099   1.00 10.35 ? 25  ILE A N   1 
ATOM   151  C CA  . ILE A 1 26  ? 8.263   -5.896  7.809   1.00 10.59 ? 25  ILE A CA  1 
ATOM   152  C C   . ILE A 1 26  ? 8.777   -7.314  7.494   1.00 11.88 ? 25  ILE A C   1 
ATOM   153  O O   . ILE A 1 26  ? 8.746   -7.746  6.342   1.00 11.80 ? 25  ILE A O   1 
ATOM   154  C CB  . ILE A 1 26  ? 9.456   -4.902  7.773   1.00 11.24 ? 25  ILE A CB  1 
ATOM   155  C CG1 . ILE A 1 26  ? 8.968   -3.472  8.075   1.00 6.97  ? 25  ILE A CG1 1 
ATOM   156  C CG2 . ILE A 1 26  ? 10.142  -4.966  6.423   1.00 9.84  ? 25  ILE A CG2 1 
ATOM   157  C CD1 . ILE A 1 26  ? 7.859   -2.959  7.151   1.00 6.86  ? 25  ILE A CD1 1 
ATOM   158  N N   . ARG A 1 27  ? 9.255   -8.031  8.512   1.00 12.40 ? 26  ARG A N   1 
ATOM   159  C CA  . ARG A 1 27  ? 9.745   -9.397  8.313   1.00 15.73 ? 26  ARG A CA  1 
ATOM   160  C C   . ARG A 1 27  ? 8.608   -10.304 7.835   1.00 14.60 ? 26  ARG A C   1 
ATOM   161  O O   . ARG A 1 27  ? 8.808   -11.171 6.982   1.00 15.05 ? 26  ARG A O   1 
ATOM   162  C CB  . ARG A 1 27  ? 10.344  -9.960  9.609   1.00 15.07 ? 26  ARG A CB  1 
ATOM   163  C CG  . ARG A 1 27  ? 11.713  -9.395  9.958   1.00 22.03 ? 26  ARG A CG  1 
ATOM   164  C CD  . ARG A 1 27  ? 12.306  -10.044 11.213  1.00 23.17 ? 26  ARG A CD  1 
ATOM   165  N NE  . ARG A 1 27  ? 12.360  -11.504 11.119  1.00 37.51 ? 26  ARG A NE  1 
ATOM   166  C CZ  . ARG A 1 27  ? 11.459  -12.327 11.649  1.00 41.99 ? 26  ARG A CZ  1 
ATOM   167  N NH1 . ARG A 1 27  ? 11.591  -13.640 11.506  1.00 45.28 ? 26  ARG A NH1 1 
ATOM   168  N NH2 . ARG A 1 27  ? 10.432  -11.842 12.338  1.00 45.04 ? 26  ARG A NH2 1 
ATOM   169  N N   . ALA A 1 28  ? 7.417   -10.093 8.388   1.00 13.25 ? 27  ALA A N   1 
ATOM   170  C CA  . ALA A 1 28  ? 6.243   -10.877 8.011   1.00 14.28 ? 27  ALA A CA  1 
ATOM   171  C C   . ALA A 1 28  ? 5.905   -10.656 6.534   1.00 14.37 ? 27  ALA A C   1 
ATOM   172  O O   . ALA A 1 28  ? 5.581   -11.601 5.819   1.00 14.05 ? 27  ALA A O   1 
ATOM   173  C CB  . ALA A 1 28  ? 5.056   -10.492 8.880   1.00 14.04 ? 27  ALA A CB  1 
ATOM   174  N N   . VAL A 1 29  ? 5.974   -9.402  6.088   1.00 14.66 ? 28  VAL A N   1 
ATOM   175  C CA  . VAL A 1 29  ? 5.695   -9.066  4.691   1.00 13.45 ? 28  VAL A CA  1 
ATOM   176  C C   . VAL A 1 29  ? 6.769   -9.687  3.796   1.00 14.57 ? 28  VAL A C   1 
ATOM   177  O O   . VAL A 1 29  ? 6.461   -10.324 2.789   1.00 14.45 ? 28  VAL A O   1 
ATOM   178  C CB  . VAL A 1 29  ? 5.679   -7.523  4.462   1.00 13.22 ? 28  VAL A CB  1 
ATOM   179  C CG1 . VAL A 1 29  ? 5.571   -7.212  2.973   1.00 12.57 ? 28  VAL A CG1 1 
ATOM   180  C CG2 . VAL A 1 29  ? 4.497   -6.889  5.208   1.00 12.25 ? 28  VAL A CG2 1 
ATOM   181  N N   . ARG A 1 30  ? 8.030   -9.502  4.168   1.00 15.60 ? 29  ARG A N   1 
ATOM   182  C CA  . ARG A 1 30  ? 9.134   -10.052 3.388   1.00 17.66 ? 29  ARG A CA  1 
ATOM   183  C C   . ARG A 1 30  ? 8.993   -11.566 3.226   1.00 17.87 ? 29  ARG A C   1 
ATOM   184  O O   . ARG A 1 30  ? 9.315   -12.119 2.175   1.00 17.38 ? 29  ARG A O   1 
ATOM   185  C CB  . ARG A 1 30  ? 10.473  -9.735  4.062   1.00 17.82 ? 29  ARG A CB  1 
ATOM   186  C CG  . ARG A 1 30  ? 11.673  -10.382 3.385   1.00 22.55 ? 29  ARG A CG  1 
ATOM   187  C CD  . ARG A 1 30  ? 12.547  -11.081 4.402   1.00 31.90 ? 29  ARG A CD  1 
ATOM   188  N NE  . ARG A 1 30  ? 13.112  -10.137 5.358   1.00 40.55 ? 29  ARG A NE  1 
ATOM   189  C CZ  . ARG A 1 30  ? 13.598  -10.482 6.547   1.00 44.95 ? 29  ARG A CZ  1 
ATOM   190  N NH1 . ARG A 1 30  ? 13.584  -11.754 6.925   1.00 44.88 ? 29  ARG A NH1 1 
ATOM   191  N NH2 . ARG A 1 30  ? 14.100  -9.556  7.356   1.00 41.53 ? 29  ARG A NH2 1 
ATOM   192  N N   . GLY A 1 31  ? 8.506   -12.232 4.269   1.00 17.90 ? 30  GLY A N   1 
ATOM   193  C CA  . GLY A 1 31  ? 8.340   -13.676 4.220   1.00 19.07 ? 30  GLY A CA  1 
ATOM   194  C C   . GLY A 1 31  ? 7.243   -14.184 3.298   1.00 20.30 ? 30  GLY A C   1 
ATOM   195  O O   . GLY A 1 31  ? 7.178   -15.379 3.003   1.00 20.33 ? 30  GLY A O   1 
ATOM   196  N N   . ARG A 1 32  ? 6.372   -13.293 2.838   1.00 20.91 ? 31  ARG A N   1 
ATOM   197  C CA  . ARG A 1 32  ? 5.292   -13.701 1.946   1.00 22.09 ? 31  ARG A CA  1 
ATOM   198  C C   . ARG A 1 32  ? 5.591   -13.323 0.503   1.00 21.24 ? 31  ARG A C   1 
ATOM   199  O O   . ARG A 1 32  ? 4.777   -13.558 -0.390  1.00 21.94 ? 31  ARG A O   1 
ATOM   200  C CB  . ARG A 1 32  ? 3.967   -13.065 2.375   1.00 22.67 ? 31  ARG A CB  1 
ATOM   201  C CG  . ARG A 1 32  ? 2.972   -14.042 2.997   1.00 27.58 ? 31  ARG A CG  1 
ATOM   202  C CD  . ARG A 1 32  ? 2.943   -13.942 4.511   1.00 36.27 ? 31  ARG A CD  1 
ATOM   203  N NE  . ARG A 1 32  ? 4.274   -14.075 5.097   1.00 43.99 ? 31  ARG A NE  1 
ATOM   204  C CZ  . ARG A 1 32  ? 4.517   -14.099 6.406   1.00 43.73 ? 31  ARG A CZ  1 
ATOM   205  N NH1 . ARG A 1 32  ? 5.761   -14.220 6.845   1.00 44.71 ? 31  ARG A NH1 1 
ATOM   206  N NH2 . ARG A 1 32  ? 3.516   -14.005 7.272   1.00 44.78 ? 31  ARG A NH2 1 
ATOM   207  N N   . LEU A 1 33  ? 6.764   -12.743 0.282   1.00 20.29 ? 32  LEU A N   1 
ATOM   208  C CA  . LEU A 1 33  ? 7.182   -12.308 -1.048  1.00 20.74 ? 32  LEU A CA  1 
ATOM   209  C C   . LEU A 1 33  ? 7.806   -13.418 -1.900  1.00 22.44 ? 32  LEU A C   1 
ATOM   210  O O   . LEU A 1 33  ? 8.290   -14.426 -1.385  1.00 21.22 ? 32  LEU A O   1 
ATOM   211  C CB  . LEU A 1 33  ? 8.186   -11.154 -0.917  1.00 20.09 ? 32  LEU A CB  1 
ATOM   212  C CG  . LEU A 1 33  ? 7.755   -9.693  -1.111  1.00 21.17 ? 32  LEU A CG  1 
ATOM   213  C CD1 . LEU A 1 33  ? 6.353   -9.454  -0.591  1.00 21.04 ? 32  LEU A CD1 1 
ATOM   214  C CD2 . LEU A 1 33  ? 8.763   -8.791  -0.414  1.00 19.85 ? 32  LEU A CD2 1 
ATOM   215  N N   . THR A 1 34  ? 7.779   -13.211 -3.211  1.00 23.62 ? 33  THR A N   1 
ATOM   216  C CA  . THR A 1 34  ? 8.359   -14.131 -4.180  1.00 26.34 ? 33  THR A CA  1 
ATOM   217  C C   . THR A 1 34  ? 8.708   -13.262 -5.380  1.00 27.65 ? 33  THR A C   1 
ATOM   218  O O   . THR A 1 34  ? 8.054   -13.315 -6.422  1.00 27.00 ? 33  THR A O   1 
ATOM   219  C CB  . THR A 1 34  ? 7.363   -15.228 -4.618  1.00 26.96 ? 33  THR A CB  1 
ATOM   220  O OG1 . THR A 1 34  ? 6.966   -16.002 -3.480  1.00 27.84 ? 33  THR A OG1 1 
ATOM   221  C CG2 . THR A 1 34  ? 8.020   -16.158 -5.636  1.00 28.93 ? 33  THR A CG2 1 
ATOM   222  N N   . VAL A 1 35  ? 9.740   -12.444 -5.214  1.00 29.45 ? 44  VAL A N   1 
ATOM   223  C CA  . VAL A 1 35  ? 10.168  -11.528 -6.259  1.00 32.58 ? 44  VAL A CA  1 
ATOM   224  C C   . VAL A 1 35  ? 10.501  -12.246 -7.559  1.00 35.38 ? 44  VAL A C   1 
ATOM   225  O O   . VAL A 1 35  ? 11.337  -13.149 -7.589  1.00 35.77 ? 44  VAL A O   1 
ATOM   226  C CB  . VAL A 1 35  ? 11.382  -10.703 -5.793  1.00 32.18 ? 44  VAL A CB  1 
ATOM   227  C CG1 . VAL A 1 35  ? 11.767  -9.696  -6.859  1.00 32.59 ? 44  VAL A CG1 1 
ATOM   228  C CG2 . VAL A 1 35  ? 11.045  -9.995  -4.493  1.00 30.04 ? 44  VAL A CG2 1 
ATOM   229  N N   . LEU A 1 36  ? 9.824   -11.840 -8.628  1.00 38.38 ? 45  LEU A N   1 
ATOM   230  C CA  . LEU A 1 36  ? 10.028  -12.426 -9.947  1.00 41.90 ? 45  LEU A CA  1 
ATOM   231  C C   . LEU A 1 36  ? 10.092  -11.330 -11.004 1.00 44.78 ? 45  LEU A C   1 
ATOM   232  O O   . LEU A 1 36  ? 9.627   -10.212 -10.780 1.00 45.61 ? 45  LEU A O   1 
ATOM   233  C CB  . LEU A 1 36  ? 8.890   -13.397 -10.281 1.00 41.49 ? 45  LEU A CB  1 
ATOM   234  C CG  . LEU A 1 36  ? 8.760   -14.636 -9.391  1.00 41.86 ? 45  LEU A CG  1 
ATOM   235  C CD1 . LEU A 1 36  ? 7.577   -15.471 -9.847  1.00 40.54 ? 45  LEU A CD1 1 
ATOM   236  C CD2 . LEU A 1 36  ? 10.043  -15.447 -9.454  1.00 43.02 ? 45  LEU A CD2 1 
ATOM   237  N N   . PRO A 1 37  ? 10.678  -11.637 -12.172 1.00 47.86 ? 46  PRO A N   1 
ATOM   238  C CA  . PRO A 1 37  ? 10.792  -10.658 -13.258 1.00 50.24 ? 46  PRO A CA  1 
ATOM   239  C C   . PRO A 1 37  ? 9.424   -10.186 -13.754 1.00 52.64 ? 46  PRO A C   1 
ATOM   240  O O   . PRO A 1 37  ? 9.133   -8.989  -13.751 1.00 53.44 ? 46  PRO A O   1 
ATOM   241  C CB  . PRO A 1 37  ? 11.563  -11.423 -14.329 1.00 49.95 ? 46  PRO A CB  1 
ATOM   242  C CG  . PRO A 1 37  ? 12.402  -12.375 -13.530 1.00 49.43 ? 46  PRO A CG  1 
ATOM   243  C CD  . PRO A 1 37  ? 11.420  -12.868 -12.498 1.00 47.94 ? 46  PRO A CD  1 
ATOM   244  N N   . ASN A 1 38  ? 8.597   -11.137 -14.182 1.00 55.03 ? 47  ASN A N   1 
ATOM   245  C CA  . ASN A 1 38  ? 7.253   -10.846 -14.677 1.00 57.60 ? 47  ASN A CA  1 
ATOM   246  C C   . ASN A 1 38  ? 6.217   -11.037 -13.567 1.00 58.78 ? 47  ASN A C   1 
ATOM   247  O O   . ASN A 1 38  ? 6.585   -11.163 -12.399 1.00 59.13 ? 47  ASN A O   1 
ATOM   248  C CB  . ASN A 1 38  ? 6.935   -11.739 -15.885 1.00 58.01 ? 47  ASN A CB  1 
ATOM   249  C CG  . ASN A 1 38  ? 7.391   -13.180 -15.694 1.00 60.06 ? 47  ASN A CG  1 
ATOM   250  O OD1 . ASN A 1 38  ? 7.439   -13.957 -16.652 1.00 60.67 ? 47  ASN A OD1 1 
ATOM   251  N ND2 . ASN A 1 38  ? 7.721   -13.545 -14.457 1.00 61.77 ? 47  ASN A ND2 1 
ATOM   252  N N   . ARG A 1 39  ? 4.932   -11.066 -13.911 1.00 60.17 ? 48  ARG A N   1 
ATOM   253  C CA  . ARG A 1 39  ? 3.917   -11.217 -12.871 1.00 61.41 ? 48  ARG A CA  1 
ATOM   254  C C   . ARG A 1 39  ? 2.621   -11.980 -13.156 1.00 61.70 ? 48  ARG A C   1 
ATOM   255  O O   . ARG A 1 39  ? 1.756   -12.059 -12.284 1.00 61.79 ? 48  ARG A O   1 
ATOM   256  C CB  . ARG A 1 39  ? 3.586   -9.837  -12.297 1.00 61.93 ? 48  ARG A CB  1 
ATOM   257  C CG  . ARG A 1 39  ? 3.693   -8.712  -13.307 1.00 63.01 ? 48  ARG A CG  1 
ATOM   258  C CD  . ARG A 1 39  ? 3.814   -7.366  -12.618 1.00 66.47 ? 48  ARG A CD  1 
ATOM   259  N NE  . ARG A 1 39  ? 4.207   -6.320  -13.557 1.00 69.97 ? 48  ARG A NE  1 
ATOM   260  C CZ  . ARG A 1 39  ? 4.457   -5.061  -13.216 1.00 72.26 ? 48  ARG A CZ  1 
ATOM   261  N NH1 . ARG A 1 39  ? 4.357   -4.681  -11.949 1.00 73.20 ? 48  ARG A NH1 1 
ATOM   262  N NH2 . ARG A 1 39  ? 4.814   -4.183  -14.143 1.00 72.64 ? 48  ARG A NH2 1 
ATOM   263  N N   . CYS A 1 40  ? 2.465   -12.543 -14.351 1.00 62.23 ? 49  CYS A N   1 
ATOM   264  C CA  . CYS A 1 40  ? 1.255   -13.316 -14.634 1.00 62.08 ? 49  CYS A CA  1 
ATOM   265  C C   . CYS A 1 40  ? 1.578   -14.767 -14.289 1.00 61.14 ? 49  CYS A C   1 
ATOM   266  O O   . CYS A 1 40  ? 0.712   -15.640 -14.338 1.00 61.49 ? 49  CYS A O   1 
ATOM   267  C CB  . CYS A 1 40  ? 0.868   -13.247 -16.115 1.00 62.56 ? 49  CYS A CB  1 
ATOM   268  S SG  . CYS A 1 40  ? 0.866   -11.604 -16.901 1.00 66.46 ? 49  CYS A SG  1 
ATOM   269  N N   . GLY A 1 41  ? 2.838   -15.009 -13.937 1.00 59.87 ? 50  GLY A N   1 
ATOM   270  C CA  . GLY A 1 41  ? 3.289   -16.351 -13.612 1.00 57.97 ? 50  GLY A CA  1 
ATOM   271  C C   . GLY A 1 41  ? 2.821   -16.962 -12.304 1.00 56.43 ? 50  GLY A C   1 
ATOM   272  O O   . GLY A 1 41  ? 3.332   -18.007 -11.898 1.00 57.15 ? 50  GLY A O   1 
ATOM   273  N N   . LEU A 1 42  ? 1.861   -16.324 -11.640 1.00 54.22 ? 51  LEU A N   1 
ATOM   274  C CA  . LEU A 1 42  ? 1.336   -16.841 -10.376 1.00 51.32 ? 51  LEU A CA  1 
ATOM   275  C C   . LEU A 1 42  ? -0.184  -16.831 -10.374 1.00 49.66 ? 51  LEU A C   1 
ATOM   276  O O   . LEU A 1 42  ? -0.805  -15.874 -10.834 1.00 48.78 ? 51  LEU A O   1 
ATOM   277  C CB  . LEU A 1 42  ? 1.831   -16.005 -9.192  1.00 50.73 ? 51  LEU A CB  1 
ATOM   278  C CG  . LEU A 1 42  ? 3.297   -16.086 -8.762  1.00 49.75 ? 51  LEU A CG  1 
ATOM   279  C CD1 . LEU A 1 42  ? 3.511   -15.147 -7.588  1.00 48.34 ? 51  LEU A CD1 1 
ATOM   280  C CD2 . LEU A 1 42  ? 3.660   -17.509 -8.373  1.00 48.42 ? 51  LEU A CD2 1 
ATOM   281  N N   . PRO A 1 43  ? -0.807  -17.897 -9.852  1.00 48.51 ? 52  PRO A N   1 
ATOM   282  C CA  . PRO A 1 43  ? -2.270  -17.938 -9.818  1.00 47.24 ? 52  PRO A CA  1 
ATOM   283  C C   . PRO A 1 43  ? -2.815  -16.803 -8.949  1.00 46.34 ? 52  PRO A C   1 
ATOM   284  O O   . PRO A 1 43  ? -2.292  -16.527 -7.868  1.00 45.67 ? 52  PRO A O   1 
ATOM   285  C CB  . PRO A 1 43  ? -2.562  -19.323 -9.246  1.00 47.35 ? 52  PRO A CB  1 
ATOM   286  C CG  . PRO A 1 43  ? -1.379  -19.583 -8.369  1.00 47.37 ? 52  PRO A CG  1 
ATOM   287  C CD  . PRO A 1 43  ? -0.233  -19.099 -9.221  1.00 48.12 ? 52  PRO A CD  1 
ATOM   288  N N   . ILE A 1 44  ? -3.859  -16.144 -9.442  1.00 45.59 ? 53  ILE A N   1 
ATOM   289  C CA  . ILE A 1 44  ? -4.481  -15.026 -8.742  1.00 45.29 ? 53  ILE A CA  1 
ATOM   290  C C   . ILE A 1 44  ? -4.768  -15.299 -7.267  1.00 44.44 ? 53  ILE A C   1 
ATOM   291  O O   . ILE A 1 44  ? -4.816  -14.369 -6.462  1.00 44.74 ? 53  ILE A O   1 
ATOM   292  C CB  . ILE A 1 44  ? -5.805  -14.608 -9.433  1.00 45.23 ? 53  ILE A CB  1 
ATOM   293  C CG1 . ILE A 1 44  ? -5.525  -14.166 -10.872 1.00 46.08 ? 53  ILE A CG1 1 
ATOM   294  C CG2 . ILE A 1 44  ? -6.470  -13.471 -8.656  1.00 45.41 ? 53  ILE A CG2 1 
ATOM   295  C CD1 . ILE A 1 44  ? -6.768  -13.760 -11.647 1.00 45.90 ? 53  ILE A CD1 1 
ATOM   296  N N   . ASN A 1 45  ? -4.956  -16.565 -6.907  1.00 42.92 ? 54  ASN A N   1 
ATOM   297  C CA  . ASN A 1 45  ? -5.249  -16.904 -5.518  1.00 41.99 ? 54  ASN A CA  1 
ATOM   298  C C   . ASN A 1 45  ? -4.073  -16.698 -4.561  1.00 40.32 ? 54  ASN A C   1 
ATOM   299  O O   . ASN A 1 45  ? -4.256  -16.698 -3.342  1.00 40.46 ? 54  ASN A O   1 
ATOM   300  C CB  . ASN A 1 45  ? -5.757  -18.350 -5.412  1.00 43.40 ? 54  ASN A CB  1 
ATOM   301  C CG  . ASN A 1 45  ? -4.809  -19.356 -6.037  1.00 46.26 ? 54  ASN A CG  1 
ATOM   302  O OD1 . ASN A 1 45  ? -4.630  -19.387 -7.255  1.00 50.55 ? 54  ASN A OD1 1 
ATOM   303  N ND2 . ASN A 1 45  ? -4.193  -20.188 -5.202  1.00 49.15 ? 54  ASN A ND2 1 
ATOM   304  N N   . GLN A 1 46  ? -2.869  -16.520 -5.103  1.00 37.67 ? 55  GLN A N   1 
ATOM   305  C CA  . GLN A 1 46  ? -1.689  -16.310 -4.266  1.00 34.90 ? 55  GLN A CA  1 
ATOM   306  C C   . GLN A 1 46  ? -0.796  -15.203 -4.825  1.00 31.77 ? 55  GLN A C   1 
ATOM   307  O O   . GLN A 1 46  ? 0.420   -15.216 -4.648  1.00 31.19 ? 55  GLN A O   1 
ATOM   308  C CB  . GLN A 1 46  ? -0.890  -17.613 -4.145  1.00 35.63 ? 55  GLN A CB  1 
ATOM   309  C CG  . GLN A 1 46  ? -0.417  -18.177 -5.473  1.00 39.73 ? 55  GLN A CG  1 
ATOM   310  C CD  . GLN A 1 46  ? 0.197   -19.561 -5.338  1.00 43.03 ? 55  GLN A CD  1 
ATOM   311  O OE1 . GLN A 1 46  ? -0.447  -20.494 -4.855  1.00 46.32 ? 55  GLN A OE1 1 
ATOM   312  N NE2 . GLN A 1 46  ? 1.446   -19.700 -5.769  1.00 42.95 ? 55  GLN A NE2 1 
ATOM   313  N N   . ARG A 1 47  ? -1.417  -14.231 -5.481  1.00 28.56 ? 56  ARG A N   1 
ATOM   314  C CA  . ARG A 1 47  ? -0.682  -13.135 -6.088  1.00 26.71 ? 56  ARG A CA  1 
ATOM   315  C C   . ARG A 1 47  ? -0.603  -11.899 -5.186  1.00 24.30 ? 56  ARG A C   1 
ATOM   316  O O   . ARG A 1 47  ? 0.248   -11.030 -5.388  1.00 22.25 ? 56  ARG A O   1 
ATOM   317  C CB  . ARG A 1 47  ? -1.349  -12.780 -7.419  1.00 27.68 ? 56  ARG A CB  1 
ATOM   318  C CG  . ARG A 1 47  ? -0.466  -12.041 -8.419  1.00 32.48 ? 56  ARG A CG  1 
ATOM   319  C CD  . ARG A 1 47  ? -0.351  -10.564 -8.093  1.00 42.06 ? 56  ARG A CD  1 
ATOM   320  N NE  . ARG A 1 47  ? 0.437   -9.849  -9.093  1.00 47.13 ? 56  ARG A NE  1 
ATOM   321  C CZ  . ARG A 1 47  ? 0.115   -9.767  -10.380 1.00 48.91 ? 56  ARG A CZ  1 
ATOM   322  N NH1 . ARG A 1 47  ? -0.984  -10.357 -10.835 1.00 48.50 ? 56  ARG A NH1 1 
ATOM   323  N NH2 . ARG A 1 47  ? 0.895   -9.095  -11.212 1.00 51.24 ? 56  ARG A NH2 1 
ATOM   324  N N   . PHE A 1 48  ? -1.475  -11.829 -4.180  1.00 21.44 ? 57  PHE A N   1 
ATOM   325  C CA  . PHE A 1 48  ? -1.500  -10.672 -3.290  1.00 20.90 ? 57  PHE A CA  1 
ATOM   326  C C   . PHE A 1 48  ? -1.380  -10.953 -1.796  1.00 19.98 ? 57  PHE A C   1 
ATOM   327  O O   . PHE A 1 48  ? -1.699  -12.041 -1.313  1.00 19.84 ? 57  PHE A O   1 
ATOM   328  C CB  . PHE A 1 48  ? -2.788  -9.873  -3.504  1.00 20.17 ? 57  PHE A CB  1 
ATOM   329  C CG  . PHE A 1 48  ? -2.973  -9.366  -4.903  1.00 19.66 ? 57  PHE A CG  1 
ATOM   330  C CD1 . PHE A 1 48  ? -2.086  -8.444  -5.447  1.00 17.12 ? 57  PHE A CD1 1 
ATOM   331  C CD2 . PHE A 1 48  ? -4.056  -9.789  -5.667  1.00 16.94 ? 57  PHE A CD2 1 
ATOM   332  C CE1 . PHE A 1 48  ? -2.279  -7.948  -6.734  1.00 17.54 ? 57  PHE A CE1 1 
ATOM   333  C CE2 . PHE A 1 48  ? -4.259  -9.300  -6.954  1.00 16.78 ? 57  PHE A CE2 1 
ATOM   334  C CZ  . PHE A 1 48  ? -3.369  -8.376  -7.488  1.00 17.50 ? 57  PHE A CZ  1 
ATOM   335  N N   . ILE A 1 49  ? -0.929  -9.930  -1.080  1.00 19.70 ? 58  ILE A N   1 
ATOM   336  C CA  . ILE A 1 49  ? -0.784  -9.957  0.368   1.00 20.28 ? 58  ILE A CA  1 
ATOM   337  C C   . ILE A 1 49  ? -1.543  -8.728  0.882   1.00 18.59 ? 58  ILE A C   1 
ATOM   338  O O   . ILE A 1 49  ? -1.404  -7.626  0.346   1.00 16.92 ? 58  ILE A O   1 
ATOM   339  C CB  . ILE A 1 49  ? 0.717   -9.890  0.795   1.00 20.47 ? 58  ILE A CB  1 
ATOM   340  C CG1 . ILE A 1 49  ? 0.839   -9.344  2.216   1.00 22.93 ? 58  ILE A CG1 1 
ATOM   341  C CG2 . ILE A 1 49  ? 1.504   -9.036  -0.176  1.00 23.73 ? 58  ILE A CG2 1 
ATOM   342  C CD1 . ILE A 1 49  ? 2.272   -9.089  2.653   1.00 22.90 ? 58  ILE A CD1 1 
ATOM   343  N N   . LEU A 1 50  ? -2.365  -8.920  1.900   1.00 16.85 ? 59  LEU A N   1 
ATOM   344  C CA  . LEU A 1 50  ? -3.136  -7.817  2.446   1.00 15.02 ? 59  LEU A CA  1 
ATOM   345  C C   . LEU A 1 50  ? -2.501  -7.314  3.739   1.00 15.64 ? 59  LEU A C   1 
ATOM   346  O O   . LEU A 1 50  ? -2.145  -8.105  4.615   1.00 14.66 ? 59  LEU A O   1 
ATOM   347  C CB  . LEU A 1 50  ? -4.583  -8.261  2.691   1.00 15.13 ? 59  LEU A CB  1 
ATOM   348  C CG  . LEU A 1 50  ? -5.290  -8.887  1.477   1.00 13.59 ? 59  LEU A CG  1 
ATOM   349  C CD1 . LEU A 1 50  ? -6.733  -9.190  1.831   1.00 16.04 ? 59  LEU A CD1 1 
ATOM   350  C CD2 . LEU A 1 50  ? -5.233  -7.936  0.279   1.00 10.61 ? 59  LEU A CD2 1 
ATOM   351  N N   . VAL A 1 51  ? -2.352  -5.994  3.836   1.00 13.65 ? 60  VAL A N   1 
ATOM   352  C CA  . VAL A 1 51  ? -1.764  -5.349  5.004   1.00 14.13 ? 60  VAL A CA  1 
ATOM   353  C C   . VAL A 1 51  ? -2.758  -4.370  5.631   1.00 14.06 ? 60  VAL A C   1 
ATOM   354  O O   . VAL A 1 51  ? -3.049  -3.319  5.058   1.00 12.16 ? 60  VAL A O   1 
ATOM   355  C CB  . VAL A 1 51  ? -0.476  -4.577  4.619   1.00 14.24 ? 60  VAL A CB  1 
ATOM   356  C CG1 . VAL A 1 51  ? 0.005   -3.737  5.793   1.00 16.58 ? 60  VAL A CG1 1 
ATOM   357  C CG2 . VAL A 1 51  ? 0.610   -5.564  4.196   1.00 12.06 ? 60  VAL A CG2 1 
ATOM   358  N N   . GLU A 1 52  ? -3.275  -4.721  6.803   1.00 15.07 ? 61  GLU A N   1 
ATOM   359  C CA  . GLU A 1 52  ? -4.231  -3.867  7.489   1.00 15.06 ? 61  GLU A CA  1 
ATOM   360  C C   . GLU A 1 52  ? -3.535  -2.911  8.447   1.00 14.20 ? 61  GLU A C   1 
ATOM   361  O O   . GLU A 1 52  ? -2.908  -3.331  9.422   1.00 12.72 ? 61  GLU A O   1 
ATOM   362  C CB  . GLU A 1 52  ? -5.260  -4.715  8.244   1.00 15.94 ? 61  GLU A CB  1 
ATOM   363  C CG  . GLU A 1 52  ? -6.211  -3.892  9.106   1.00 20.92 ? 61  GLU A CG  1 
ATOM   364  C CD  . GLU A 1 52  ? -7.517  -4.612  9.402   1.00 31.48 ? 61  GLU A CD  1 
ATOM   365  O OE1 . GLU A 1 52  ? -8.308  -4.824  8.457   1.00 37.57 ? 61  GLU A OE1 1 
ATOM   366  O OE2 . GLU A 1 52  ? -7.754  -4.968  10.576  1.00 32.58 ? 61  GLU A OE2 1 
ATOM   367  N N   . LEU A 1 53  ? -3.651  -1.620  8.162   1.00 13.50 ? 62  LEU A N   1 
ATOM   368  C CA  . LEU A 1 53  ? -3.025  -0.591  8.987   1.00 13.80 ? 62  LEU A CA  1 
ATOM   369  C C   . LEU A 1 53  ? -4.058  0.137   9.840   1.00 14.49 ? 62  LEU A C   1 
ATOM   370  O O   . LEU A 1 53  ? -5.162  0.427   9.373   1.00 15.11 ? 62  LEU A O   1 
ATOM   371  C CB  . LEU A 1 53  ? -2.316  0.434   8.098   1.00 12.93 ? 62  LEU A CB  1 
ATOM   372  C CG  . LEU A 1 53  ? -1.197  -0.027  7.162   1.00 13.20 ? 62  LEU A CG  1 
ATOM   373  C CD1 . LEU A 1 53  ? -0.803  1.109   6.227   1.00 9.96  ? 62  LEU A CD1 1 
ATOM   374  C CD2 . LEU A 1 53  ? -0.002  -0.487  7.980   1.00 13.84 ? 62  LEU A CD2 1 
ATOM   375  N N   . SER A 1 54  ? -3.704  0.421   11.093  1.00 13.77 ? 63  SER A N   1 
ATOM   376  C CA  . SER A 1 54  ? -4.590  1.166   11.985  1.00 14.87 ? 63  SER A CA  1 
ATOM   377  C C   . SER A 1 54  ? -3.737  2.133   12.808  1.00 14.16 ? 63  SER A C   1 
ATOM   378  O O   . SER A 1 54  ? -2.565  1.866   13.069  1.00 13.44 ? 63  SER A O   1 
ATOM   379  C CB  . SER A 1 54  ? -5.382  0.219   12.900  1.00 15.46 ? 63  SER A CB  1 
ATOM   380  O OG  . SER A 1 54  ? -4.539  -0.477  13.796  1.00 22.58 ? 63  SER A OG  1 
ATOM   381  N N   . ASN A 1 55  ? -4.309  3.266   13.199  1.00 13.52 ? 64  ASN A N   1 
ATOM   382  C CA  . ASN A 1 55  ? -3.553  4.245   13.974  1.00 11.83 ? 64  ASN A CA  1 
ATOM   383  C C   . ASN A 1 55  ? -4.158  4.559   15.346  1.00 13.03 ? 64  ASN A C   1 
ATOM   384  O O   . ASN A 1 55  ? -5.005  3.819   15.850  1.00 12.97 ? 64  ASN A O   1 
ATOM   385  C CB  . ASN A 1 55  ? -3.396  5.533   13.165  1.00 10.78 ? 64  ASN A CB  1 
ATOM   386  C CG  . ASN A 1 55  ? -4.724  6.158   12.803  1.00 8.14  ? 64  ASN A CG  1 
ATOM   387  O OD1 . ASN A 1 55  ? -5.756  5.833   13.396  1.00 11.38 ? 64  ASN A OD1 1 
ATOM   388  N ND2 . ASN A 1 55  ? -4.707  7.072   11.835  1.00 7.51  ? 64  ASN A ND2 1 
ATOM   389  N N   . HIS A 1 56  ? -3.711  5.659   15.947  1.00 14.46 ? 65  HIS A N   1 
ATOM   390  C CA  . HIS A 1 56  ? -4.175  6.091   17.269  1.00 16.02 ? 65  HIS A CA  1 
ATOM   391  C C   . HIS A 1 56  ? -5.648  6.470   17.316  1.00 15.20 ? 65  HIS A C   1 
ATOM   392  O O   . HIS A 1 56  ? -6.291  6.347   18.358  1.00 15.63 ? 65  HIS A O   1 
ATOM   393  C CB  . HIS A 1 56  ? -3.342  7.281   17.754  1.00 18.55 ? 65  HIS A CB  1 
ATOM   394  C CG  . HIS A 1 56  ? -2.253  6.909   18.711  1.00 24.46 ? 65  HIS A CG  1 
ATOM   395  N ND1 . HIS A 1 56  ? -2.509  6.457   19.989  1.00 28.57 ? 65  HIS A ND1 1 
ATOM   396  C CD2 . HIS A 1 56  ? -0.903  6.924   18.579  1.00 27.92 ? 65  HIS A CD2 1 
ATOM   397  C CE1 . HIS A 1 56  ? -1.365  6.210   20.602  1.00 30.94 ? 65  HIS A CE1 1 
ATOM   398  N NE2 . HIS A 1 56  ? -0.375  6.484   19.768  1.00 28.27 ? 65  HIS A NE2 1 
ATOM   399  N N   . ALA A 1 57  ? -6.175  6.947   16.196  1.00 14.13 ? 66  ALA A N   1 
ATOM   400  C CA  . ALA A 1 57  ? -7.580  7.330   16.126  1.00 13.99 ? 66  ALA A CA  1 
ATOM   401  C C   . ALA A 1 57  ? -8.435  6.100   15.828  1.00 14.00 ? 66  ALA A C   1 
ATOM   402  O O   . ALA A 1 57  ? -9.639  6.209   15.623  1.00 15.36 ? 66  ALA A O   1 
ATOM   403  C CB  . ALA A 1 57  ? -7.783  8.394   15.046  1.00 13.02 ? 66  ALA A CB  1 
ATOM   404  N N   . GLU A 1 58  ? -7.798  4.931   15.802  1.00 13.23 ? 67  GLU A N   1 
ATOM   405  C CA  . GLU A 1 58  ? -8.481  3.668   15.539  1.00 13.46 ? 67  GLU A CA  1 
ATOM   406  C C   . GLU A 1 58  ? -9.027  3.542   14.112  1.00 13.26 ? 67  GLU A C   1 
ATOM   407  O O   . GLU A 1 58  ? -9.881  2.697   13.839  1.00 13.74 ? 67  GLU A O   1 
ATOM   408  C CB  . GLU A 1 58  ? -9.616  3.456   16.546  1.00 14.46 ? 67  GLU A CB  1 
ATOM   409  C CG  . GLU A 1 58  ? -9.188  3.551   18.013  1.00 14.69 ? 67  GLU A CG  1 
ATOM   410  C CD  . GLU A 1 58  ? -8.243  2.435   18.439  1.00 20.43 ? 67  GLU A CD  1 
ATOM   411  O OE1 . GLU A 1 58  ? -7.776  2.470   19.597  1.00 28.60 ? 67  GLU A OE1 1 
ATOM   412  O OE2 . GLU A 1 58  ? -7.969  1.522   17.630  1.00 21.39 ? 67  GLU A OE2 1 
ATOM   413  N N   . LEU A 1 59  ? -8.545  4.384   13.206  1.00 13.69 ? 68  LEU A N   1 
ATOM   414  C CA  . LEU A 1 59  ? -8.972  4.315   11.813  1.00 13.82 ? 68  LEU A CA  1 
ATOM   415  C C   . LEU A 1 59  ? -8.162  3.187   11.179  1.00 15.85 ? 68  LEU A C   1 
ATOM   416  O O   . LEU A 1 59  ? -7.017  2.942   11.567  1.00 16.02 ? 68  LEU A O   1 
ATOM   417  C CB  . LEU A 1 59  ? -8.691  5.641   11.096  1.00 14.10 ? 68  LEU A CB  1 
ATOM   418  C CG  . LEU A 1 59  ? -9.512  6.853   11.563  1.00 13.20 ? 68  LEU A CG  1 
ATOM   419  C CD1 . LEU A 1 59  ? -9.008  8.123   10.895  1.00 8.08  ? 68  LEU A CD1 1 
ATOM   420  C CD2 . LEU A 1 59  ? -10.982 6.627   11.237  1.00 10.08 ? 68  LEU A CD2 1 
ATOM   421  N N   . SER A 1 60  ? -8.750  2.500   10.208  1.00 16.22 ? 69  SER A N   1 
ATOM   422  C CA  . SER A 1 60  ? -8.063  1.389   9.561   1.00 16.57 ? 69  SER A CA  1 
ATOM   423  C C   . SER A 1 60  ? -8.258  1.297   8.045   1.00 15.38 ? 69  SER A C   1 
ATOM   424  O O   . SER A 1 60  ? -9.365  1.472   7.536   1.00 13.83 ? 69  SER A O   1 
ATOM   425  C CB  . SER A 1 60  ? -8.509  0.074   10.217  1.00 16.02 ? 69  SER A CB  1 
ATOM   426  O OG  . SER A 1 60  ? -8.096  -1.046  9.457   1.00 21.35 ? 69  SER A OG  1 
ATOM   427  N N   . VAL A 1 61  ? -7.166  1.032   7.332   1.00 13.72 ? 70  VAL A N   1 
ATOM   428  C CA  . VAL A 1 61  ? -7.208  0.862   5.882   1.00 11.93 ? 70  VAL A CA  1 
ATOM   429  C C   . VAL A 1 61  ? -6.427  -0.410  5.540   1.00 11.25 ? 70  VAL A C   1 
ATOM   430  O O   . VAL A 1 61  ? -5.498  -0.793  6.261   1.00 10.10 ? 70  VAL A O   1 
ATOM   431  C CB  . VAL A 1 61  ? -6.572  2.062   5.118   1.00 11.63 ? 70  VAL A CB  1 
ATOM   432  C CG1 . VAL A 1 61  ? -7.268  3.358   5.506   1.00 13.56 ? 70  VAL A CG1 1 
ATOM   433  C CG2 . VAL A 1 61  ? -5.079  2.138   5.392   1.00 12.07 ? 70  VAL A CG2 1 
ATOM   434  N N   . THR A 1 62  ? -6.807  -1.073  4.454   1.00 9.93  ? 71  THR A N   1 
ATOM   435  C CA  . THR A 1 62  ? -6.111  -2.287  4.058   1.00 10.35 ? 71  THR A CA  1 
ATOM   436  C C   . THR A 1 62  ? -5.456  -2.135  2.688   1.00 10.77 ? 71  THR A C   1 
ATOM   437  O O   . THR A 1 62  ? -6.135  -1.932  1.681   1.00 10.26 ? 71  THR A O   1 
ATOM   438  C CB  . THR A 1 62  ? -7.065  -3.496  4.022   1.00 11.39 ? 71  THR A CB  1 
ATOM   439  O OG1 . THR A 1 62  ? -7.612  -3.717  5.327   1.00 14.14 ? 71  THR A OG1 1 
ATOM   440  C CG2 . THR A 1 62  ? -6.315  -4.747  3.568   1.00 11.02 ? 71  THR A CG2 1 
ATOM   441  N N   . LEU A 1 63  ? -4.130  -2.236  2.661   1.00 10.66 ? 72  LEU A N   1 
ATOM   442  C CA  . LEU A 1 63  ? -3.375  -2.118  1.418   1.00 10.50 ? 72  LEU A CA  1 
ATOM   443  C C   . LEU A 1 63  ? -3.257  -3.477  0.746   1.00 9.97  ? 72  LEU A C   1 
ATOM   444  O O   . LEU A 1 63  ? -3.144  -4.495  1.428   1.00 9.97  ? 72  LEU A O   1 
ATOM   445  C CB  . LEU A 1 63  ? -1.961  -1.606  1.702   1.00 9.84  ? 72  LEU A CB  1 
ATOM   446  C CG  . LEU A 1 63  ? -1.800  -0.372  2.593   1.00 12.23 ? 72  LEU A CG  1 
ATOM   447  C CD1 . LEU A 1 63  ? -0.311  -0.081  2.784   1.00 9.69  ? 72  LEU A CD1 1 
ATOM   448  C CD2 . LEU A 1 63  ? -2.514  0.821   1.963   1.00 12.96 ? 72  LEU A CD2 1 
ATOM   449  N N   . ALA A 1 64  ? -3.280  -3.494  -0.584  1.00 9.15  ? 73  ALA A N   1 
ATOM   450  C CA  . ALA A 1 64  ? -3.119  -4.745  -1.325  1.00 9.51  ? 73  ALA A CA  1 
ATOM   451  C C   . ALA A 1 64  ? -1.732  -4.716  -1.965  1.00 10.12 ? 73  ALA A C   1 
ATOM   452  O O   . ALA A 1 64  ? -1.452  -3.871  -2.807  1.00 10.97 ? 73  ALA A O   1 
ATOM   453  C CB  . ALA A 1 64  ? -4.191  -4.882  -2.399  1.00 7.57  ? 73  ALA A CB  1 
ATOM   454  N N   . LEU A 1 65  ? -0.864  -5.630  -1.548  1.00 10.37 ? 74  LEU A N   1 
ATOM   455  C CA  . LEU A 1 65  ? 0.491   -5.687  -2.083  1.00 11.75 ? 74  LEU A CA  1 
ATOM   456  C C   . LEU A 1 65  ? 0.687   -6.862  -3.036  1.00 12.36 ? 74  LEU A C   1 
ATOM   457  O O   . LEU A 1 65  ? 0.194   -7.966  -2.796  1.00 11.74 ? 74  LEU A O   1 
ATOM   458  C CB  . LEU A 1 65  ? 1.506   -5.771  -0.935  1.00 10.69 ? 74  LEU A CB  1 
ATOM   459  C CG  . LEU A 1 65  ? 1.840   -4.516  -0.111  1.00 12.81 ? 74  LEU A CG  1 
ATOM   460  C CD1 . LEU A 1 65  ? 0.582   -3.837  0.392   1.00 10.42 ? 74  LEU A CD1 1 
ATOM   461  C CD2 . LEU A 1 65  ? 2.731   -4.914  1.064   1.00 12.37 ? 74  LEU A CD2 1 
ATOM   462  N N   . ASP A 1 66  ? 1.407   -6.604  -4.124  1.00 13.72 ? 75  ASP A N   1 
ATOM   463  C CA  . ASP A 1 66  ? 1.705   -7.614  -5.135  1.00 15.19 ? 75  ASP A CA  1 
ATOM   464  C C   . ASP A 1 66  ? 2.915   -8.408  -4.628  1.00 15.16 ? 75  ASP A C   1 
ATOM   465  O O   . ASP A 1 66  ? 3.985   -7.834  -4.410  1.00 13.78 ? 75  ASP A O   1 
ATOM   466  C CB  . ASP A 1 66  ? 2.040   -6.914  -6.452  1.00 16.57 ? 75  ASP A CB  1 
ATOM   467  C CG  . ASP A 1 66  ? 2.280   -7.887  -7.591  1.00 20.20 ? 75  ASP A CG  1 
ATOM   468  O OD1 . ASP A 1 66  ? 2.935   -8.930  -7.366  1.00 24.50 ? 75  ASP A OD1 1 
ATOM   469  O OD2 . ASP A 1 66  ? 1.827   -7.598  -8.719  1.00 26.54 ? 75  ASP A OD2 1 
ATOM   470  N N   . VAL A 1 67  ? 2.752   -9.719  -4.445  1.00 15.50 ? 76  VAL A N   1 
ATOM   471  C CA  . VAL A 1 67  ? 3.843   -10.555 -3.932  1.00 16.00 ? 76  VAL A CA  1 
ATOM   472  C C   . VAL A 1 67  ? 5.082   -10.643 -4.821  1.00 15.91 ? 76  VAL A C   1 
ATOM   473  O O   . VAL A 1 67  ? 6.159   -11.002 -4.343  1.00 14.07 ? 76  VAL A O   1 
ATOM   474  C CB  . VAL A 1 67  ? 3.375   -12.010 -3.647  1.00 17.14 ? 76  VAL A CB  1 
ATOM   475  C CG1 . VAL A 1 67  ? 2.243   -12.011 -2.636  1.00 16.30 ? 76  VAL A CG1 1 
ATOM   476  C CG2 . VAL A 1 67  ? 2.954   -12.687 -4.942  1.00 17.54 ? 76  VAL A CG2 1 
ATOM   477  N N   . THR A 1 68  ? 4.944   -10.318 -6.104  1.00 15.94 ? 77  THR A N   1 
ATOM   478  C CA  . THR A 1 68  ? 6.083   -10.401 -7.014  1.00 17.55 ? 77  THR A CA  1 
ATOM   479  C C   . THR A 1 68  ? 7.026   -9.198  -6.974  1.00 17.65 ? 77  THR A C   1 
ATOM   480  O O   . THR A 1 68  ? 8.157   -9.291  -7.456  1.00 17.95 ? 77  THR A O   1 
ATOM   481  C CB  . THR A 1 68  ? 5.627   -10.633 -8.477  1.00 18.58 ? 77  THR A CB  1 
ATOM   482  O OG1 . THR A 1 68  ? 4.932   -9.476  -8.963  1.00 22.82 ? 77  THR A OG1 1 
ATOM   483  C CG2 . THR A 1 68  ? 4.709   -11.844 -8.554  1.00 16.46 ? 77  THR A CG2 1 
ATOM   484  N N   . ASN A 1 69  ? 6.573   -8.076  -6.411  1.00 16.49 ? 78  ASN A N   1 
ATOM   485  C CA  . ASN A 1 69  ? 7.425   -6.890  -6.313  1.00 15.80 ? 78  ASN A CA  1 
ATOM   486  C C   . ASN A 1 69  ? 7.237   -6.092  -5.022  1.00 15.64 ? 78  ASN A C   1 
ATOM   487  O O   . ASN A 1 69  ? 7.982   -5.149  -4.758  1.00 15.33 ? 78  ASN A O   1 
ATOM   488  C CB  . ASN A 1 69  ? 7.237   -5.966  -7.526  1.00 15.68 ? 78  ASN A CB  1 
ATOM   489  C CG  . ASN A 1 69  ? 5.808   -5.485  -7.696  1.00 17.21 ? 78  ASN A CG  1 
ATOM   490  O OD1 . ASN A 1 69  ? 5.067   -5.307  -6.723  1.00 13.51 ? 78  ASN A OD1 1 
ATOM   491  N ND2 . ASN A 1 69  ? 5.421   -5.248  -8.942  1.00 17.26 ? 78  ASN A ND2 1 
ATOM   492  N N   . ALA A 1 70  ? 6.235   -6.474  -4.229  1.00 14.83 ? 79  ALA A N   1 
ATOM   493  C CA  . ALA A 1 70  ? 5.946   -5.841  -2.941  1.00 14.11 ? 79  ALA A CA  1 
ATOM   494  C C   . ALA A 1 70  ? 5.211   -4.501  -2.976  1.00 13.91 ? 79  ALA A C   1 
ATOM   495  O O   . ALA A 1 70  ? 4.824   -3.982  -1.926  1.00 13.93 ? 79  ALA A O   1 
ATOM   496  C CB  . ALA A 1 70  ? 7.244   -5.690  -2.131  1.00 15.19 ? 79  ALA A CB  1 
ATOM   497  N N   . TYR A 1 71  ? 5.005   -3.947  -4.165  1.00 13.88 ? 80  TYR A N   1 
ATOM   498  C CA  . TYR A 1 71  ? 4.334   -2.656  -4.282  1.00 14.21 ? 80  TYR A CA  1 
ATOM   499  C C   . TYR A 1 71  ? 2.817   -2.668  -4.099  1.00 12.51 ? 80  TYR A C   1 
ATOM   500  O O   . TYR A 1 71  ? 2.157   -3.698  -4.269  1.00 11.97 ? 80  TYR A O   1 
ATOM   501  C CB  . TYR A 1 71  ? 4.707   -2.000  -5.617  1.00 13.99 ? 80  TYR A CB  1 
ATOM   502  C CG  . TYR A 1 71  ? 6.144   -1.534  -5.639  1.00 17.32 ? 80  TYR A CG  1 
ATOM   503  C CD1 . TYR A 1 71  ? 6.601   -0.598  -4.710  1.00 19.26 ? 80  TYR A CD1 1 
ATOM   504  C CD2 . TYR A 1 71  ? 7.061   -2.051  -6.557  1.00 17.66 ? 80  TYR A CD2 1 
ATOM   505  C CE1 . TYR A 1 71  ? 7.932   -0.187  -4.688  1.00 21.52 ? 80  TYR A CE1 1 
ATOM   506  C CE2 . TYR A 1 71  ? 8.406   -1.644  -6.546  1.00 19.70 ? 80  TYR A CE2 1 
ATOM   507  C CZ  . TYR A 1 71  ? 8.830   -0.713  -5.607  1.00 20.24 ? 80  TYR A CZ  1 
ATOM   508  O OH  . TYR A 1 71  ? 10.144  -0.303  -5.579  1.00 18.73 ? 80  TYR A OH  1 
ATOM   509  N N   . VAL A 1 72  ? 2.280   -1.507  -3.731  1.00 10.70 ? 81  VAL A N   1 
ATOM   510  C CA  . VAL A 1 72  ? 0.847   -1.338  -3.502  1.00 10.43 ? 81  VAL A CA  1 
ATOM   511  C C   . VAL A 1 72  ? 0.099   -1.173  -4.819  1.00 10.57 ? 81  VAL A C   1 
ATOM   512  O O   . VAL A 1 72  ? 0.419   -0.288  -5.608  1.00 10.19 ? 81  VAL A O   1 
ATOM   513  C CB  . VAL A 1 72  ? 0.561   -0.086  -2.628  1.00 9.90  ? 81  VAL A CB  1 
ATOM   514  C CG1 . VAL A 1 72  ? -0.942  0.053   -2.386  1.00 7.91  ? 81  VAL A CG1 1 
ATOM   515  C CG2 . VAL A 1 72  ? 1.312   -0.187  -1.298  1.00 9.15  ? 81  VAL A CG2 1 
ATOM   516  N N   . VAL A 1 73  ? -0.899  -2.023  -5.054  1.00 10.24 ? 82  VAL A N   1 
ATOM   517  C CA  . VAL A 1 73  ? -1.694  -1.935  -6.275  1.00 9.60  ? 82  VAL A CA  1 
ATOM   518  C C   . VAL A 1 73  ? -3.029  -1.232  -6.003  1.00 9.68  ? 82  VAL A C   1 
ATOM   519  O O   . VAL A 1 73  ? -3.720  -0.806  -6.936  1.00 9.45  ? 82  VAL A O   1 
ATOM   520  C CB  . VAL A 1 73  ? -1.973  -3.342  -6.878  1.00 10.61 ? 82  VAL A CB  1 
ATOM   521  C CG1 . VAL A 1 73  ? -0.654  -4.090  -7.084  1.00 9.24  ? 82  VAL A CG1 1 
ATOM   522  C CG2 . VAL A 1 73  ? -2.916  -4.137  -5.973  1.00 7.50  ? 82  VAL A CG2 1 
ATOM   523  N N   . GLY A 1 74  ? -3.380  -1.112  -4.722  1.00 9.97  ? 83  GLY A N   1 
ATOM   524  C CA  . GLY A 1 74  ? -4.623  -0.458  -4.332  1.00 10.38 ? 83  GLY A CA  1 
ATOM   525  C C   . GLY A 1 74  ? -4.904  -0.624  -2.847  1.00 10.66 ? 83  GLY A C   1 
ATOM   526  O O   . GLY A 1 74  ? -4.102  -1.232  -2.127  1.00 11.52 ? 83  GLY A O   1 
ATOM   527  N N   . TYR A 1 75  ? -6.027  -0.087  -2.374  1.00 9.73  ? 84  TYR A N   1 
ATOM   528  C CA  . TYR A 1 75  ? -6.377  -0.213  -0.962  1.00 10.22 ? 84  TYR A CA  1 
ATOM   529  C C   . TYR A 1 75  ? -7.869  -0.121  -0.687  1.00 11.59 ? 84  TYR A C   1 
ATOM   530  O O   . TYR A 1 75  ? -8.653  0.277   -1.550  1.00 11.01 ? 84  TYR A O   1 
ATOM   531  C CB  . TYR A 1 75  ? -5.660  0.849   -0.114  1.00 8.73  ? 84  TYR A CB  1 
ATOM   532  C CG  . TYR A 1 75  ? -6.267  2.244   -0.158  1.00 9.42  ? 84  TYR A CG  1 
ATOM   533  C CD1 . TYR A 1 75  ? -6.077  3.081   -1.258  1.00 9.81  ? 84  TYR A CD1 1 
ATOM   534  C CD2 . TYR A 1 75  ? -6.994  2.741   0.924   1.00 10.51 ? 84  TYR A CD2 1 
ATOM   535  C CE1 . TYR A 1 75  ? -6.590  4.386   -1.277  1.00 8.08  ? 84  TYR A CE1 1 
ATOM   536  C CE2 . TYR A 1 75  ? -7.516  4.045   0.916   1.00 8.49  ? 84  TYR A CE2 1 
ATOM   537  C CZ  . TYR A 1 75  ? -7.306  4.860   -0.187  1.00 10.63 ? 84  TYR A CZ  1 
ATOM   538  O OH  . TYR A 1 75  ? -7.796  6.148   -0.190  1.00 9.50  ? 84  TYR A OH  1 
ATOM   539  N N   . ARG A 1 76  ? -8.243  -0.496  0.534   1.00 11.41 ? 85  ARG A N   1 
ATOM   540  C CA  . ARG A 1 76  ? -9.626  -0.458  0.973   1.00 12.99 ? 85  ARG A CA  1 
ATOM   541  C C   . ARG A 1 76  ? -9.776  0.391   2.235   1.00 11.53 ? 85  ARG A C   1 
ATOM   542  O O   . ARG A 1 76  ? -8.946  0.343   3.144   1.00 11.85 ? 85  ARG A O   1 
ATOM   543  C CB  . ARG A 1 76  ? -10.144 -1.874  1.263   1.00 12.02 ? 85  ARG A CB  1 
ATOM   544  C CG  . ARG A 1 76  ? -11.569 -1.892  1.821   1.00 16.14 ? 85  ARG A CG  1 
ATOM   545  C CD  . ARG A 1 76  ? -12.052 -3.295  2.213   1.00 17.68 ? 85  ARG A CD  1 
ATOM   546  N NE  . ARG A 1 76  ? -13.430 -3.252  2.707   1.00 31.72 ? 85  ARG A NE  1 
ATOM   547  C CZ  . ARG A 1 76  ? -14.123 -4.306  3.137   1.00 36.99 ? 85  ARG A CZ  1 
ATOM   548  N NH1 . ARG A 1 76  ? -13.578 -5.518  3.146   1.00 36.26 ? 85  ARG A NH1 1 
ATOM   549  N NH2 . ARG A 1 76  ? -15.374 -4.147  3.556   1.00 37.34 ? 85  ARG A NH2 1 
ATOM   550  N N   . ALA A 1 77  ? -10.841 1.178   2.268   1.00 11.67 ? 86  ALA A N   1 
ATOM   551  C CA  . ALA A 1 77  ? -11.161 2.022   3.409   1.00 11.04 ? 86  ALA A CA  1 
ATOM   552  C C   . ALA A 1 77  ? -12.670 1.912   3.587   1.00 11.94 ? 86  ALA A C   1 
ATOM   553  O O   . ALA A 1 77  ? -13.436 2.477   2.804   1.00 11.85 ? 86  ALA A O   1 
ATOM   554  C CB  . ALA A 1 77  ? -10.762 3.474   3.134   1.00 10.60 ? 86  ALA A CB  1 
ATOM   555  N N   . GLY A 1 78  ? -13.094 1.163   4.600   1.00 12.90 ? 87  GLY A N   1 
ATOM   556  C CA  . GLY A 1 78  ? -14.514 0.994   4.850   1.00 13.78 ? 87  GLY A CA  1 
ATOM   557  C C   . GLY A 1 78  ? -15.226 0.320   3.690   1.00 15.51 ? 87  GLY A C   1 
ATOM   558  O O   . GLY A 1 78  ? -14.856 -0.783  3.280   1.00 15.67 ? 87  GLY A O   1 
ATOM   559  N N   . ASN A 1 79  ? -16.243 0.988   3.154   1.00 15.93 ? 88  ASN A N   1 
ATOM   560  C CA  . ASN A 1 79  ? -17.013 0.441   2.043   1.00 19.01 ? 88  ASN A CA  1 
ATOM   561  C C   . ASN A 1 79  ? -16.519 0.857   0.659   1.00 17.66 ? 88  ASN A C   1 
ATOM   562  O O   . ASN A 1 79  ? -17.240 0.700   -0.323  1.00 18.00 ? 88  ASN A O   1 
ATOM   563  C CB  . ASN A 1 79  ? -18.485 0.837   2.184   1.00 20.71 ? 88  ASN A CB  1 
ATOM   564  C CG  . ASN A 1 79  ? -19.387 -0.359  2.411   1.00 29.24 ? 88  ASN A CG  1 
ATOM   565  O OD1 . ASN A 1 79  ? -19.415 -1.294  1.606   1.00 35.56 ? 88  ASN A OD1 1 
ATOM   566  N ND2 . ASN A 1 79  ? -20.133 -0.339  3.511   1.00 37.50 ? 88  ASN A ND2 1 
ATOM   567  N N   . SER A 1 80  ? -15.296 1.371   0.573   1.00 15.87 ? 89  SER A N   1 
ATOM   568  C CA  . SER A 1 80  ? -14.752 1.805   -0.711  1.00 15.64 ? 89  SER A CA  1 
ATOM   569  C C   . SER A 1 80  ? -13.352 1.264   -0.995  1.00 15.73 ? 89  SER A C   1 
ATOM   570  O O   . SER A 1 80  ? -12.542 1.097   -0.087  1.00 16.20 ? 89  SER A O   1 
ATOM   571  C CB  . SER A 1 80  ? -14.719 3.334   -0.777  1.00 15.18 ? 89  SER A CB  1 
ATOM   572  O OG  . SER A 1 80  ? -16.009 3.884   -0.591  1.00 14.47 ? 89  SER A OG  1 
ATOM   573  N N   . ALA A 1 81  ? -13.076 1.007   -2.269  1.00 14.31 ? 90  ALA A N   1 
ATOM   574  C CA  . ALA A 1 81  ? -11.776 0.497   -2.695  1.00 12.44 ? 90  ALA A CA  1 
ATOM   575  C C   . ALA A 1 81  ? -11.230 1.292   -3.887  1.00 12.87 ? 90  ALA A C   1 
ATOM   576  O O   . ALA A 1 81  ? -11.972 1.634   -4.814  1.00 13.01 ? 90  ALA A O   1 
ATOM   577  C CB  . ALA A 1 81  ? -11.891 -0.983  -3.060  1.00 12.66 ? 90  ALA A CB  1 
ATOM   578  N N   . TYR A 1 82  ? -9.931  1.576   -3.853  1.00 11.44 ? 91  TYR A N   1 
ATOM   579  C CA  . TYR A 1 82  ? -9.271  2.328   -4.914  1.00 10.17 ? 91  TYR A CA  1 
ATOM   580  C C   . TYR A 1 82  ? -8.074  1.571   -5.475  1.00 10.08 ? 91  TYR A C   1 
ATOM   581  O O   . TYR A 1 82  ? -7.320  0.952   -4.727  1.00 8.03  ? 91  TYR A O   1 
ATOM   582  C CB  . TYR A 1 82  ? -8.819  3.690   -4.387  1.00 10.99 ? 91  TYR A CB  1 
ATOM   583  C CG  . TYR A 1 82  ? -9.959  4.508   -3.832  1.00 11.86 ? 91  TYR A CG  1 
ATOM   584  C CD1 . TYR A 1 82  ? -10.356 4.380   -2.497  1.00 10.53 ? 91  TYR A CD1 1 
ATOM   585  C CD2 . TYR A 1 82  ? -10.687 5.365   -4.657  1.00 9.22  ? 91  TYR A CD2 1 
ATOM   586  C CE1 . TYR A 1 82  ? -11.450 5.082   -2.006  1.00 12.39 ? 91  TYR A CE1 1 
ATOM   587  C CE2 . TYR A 1 82  ? -11.781 6.070   -4.175  1.00 14.77 ? 91  TYR A CE2 1 
ATOM   588  C CZ  . TYR A 1 82  ? -12.158 5.923   -2.854  1.00 15.43 ? 91  TYR A CZ  1 
ATOM   589  O OH  . TYR A 1 82  ? -13.250 6.613   -2.390  1.00 17.14 ? 91  TYR A OH  1 
ATOM   590  N N   . PHE A 1 83  ? -7.895  1.632   -6.792  1.00 8.86  ? 92  PHE A N   1 
ATOM   591  C CA  . PHE A 1 83  ? -6.790  0.939   -7.452  1.00 8.91  ? 92  PHE A CA  1 
ATOM   592  C C   . PHE A 1 83  ? -6.030  1.845   -8.410  1.00 10.86 ? 92  PHE A C   1 
ATOM   593  O O   . PHE A 1 83  ? -6.620  2.686   -9.093  1.00 10.98 ? 92  PHE A O   1 
ATOM   594  C CB  . PHE A 1 83  ? -7.315  -0.264  -8.247  1.00 9.07  ? 92  PHE A CB  1 
ATOM   595  C CG  . PHE A 1 83  ? -8.041  -1.275  -7.408  1.00 10.69 ? 92  PHE A CG  1 
ATOM   596  C CD1 . PHE A 1 83  ? -7.340  -2.170  -6.608  1.00 11.70 ? 92  PHE A CD1 1 
ATOM   597  C CD2 . PHE A 1 83  ? -9.432  -1.320  -7.406  1.00 10.61 ? 92  PHE A CD2 1 
ATOM   598  C CE1 . PHE A 1 83  ? -8.011  -3.096  -5.816  1.00 12.72 ? 92  PHE A CE1 1 
ATOM   599  C CE2 . PHE A 1 83  ? -10.114 -2.239  -6.622  1.00 9.35  ? 92  PHE A CE2 1 
ATOM   600  C CZ  . PHE A 1 83  ? -9.403  -3.132  -5.822  1.00 13.10 ? 92  PHE A CZ  1 
ATOM   601  N N   . PHE A 1 84  ? -4.713  1.675   -8.454  1.00 11.24 ? 93  PHE A N   1 
ATOM   602  C CA  . PHE A 1 84  ? -3.900  2.452   -9.373  1.00 11.82 ? 93  PHE A CA  1 
ATOM   603  C C   . PHE A 1 84  ? -4.214  1.893   -10.758 1.00 12.34 ? 93  PHE A C   1 
ATOM   604  O O   . PHE A 1 84  ? -4.691  0.765   -10.882 1.00 11.71 ? 93  PHE A O   1 
ATOM   605  C CB  . PHE A 1 84  ? -2.409  2.272   -9.067  1.00 11.45 ? 93  PHE A CB  1 
ATOM   606  C CG  . PHE A 1 84  ? -1.972  2.905   -7.773  1.00 11.78 ? 93  PHE A CG  1 
ATOM   607  C CD1 . PHE A 1 84  ? -2.134  4.275   -7.565  1.00 8.43  ? 93  PHE A CD1 1 
ATOM   608  C CD2 . PHE A 1 84  ? -1.389  2.137   -6.766  1.00 12.36 ? 93  PHE A CD2 1 
ATOM   609  C CE1 . PHE A 1 84  ? -1.722  4.874   -6.371  1.00 8.50  ? 93  PHE A CE1 1 
ATOM   610  C CE2 . PHE A 1 84  ? -0.971  2.725   -5.563  1.00 13.26 ? 93  PHE A CE2 1 
ATOM   611  C CZ  . PHE A 1 84  ? -1.139  4.098   -5.367  1.00 9.22  ? 93  PHE A CZ  1 
ATOM   612  N N   . HIS A 1 85  ? -3.964  2.685   -11.795 1.00 12.75 ? 94  HIS A N   1 
ATOM   613  C CA  . HIS A 1 85  ? -4.205  2.237   -13.161 1.00 15.33 ? 94  HIS A CA  1 
ATOM   614  C C   . HIS A 1 85  ? -3.296  1.036   -13.441 1.00 16.30 ? 94  HIS A C   1 
ATOM   615  O O   . HIS A 1 85  ? -2.078  1.131   -13.301 1.00 15.35 ? 94  HIS A O   1 
ATOM   616  C CB  . HIS A 1 85  ? -3.884  3.363   -14.142 1.00 15.55 ? 94  HIS A CB  1 
ATOM   617  C CG  . HIS A 1 85  ? -4.066  2.982   -15.578 1.00 20.44 ? 94  HIS A CG  1 
ATOM   618  N ND1 . HIS A 1 85  ? -5.303  2.728   -16.131 1.00 26.06 ? 94  HIS A ND1 1 
ATOM   619  C CD2 . HIS A 1 85  ? -3.165  2.805   -16.574 1.00 24.89 ? 94  HIS A CD2 1 
ATOM   620  C CE1 . HIS A 1 85  ? -5.157  2.414   -17.405 1.00 23.68 ? 94  HIS A CE1 1 
ATOM   621  N NE2 . HIS A 1 85  ? -3.869  2.454   -17.699 1.00 26.37 ? 94  HIS A NE2 1 
ATOM   622  N N   . PRO A 1 86  ? -3.876  -0.111  -13.826 1.00 17.44 ? 95  PRO A N   1 
ATOM   623  C CA  . PRO A 1 86  ? -3.050  -1.290  -14.107 1.00 20.66 ? 95  PRO A CA  1 
ATOM   624  C C   . PRO A 1 86  ? -2.173  -1.143  -15.355 1.00 23.86 ? 95  PRO A C   1 
ATOM   625  O O   . PRO A 1 86  ? -2.559  -0.500  -16.331 1.00 24.37 ? 95  PRO A O   1 
ATOM   626  C CB  . PRO A 1 86  ? -4.081  -2.419  -14.226 1.00 20.26 ? 95  PRO A CB  1 
ATOM   627  C CG  . PRO A 1 86  ? -5.303  -1.720  -14.715 1.00 18.07 ? 95  PRO A CG  1 
ATOM   628  C CD  . PRO A 1 86  ? -5.310  -0.434  -13.920 1.00 18.81 ? 95  PRO A CD  1 
ATOM   629  N N   . ASP A 1 87  ? -0.988  -1.744  -15.309 1.00 28.17 ? 96  ASP A N   1 
ATOM   630  C CA  . ASP A 1 87  ? -0.040  -1.685  -16.416 1.00 32.60 ? 96  ASP A CA  1 
ATOM   631  C C   . ASP A 1 87  ? -0.365  -2.633  -17.574 1.00 33.66 ? 96  ASP A C   1 
ATOM   632  O O   . ASP A 1 87  ? 0.093   -2.419  -18.698 1.00 35.02 ? 96  ASP A O   1 
ATOM   633  C CB  . ASP A 1 87  ? 1.371   -1.978  -15.903 1.00 33.10 ? 96  ASP A CB  1 
ATOM   634  C CG  . ASP A 1 87  ? 1.884   -0.898  -14.969 1.00 37.91 ? 96  ASP A CG  1 
ATOM   635  O OD1 . ASP A 1 87  ? 2.970   -1.087  -14.378 1.00 41.31 ? 96  ASP A OD1 1 
ATOM   636  O OD2 . ASP A 1 87  ? 1.204   0.144   -14.830 1.00 41.61 ? 96  ASP A OD2 1 
ATOM   637  N N   . ASN A 1 88  ? -1.154  -3.671  -17.306 1.00 34.37 ? 97  ASN A N   1 
ATOM   638  C CA  . ASN A 1 88  ? -1.514  -4.637  -18.343 1.00 34.44 ? 97  ASN A CA  1 
ATOM   639  C C   . ASN A 1 88  ? -2.790  -5.400  -18.008 1.00 34.67 ? 97  ASN A C   1 
ATOM   640  O O   . ASN A 1 88  ? -3.426  -5.149  -16.984 1.00 33.68 ? 97  ASN A O   1 
ATOM   641  C CB  . ASN A 1 88  ? -0.365  -5.623  -18.556 1.00 34.76 ? 97  ASN A CB  1 
ATOM   642  C CG  . ASN A 1 88  ? -0.009  -6.382  -17.298 1.00 35.88 ? 97  ASN A CG  1 
ATOM   643  O OD1 . ASN A 1 88  ? -0.820  -7.144  -16.771 1.00 36.75 ? 97  ASN A OD1 1 
ATOM   644  N ND2 . ASN A 1 88  ? 1.207   -6.176  -16.805 1.00 37.59 ? 97  ASN A ND2 1 
ATOM   645  N N   . GLN A 1 89  ? -3.155  -6.344  -18.871 1.00 34.92 ? 98  GLN A N   1 
ATOM   646  C CA  . GLN A 1 89  ? -4.367  -7.133  -18.677 1.00 35.52 ? 98  GLN A CA  1 
ATOM   647  C C   . GLN A 1 89  ? -4.350  -8.163  -17.548 1.00 35.22 ? 98  GLN A C   1 
ATOM   648  O O   . GLN A 1 89  ? -5.388  -8.413  -16.935 1.00 35.50 ? 98  GLN A O   1 
ATOM   649  C CB  . GLN A 1 89  ? -4.759  -7.815  -19.990 1.00 36.65 ? 98  GLN A CB  1 
ATOM   650  C CG  . GLN A 1 89  ? -5.444  -6.881  -20.977 1.00 39.94 ? 98  GLN A CG  1 
ATOM   651  C CD  . GLN A 1 89  ? -6.726  -6.285  -20.415 1.00 43.90 ? 98  GLN A CD  1 
ATOM   652  O OE1 . GLN A 1 89  ? -7.622  -7.013  -19.978 1.00 44.49 ? 98  GLN A OE1 1 
ATOM   653  N NE2 . GLN A 1 89  ? -6.821  -4.959  -20.426 1.00 43.54 ? 98  GLN A NE2 1 
ATOM   654  N N   . CYS A 1 90  ? -3.198  -8.770  -17.268 1.00 34.99 ? 99  CYS A N   1 
ATOM   655  C CA  . CYS A 1 90  ? -3.132  -9.746  -16.178 1.00 35.92 ? 99  CYS A CA  1 
ATOM   656  C C   . CYS A 1 90  ? -3.512  -9.055  -14.880 1.00 34.22 ? 99  CYS A C   1 
ATOM   657  O O   . CYS A 1 90  ? -4.381  -9.521  -14.142 1.00 34.35 ? 99  CYS A O   1 
ATOM   658  C CB  . CYS A 1 90  ? -1.721  -10.316 -16.007 1.00 35.97 ? 99  CYS A CB  1 
ATOM   659  S SG  . CYS A 1 90  ? -1.071  -11.259 -17.413 1.00 45.43 ? 99  CYS A SG  1 
ATOM   660  N N   . ASP A 1 91  ? -2.840  -7.939  -14.610 1.00 32.71 ? 100 ASP A N   1 
ATOM   661  C CA  . ASP A 1 91  ? -3.074  -7.158  -13.403 1.00 31.19 ? 100 ASP A CA  1 
ATOM   662  C C   . ASP A 1 91  ? -4.471  -6.556  -13.389 1.00 29.55 ? 100 ASP A C   1 
ATOM   663  O O   . ASP A 1 91  ? -5.114  -6.491  -12.344 1.00 28.91 ? 100 ASP A O   1 
ATOM   664  C CB  . ASP A 1 91  ? -2.031  -6.046  -13.291 1.00 31.65 ? 100 ASP A CB  1 
ATOM   665  C CG  . ASP A 1 91  ? -0.619  -6.556  -13.492 1.00 34.05 ? 100 ASP A CG  1 
ATOM   666  O OD1 . ASP A 1 91  ? -0.309  -7.647  -12.972 1.00 33.41 ? 100 ASP A OD1 1 
ATOM   667  O OD2 . ASP A 1 91  ? 0.182   -5.868  -14.163 1.00 36.84 ? 100 ASP A OD2 1 
ATOM   668  N N   . ALA A 1 92  ? -4.938  -6.120  -14.554 1.00 27.98 ? 101 ALA A N   1 
ATOM   669  C CA  . ALA A 1 92  ? -6.260  -5.522  -14.661 1.00 27.39 ? 101 ALA A CA  1 
ATOM   670  C C   . ALA A 1 92  ? -7.326  -6.489  -14.167 1.00 26.99 ? 101 ALA A C   1 
ATOM   671  O O   . ALA A 1 92  ? -8.122  -6.142  -13.299 1.00 26.56 ? 101 ALA A O   1 
ATOM   672  C CB  . ALA A 1 92  ? -6.541  -5.119  -16.104 1.00 27.06 ? 101 ALA A CB  1 
ATOM   673  N N   . GLU A 1 93  ? -7.339  -7.708  -14.699 1.00 27.28 ? 102 GLU A N   1 
ATOM   674  C CA  . GLU A 1 93  ? -8.342  -8.676  -14.267 1.00 26.78 ? 102 GLU A CA  1 
ATOM   675  C C   . GLU A 1 93  ? -7.993  -9.230  -12.892 1.00 25.33 ? 102 GLU A C   1 
ATOM   676  O O   . GLU A 1 93  ? -8.871  -9.630  -12.129 1.00 24.57 ? 102 GLU A O   1 
ATOM   677  C CB  . GLU A 1 93  ? -8.470  -9.828  -15.269 1.00 28.18 ? 102 GLU A CB  1 
ATOM   678  C CG  . GLU A 1 93  ? -7.490  -10.959 -15.055 1.00 34.05 ? 102 GLU A CG  1 
ATOM   679  C CD  . GLU A 1 93  ? -7.994  -12.261 -15.639 1.00 42.41 ? 102 GLU A CD  1 
ATOM   680  O OE1 . GLU A 1 93  ? -9.066  -12.733 -15.197 1.00 46.31 ? 102 GLU A OE1 1 
ATOM   681  O OE2 . GLU A 1 93  ? -7.322  -12.809 -16.538 1.00 41.49 ? 102 GLU A OE2 1 
ATOM   682  N N   . ALA A 1 94  ? -6.701  -9.256  -12.580 1.00 23.88 ? 103 ALA A N   1 
ATOM   683  C CA  . ALA A 1 94  ? -6.244  -9.748  -11.291 1.00 23.30 ? 103 ALA A CA  1 
ATOM   684  C C   . ALA A 1 94  ? -6.821  -8.907  -10.155 1.00 21.85 ? 103 ALA A C   1 
ATOM   685  O O   . ALA A 1 94  ? -7.332  -9.448  -9.175  1.00 22.23 ? 103 ALA A O   1 
ATOM   686  C CB  . ALA A 1 94  ? -4.716  -9.729  -11.231 1.00 22.41 ? 103 ALA A CB  1 
ATOM   687  N N   . ILE A 1 95  ? -6.755  -7.585  -10.286 1.00 21.76 ? 104 ILE A N   1 
ATOM   688  C CA  . ILE A 1 95  ? -7.263  -6.721  -9.228  1.00 20.49 ? 104 ILE A CA  1 
ATOM   689  C C   . ILE A 1 95  ? -8.772  -6.803  -9.017  1.00 21.85 ? 104 ILE A C   1 
ATOM   690  O O   . ILE A 1 95  ? -9.278  -6.316  -8.003  1.00 20.04 ? 104 ILE A O   1 
ATOM   691  C CB  . ILE A 1 95  ? -6.849  -5.231  -9.441  1.00 19.96 ? 104 ILE A CB  1 
ATOM   692  C CG1 . ILE A 1 95  ? -7.415  -4.690  -10.752 1.00 19.74 ? 104 ILE A CG1 1 
ATOM   693  C CG2 . ILE A 1 95  ? -5.330  -5.115  -9.437  1.00 17.62 ? 104 ILE A CG2 1 
ATOM   694  C CD1 . ILE A 1 95  ? -7.057  -3.237  -11.016 1.00 20.59 ? 104 ILE A CD1 1 
ATOM   695  N N   . THR A 1 96  ? -9.496  -7.420  -9.952  1.00 21.92 ? 105 THR A N   1 
ATOM   696  C CA  . THR A 1 96  ? -10.944 -7.549  -9.794  1.00 22.79 ? 105 THR A CA  1 
ATOM   697  C C   . THR A 1 96  ? -11.237 -8.612  -8.734  1.00 23.03 ? 105 THR A C   1 
ATOM   698  O O   . THR A 1 96  ? -12.375 -8.767  -8.287  1.00 23.82 ? 105 THR A O   1 
ATOM   699  C CB  . THR A 1 96  ? -11.660 -7.956  -11.115 1.00 22.46 ? 105 THR A CB  1 
ATOM   700  O OG1 . THR A 1 96  ? -11.281 -9.286  -11.483 1.00 23.80 ? 105 THR A OG1 1 
ATOM   701  C CG2 . THR A 1 96  ? -11.300 -6.997  -12.241 1.00 22.60 ? 105 THR A CG2 1 
ATOM   702  N N   . HIS A 1 97  ? -10.199 -9.339  -8.332  1.00 23.91 ? 106 HIS A N   1 
ATOM   703  C CA  . HIS A 1 97  ? -10.343 -10.380 -7.320  1.00 24.71 ? 106 HIS A CA  1 
ATOM   704  C C   . HIS A 1 97  ? -10.036 -9.856  -5.914  1.00 23.39 ? 106 HIS A C   1 
ATOM   705  O O   . HIS A 1 97  ? -9.987  -10.627 -4.954  1.00 23.22 ? 106 HIS A O   1 
ATOM   706  C CB  . HIS A 1 97  ? -9.420  -11.564 -7.642  1.00 25.95 ? 106 HIS A CB  1 
ATOM   707  C CG  . HIS A 1 97  ? -9.834  -12.350 -8.850  1.00 30.97 ? 106 HIS A CG  1 
ATOM   708  N ND1 . HIS A 1 97  ? -9.980  -11.783 -10.098 1.00 36.13 ? 106 HIS A ND1 1 
ATOM   709  C CD2 . HIS A 1 97  ? -10.123 -13.665 -9.001  1.00 34.88 ? 106 HIS A CD2 1 
ATOM   710  C CE1 . HIS A 1 97  ? -10.340 -12.713 -10.965 1.00 36.49 ? 106 HIS A CE1 1 
ATOM   711  N NE2 . HIS A 1 97  ? -10.434 -13.864 -10.325 1.00 37.41 ? 106 HIS A NE2 1 
ATOM   712  N N   . LEU A 1 98  ? -9.829  -8.545  -5.796  1.00 21.38 ? 107 LEU A N   1 
ATOM   713  C CA  . LEU A 1 98  ? -9.532  -7.940  -4.498  1.00 20.59 ? 107 LEU A CA  1 
ATOM   714  C C   . LEU A 1 98  ? -10.729 -7.185  -3.922  1.00 20.24 ? 107 LEU A C   1 
ATOM   715  O O   . LEU A 1 98  ? -11.439 -6.491  -4.647  1.00 20.52 ? 107 LEU A O   1 
ATOM   716  C CB  . LEU A 1 98  ? -8.333  -6.994  -4.618  1.00 20.15 ? 107 LEU A CB  1 
ATOM   717  C CG  . LEU A 1 98  ? -6.953  -7.643  -4.767  1.00 19.62 ? 107 LEU A CG  1 
ATOM   718  C CD1 . LEU A 1 98  ? -5.924  -6.596  -5.163  1.00 17.95 ? 107 LEU A CD1 1 
ATOM   719  C CD2 . LEU A 1 98  ? -6.561  -8.312  -3.459  1.00 18.14 ? 107 LEU A CD2 1 
ATOM   720  N N   . PHE A 1 99  ? -10.949 -7.334  -2.618  1.00 19.24 ? 108 PHE A N   1 
ATOM   721  C CA  . PHE A 1 99  ? -12.048 -6.663  -1.927  1.00 20.95 ? 108 PHE A CA  1 
ATOM   722  C C   . PHE A 1 99  ? -13.371 -6.834  -2.688  1.00 23.38 ? 108 PHE A C   1 
ATOM   723  O O   . PHE A 1 99  ? -14.084 -5.861  -2.929  1.00 24.06 ? 108 PHE A O   1 
ATOM   724  C CB  . PHE A 1 99  ? -11.739 -5.164  -1.781  1.00 19.14 ? 108 PHE A CB  1 
ATOM   725  C CG  . PHE A 1 99  ? -10.322 -4.863  -1.350  1.00 18.61 ? 108 PHE A CG  1 
ATOM   726  C CD1 . PHE A 1 99  ? -9.806  -5.391  -0.168  1.00 16.56 ? 108 PHE A CD1 1 
ATOM   727  C CD2 . PHE A 1 99  ? -9.506  -4.039  -2.124  1.00 16.01 ? 108 PHE A CD2 1 
ATOM   728  C CE1 . PHE A 1 99  ? -8.497  -5.100  0.238   1.00 17.22 ? 108 PHE A CE1 1 
ATOM   729  C CE2 . PHE A 1 99  ? -8.198  -3.741  -1.727  1.00 15.17 ? 108 PHE A CE2 1 
ATOM   730  C CZ  . PHE A 1 99  ? -7.691  -4.273  -0.545  1.00 15.75 ? 108 PHE A CZ  1 
ATOM   731  N N   . THR A 1 100 ? -13.700 -8.068  -3.059  1.00 26.63 ? 109 THR A N   1 
ATOM   732  C CA  . THR A 1 100 ? -14.923 -8.331  -3.817  1.00 29.19 ? 109 THR A CA  1 
ATOM   733  C C   . THR A 1 100 ? -16.220 -7.975  -3.091  1.00 30.88 ? 109 THR A C   1 
ATOM   734  O O   . THR A 1 100 ? -17.235 -7.711  -3.734  1.00 32.09 ? 109 THR A O   1 
ATOM   735  C CB  . THR A 1 100 ? -15.006 -9.815  -4.257  1.00 29.14 ? 109 THR A CB  1 
ATOM   736  O OG1 . THR A 1 100 ? -15.008 -10.662 -3.104  1.00 28.29 ? 109 THR A OG1 1 
ATOM   737  C CG2 . THR A 1 100 ? -13.820 -10.178 -5.143  1.00 30.01 ? 109 THR A CG2 1 
ATOM   738  N N   . ASP A 1 101 ? -16.189 -7.953  -1.761  1.00 32.07 ? 110 ASP A N   1 
ATOM   739  C CA  . ASP A 1 101 ? -17.385 -7.641  -0.984  1.00 33.28 ? 110 ASP A CA  1 
ATOM   740  C C   . ASP A 1 101 ? -17.588 -6.148  -0.739  1.00 33.02 ? 110 ASP A C   1 
ATOM   741  O O   . ASP A 1 101 ? -18.570 -5.749  -0.110  1.00 33.17 ? 110 ASP A O   1 
ATOM   742  C CB  . ASP A 1 101 ? -17.339 -8.363  0.364   1.00 34.37 ? 110 ASP A CB  1 
ATOM   743  C CG  . ASP A 1 101 ? -16.218 -7.864  1.249   1.00 40.48 ? 110 ASP A CG  1 
ATOM   744  O OD1 . ASP A 1 101 ? -15.040 -7.975  0.838   1.00 43.51 ? 110 ASP A OD1 1 
ATOM   745  O OD2 . ASP A 1 101 ? -16.514 -7.356  2.355   1.00 46.41 ? 110 ASP A OD2 1 
ATOM   746  N N   . VAL A 1 102 ? -16.669 -5.324  -1.230  1.00 31.77 ? 111 VAL A N   1 
ATOM   747  C CA  . VAL A 1 102 ? -16.776 -3.884  -1.034  1.00 29.38 ? 111 VAL A CA  1 
ATOM   748  C C   . VAL A 1 102 ? -17.853 -3.305  -1.951  1.00 29.17 ? 111 VAL A C   1 
ATOM   749  O O   . VAL A 1 102 ? -18.020 -3.746  -3.089  1.00 29.14 ? 111 VAL A O   1 
ATOM   750  C CB  . VAL A 1 102 ? -15.419 -3.181  -1.299  1.00 29.95 ? 111 VAL A CB  1 
ATOM   751  C CG1 . VAL A 1 102 ? -15.131 -3.129  -2.788  1.00 27.84 ? 111 VAL A CG1 1 
ATOM   752  C CG2 . VAL A 1 102 ? -15.428 -1.796  -0.696  1.00 29.04 ? 111 VAL A CG2 1 
ATOM   753  N N   . GLN A 1 103 ? -18.577 -2.311  -1.453  1.00 27.44 ? 112 GLN A N   1 
ATOM   754  C CA  . GLN A 1 103 ? -19.653 -1.694  -2.216  1.00 26.83 ? 112 GLN A CA  1 
ATOM   755  C C   . GLN A 1 103 ? -19.192 -0.781  -3.356  1.00 25.65 ? 112 GLN A C   1 
ATOM   756  O O   . GLN A 1 103 ? -19.677 -0.906  -4.485  1.00 26.07 ? 112 GLN A O   1 
ATOM   757  C CB  . GLN A 1 103 ? -20.576 -0.931  -1.261  1.00 27.18 ? 112 GLN A CB  1 
ATOM   758  C CG  . GLN A 1 103 ? -21.862 -0.437  -1.891  1.00 28.77 ? 112 GLN A CG  1 
ATOM   759  C CD  . GLN A 1 103 ? -22.966 -0.230  -0.864  1.00 34.44 ? 112 GLN A CD  1 
ATOM   760  O OE1 . GLN A 1 103 ? -22.786 0.485   0.123   1.00 34.16 ? 112 GLN A OE1 1 
ATOM   761  N NE2 . GLN A 1 103 ? -24.118 -0.857  -1.095  1.00 37.07 ? 112 GLN A NE2 1 
ATOM   762  N N   . ASN A 1 104 ? -18.256 0.121   -3.067  1.00 22.85 ? 113 ASN A N   1 
ATOM   763  C CA  . ASN A 1 104 ? -17.751 1.059   -4.071  1.00 21.14 ? 113 ASN A CA  1 
ATOM   764  C C   . ASN A 1 104 ? -16.327 0.740   -4.567  1.00 21.05 ? 113 ASN A C   1 
ATOM   765  O O   . ASN A 1 104 ? -15.402 0.548   -3.765  1.00 20.05 ? 113 ASN A O   1 
ATOM   766  C CB  . ASN A 1 104 ? -17.793 2.483   -3.506  1.00 19.71 ? 113 ASN A CB  1 
ATOM   767  C CG  . ASN A 1 104 ? -19.144 2.828   -2.881  1.00 21.52 ? 113 ASN A CG  1 
ATOM   768  O OD1 . ASN A 1 104 ? -20.191 2.688   -3.518  1.00 21.55 ? 113 ASN A OD1 1 
ATOM   769  N ND2 . ASN A 1 104 ? -19.122 3.284   -1.627  1.00 16.49 ? 113 ASN A ND2 1 
ATOM   770  N N   . ARG A 1 105 ? -16.163 0.688   -5.890  1.00 18.99 ? 114 ARG A N   1 
ATOM   771  C CA  . ARG A 1 105 ? -14.867 0.398   -6.513  1.00 18.72 ? 114 ARG A CA  1 
ATOM   772  C C   . ARG A 1 105 ? -14.489 1.491   -7.517  1.00 16.00 ? 114 ARG A C   1 
ATOM   773  O O   . ARG A 1 105 ? -15.311 1.900   -8.342  1.00 14.73 ? 114 ARG A O   1 
ATOM   774  C CB  . ARG A 1 105 ? -14.910 -0.948  -7.253  1.00 17.48 ? 114 ARG A CB  1 
ATOM   775  C CG  . ARG A 1 105 ? -15.356 -2.135  -6.409  1.00 19.42 ? 114 ARG A CG  1 
ATOM   776  C CD  . ARG A 1 105 ? -15.486 -3.409  -7.255  1.00 20.06 ? 114 ARG A CD  1 
ATOM   777  N NE  . ARG A 1 105 ? -14.198 -3.969  -7.661  1.00 23.32 ? 114 ARG A NE  1 
ATOM   778  C CZ  . ARG A 1 105 ? -13.343 -4.558  -6.831  1.00 20.36 ? 114 ARG A CZ  1 
ATOM   779  N NH1 . ARG A 1 105 ? -12.195 -5.039  -7.288  1.00 20.39 ? 114 ARG A NH1 1 
ATOM   780  N NH2 . ARG A 1 105 ? -13.634 -4.668  -5.541  1.00 17.54 ? 114 ARG A NH2 1 
ATOM   781  N N   . TYR A 1 106 ? -13.247 1.959   -7.453  1.00 14.43 ? 115 TYR A N   1 
ATOM   782  C CA  . TYR A 1 106 ? -12.786 2.990   -8.374  1.00 12.82 ? 115 TYR A CA  1 
ATOM   783  C C   . TYR A 1 106 ? -11.321 2.788   -8.761  1.00 12.95 ? 115 TYR A C   1 
ATOM   784  O O   . TYR A 1 106 ? -10.476 2.525   -7.908  1.00 10.82 ? 115 TYR A O   1 
ATOM   785  C CB  . TYR A 1 106 ? -12.957 4.381   -7.760  1.00 14.68 ? 115 TYR A CB  1 
ATOM   786  C CG  . TYR A 1 106 ? -12.620 5.496   -8.728  1.00 16.60 ? 115 TYR A CG  1 
ATOM   787  C CD1 . TYR A 1 106 ? -13.485 5.824   -9.776  1.00 16.46 ? 115 TYR A CD1 1 
ATOM   788  C CD2 . TYR A 1 106 ? -11.413 6.187   -8.631  1.00 19.28 ? 115 TYR A CD2 1 
ATOM   789  C CE1 . TYR A 1 106 ? -13.154 6.814   -10.708 1.00 17.53 ? 115 TYR A CE1 1 
ATOM   790  C CE2 . TYR A 1 106 ? -11.069 7.177   -9.557  1.00 18.27 ? 115 TYR A CE2 1 
ATOM   791  C CZ  . TYR A 1 106 ? -11.941 7.483   -10.593 1.00 17.80 ? 115 TYR A CZ  1 
ATOM   792  O OH  . TYR A 1 106 ? -11.590 8.440   -11.519 1.00 18.36 ? 115 TYR A OH  1 
ATOM   793  N N   . THR A 1 107 ? -11.032 2.920   -10.054 1.00 11.68 ? 116 THR A N   1 
ATOM   794  C CA  . THR A 1 107 ? -9.676  2.762   -10.570 1.00 10.61 ? 116 THR A CA  1 
ATOM   795  C C   . THR A 1 107 ? -9.158  4.097   -11.120 1.00 11.47 ? 116 THR A C   1 
ATOM   796  O O   . THR A 1 107 ? -9.735  4.651   -12.058 1.00 11.42 ? 116 THR A O   1 
ATOM   797  C CB  . THR A 1 107 ? -9.645  1.705   -11.695 1.00 12.17 ? 116 THR A CB  1 
ATOM   798  O OG1 . THR A 1 107 ? -10.097 0.447   -11.179 1.00 12.38 ? 116 THR A OG1 1 
ATOM   799  C CG2 . THR A 1 107 ? -8.238  1.539   -12.250 1.00 9.67  ? 116 THR A CG2 1 
ATOM   800  N N   . PHE A 1 108 ? -8.083  4.619   -10.531 1.00 9.78  ? 117 PHE A N   1 
ATOM   801  C CA  . PHE A 1 108 ? -7.505  5.880   -10.990 1.00 9.66  ? 117 PHE A CA  1 
ATOM   802  C C   . PHE A 1 108 ? -6.998  5.725   -12.426 1.00 11.73 ? 117 PHE A C   1 
ATOM   803  O O   . PHE A 1 108 ? -6.697  4.610   -12.871 1.00 10.62 ? 117 PHE A O   1 
ATOM   804  C CB  . PHE A 1 108 ? -6.324  6.303   -10.102 1.00 10.02 ? 117 PHE A CB  1 
ATOM   805  C CG  . PHE A 1 108 ? -6.695  6.568   -8.669  1.00 10.13 ? 117 PHE A CG  1 
ATOM   806  C CD1 . PHE A 1 108 ? -7.634  7.544   -8.344  1.00 10.18 ? 117 PHE A CD1 1 
ATOM   807  C CD2 . PHE A 1 108 ? -6.085  5.856   -7.639  1.00 12.84 ? 117 PHE A CD2 1 
ATOM   808  C CE1 . PHE A 1 108 ? -7.962  7.813   -7.014  1.00 10.72 ? 117 PHE A CE1 1 
ATOM   809  C CE2 . PHE A 1 108 ? -6.406  6.116   -6.295  1.00 14.79 ? 117 PHE A CE2 1 
ATOM   810  C CZ  . PHE A 1 108 ? -7.347  7.099   -5.985  1.00 12.23 ? 117 PHE A CZ  1 
ATOM   811  N N   . ALA A 1 109 ? -6.903  6.846   -13.138 1.00 11.91 ? 118 ALA A N   1 
ATOM   812  C CA  . ALA A 1 109 ? -6.414  6.854   -14.513 1.00 13.62 ? 118 ALA A CA  1 
ATOM   813  C C   . ALA A 1 109 ? -4.883  6.882   -14.513 1.00 14.06 ? 118 ALA A C   1 
ATOM   814  O O   . ALA A 1 109 ? -4.245  6.643   -15.541 1.00 14.24 ? 118 ALA A O   1 
ATOM   815  C CB  . ALA A 1 109 ? -6.959  8.070   -15.256 1.00 13.65 ? 118 ALA A CB  1 
ATOM   816  N N   . PHE A 1 110 ? -4.303  7.174   -13.350 1.00 12.96 ? 119 PHE A N   1 
ATOM   817  C CA  . PHE A 1 110 ? -2.851  7.234   -13.212 1.00 12.75 ? 119 PHE A CA  1 
ATOM   818  C C   . PHE A 1 110 ? -2.307  6.035   -12.433 1.00 12.33 ? 119 PHE A C   1 
ATOM   819  O O   . PHE A 1 110 ? -3.045  5.376   -11.693 1.00 11.27 ? 119 PHE A O   1 
ATOM   820  C CB  . PHE A 1 110 ? -2.439  8.528   -12.505 1.00 12.29 ? 119 PHE A CB  1 
ATOM   821  C CG  . PHE A 1 110 ? -3.112  8.733   -11.175 1.00 13.68 ? 119 PHE A CG  1 
ATOM   822  C CD1 . PHE A 1 110 ? -4.309  9.446   -11.086 1.00 13.48 ? 119 PHE A CD1 1 
ATOM   823  C CD2 . PHE A 1 110 ? -2.563  8.197   -10.013 1.00 15.06 ? 119 PHE A CD2 1 
ATOM   824  C CE1 . PHE A 1 110 ? -4.947  9.620   -9.862  1.00 14.55 ? 119 PHE A CE1 1 
ATOM   825  C CE2 . PHE A 1 110 ? -3.196  8.365   -8.782  1.00 15.35 ? 119 PHE A CE2 1 
ATOM   826  C CZ  . PHE A 1 110 ? -4.390  9.077   -8.707  1.00 14.57 ? 119 PHE A CZ  1 
ATOM   827  N N   . GLY A 1 111 ? -1.012  5.769   -12.599 1.00 11.58 ? 120 GLY A N   1 
ATOM   828  C CA  . GLY A 1 111 ? -0.378  4.655   -11.914 1.00 11.34 ? 120 GLY A CA  1 
ATOM   829  C C   . GLY A 1 111 ? 0.175   4.995   -10.536 1.00 11.99 ? 120 GLY A C   1 
ATOM   830  O O   . GLY A 1 111 ? 0.159   6.151   -10.109 1.00 9.48  ? 120 GLY A O   1 
ATOM   831  N N   . GLY A 1 112 ? 0.678   3.978   -9.841  1.00 12.21 ? 121 GLY A N   1 
ATOM   832  C CA  . GLY A 1 112 ? 1.220   4.189   -8.511  1.00 12.55 ? 121 GLY A CA  1 
ATOM   833  C C   . GLY A 1 112 ? 2.736   4.261   -8.415  1.00 14.07 ? 121 GLY A C   1 
ATOM   834  O O   . GLY A 1 112 ? 3.289   4.057   -7.335  1.00 13.20 ? 121 GLY A O   1 
ATOM   835  N N   . ASN A 1 113 ? 3.417   4.548   -9.522  1.00 14.68 ? 122 ASN A N   1 
ATOM   836  C CA  . ASN A 1 113 ? 4.871   4.644   -9.489  1.00 14.81 ? 122 ASN A CA  1 
ATOM   837  C C   . ASN A 1 113 ? 5.335   5.964   -8.869  1.00 14.63 ? 122 ASN A C   1 
ATOM   838  O O   . ASN A 1 113 ? 4.617   6.969   -8.894  1.00 12.48 ? 122 ASN A O   1 
ATOM   839  C CB  . ASN A 1 113 ? 5.465   4.495   -10.895 1.00 15.06 ? 122 ASN A CB  1 
ATOM   840  C CG  . ASN A 1 113 ? 4.859   5.458   -11.896 1.00 16.23 ? 122 ASN A CG  1 
ATOM   841  O OD1 . ASN A 1 113 ? 3.867   5.141   -12.551 1.00 18.56 ? 122 ASN A OD1 1 
ATOM   842  N ND2 . ASN A 1 113 ? 5.449   6.642   -12.014 1.00 8.99  ? 122 ASN A ND2 1 
ATOM   843  N N   . TYR A 1 114 ? 6.545   5.951   -8.321  1.00 13.94 ? 123 TYR A N   1 
ATOM   844  C CA  . TYR A 1 114 ? 7.116   7.125   -7.672  1.00 14.08 ? 123 TYR A CA  1 
ATOM   845  C C   . TYR A 1 114 ? 7.072   8.407   -8.502  1.00 13.24 ? 123 TYR A C   1 
ATOM   846  O O   . TYR A 1 114 ? 6.699   9.460   -7.988  1.00 12.85 ? 123 TYR A O   1 
ATOM   847  C CB  . TYR A 1 114 ? 8.556   6.831   -7.242  1.00 13.45 ? 123 TYR A CB  1 
ATOM   848  C CG  . TYR A 1 114 ? 8.676   5.838   -6.097  1.00 12.34 ? 123 TYR A CG  1 
ATOM   849  C CD1 . TYR A 1 114 ? 8.167   6.135   -4.831  1.00 13.39 ? 123 TYR A CD1 1 
ATOM   850  C CD2 . TYR A 1 114 ? 9.339   4.621   -6.270  1.00 12.27 ? 123 TYR A CD2 1 
ATOM   851  C CE1 . TYR A 1 114 ? 8.320   5.249   -3.763  1.00 11.57 ? 123 TYR A CE1 1 
ATOM   852  C CE2 . TYR A 1 114 ? 9.496   3.727   -5.212  1.00 13.03 ? 123 TYR A CE2 1 
ATOM   853  C CZ  . TYR A 1 114 ? 8.987   4.048   -3.959  1.00 12.69 ? 123 TYR A CZ  1 
ATOM   854  O OH  . TYR A 1 114 ? 9.163   3.170   -2.908  1.00 13.74 ? 123 TYR A OH  1 
ATOM   855  N N   . ASP A 1 115 ? 7.444   8.328   -9.776  1.00 14.71 ? 124 ASP A N   1 
ATOM   856  C CA  . ASP A 1 115 ? 7.430   9.517   -10.630 1.00 16.27 ? 124 ASP A CA  1 
ATOM   857  C C   . ASP A 1 115 ? 6.044   10.167  -10.718 1.00 14.97 ? 124 ASP A C   1 
ATOM   858  O O   . ASP A 1 115 ? 5.924   11.393  -10.635 1.00 14.60 ? 124 ASP A O   1 
ATOM   859  C CB  . ASP A 1 115 ? 7.926   9.179   -12.043 1.00 17.87 ? 124 ASP A CB  1 
ATOM   860  C CG  . ASP A 1 115 ? 9.365   8.675   -12.057 1.00 25.29 ? 124 ASP A CG  1 
ATOM   861  O OD1 . ASP A 1 115 ? 10.221  9.283   -11.376 1.00 26.26 ? 124 ASP A OD1 1 
ATOM   862  O OD2 . ASP A 1 115 ? 9.640   7.675   -12.758 1.00 30.60 ? 124 ASP A OD2 1 
ATOM   863  N N   . ARG A 1 116 ? 5.003   9.357   -10.891 1.00 14.60 ? 125 ARG A N   1 
ATOM   864  C CA  . ARG A 1 116 ? 3.651   9.901   -10.979 1.00 13.95 ? 125 ARG A CA  1 
ATOM   865  C C   . ARG A 1 116 ? 3.221   10.519  -9.651  1.00 13.80 ? 125 ARG A C   1 
ATOM   866  O O   . ARG A 1 116 ? 2.682   11.625  -9.621  1.00 14.10 ? 125 ARG A O   1 
ATOM   867  C CB  . ARG A 1 116 ? 2.648   8.815   -11.381 1.00 13.73 ? 125 ARG A CB  1 
ATOM   868  C CG  . ARG A 1 116 ? 1.190   9.295   -11.401 1.00 14.49 ? 125 ARG A CG  1 
ATOM   869  C CD  . ARG A 1 116 ? 1.005   10.464  -12.362 1.00 13.96 ? 125 ARG A CD  1 
ATOM   870  N NE  . ARG A 1 116 ? 1.503   10.128  -13.694 1.00 17.59 ? 125 ARG A NE  1 
ATOM   871  C CZ  . ARG A 1 116 ? 2.177   10.967  -14.473 1.00 19.82 ? 125 ARG A CZ  1 
ATOM   872  N NH1 . ARG A 1 116 ? 2.433   12.200  -14.054 1.00 17.85 ? 125 ARG A NH1 1 
ATOM   873  N NH2 . ARG A 1 116 ? 2.599   10.570  -15.666 1.00 21.89 ? 125 ARG A NH2 1 
ATOM   874  N N   . LEU A 1 117 ? 3.463   9.797   -8.559  1.00 13.32 ? 126 LEU A N   1 
ATOM   875  C CA  . LEU A 1 117 ? 3.103   10.268  -7.224  1.00 13.96 ? 126 LEU A CA  1 
ATOM   876  C C   . LEU A 1 117 ? 3.806   11.581  -6.879  1.00 14.00 ? 126 LEU A C   1 
ATOM   877  O O   . LEU A 1 117 ? 3.191   12.490  -6.317  1.00 14.77 ? 126 LEU A O   1 
ATOM   878  C CB  . LEU A 1 117 ? 3.448   9.199   -6.182  1.00 13.99 ? 126 LEU A CB  1 
ATOM   879  C CG  . LEU A 1 117 ? 2.335   8.288   -5.639  1.00 16.98 ? 126 LEU A CG  1 
ATOM   880  C CD1 . LEU A 1 117 ? 1.216   8.118   -6.645  1.00 16.54 ? 126 LEU A CD1 1 
ATOM   881  C CD2 . LEU A 1 117 ? 2.946   6.942   -5.254  1.00 14.81 ? 126 LEU A CD2 1 
ATOM   882  N N   . GLU A 1 118 ? 5.092   11.674  -7.210  1.00 13.79 ? 127 GLU A N   1 
ATOM   883  C CA  . GLU A 1 118 ? 5.850   12.894  -6.940  1.00 15.98 ? 127 GLU A CA  1 
ATOM   884  C C   . GLU A 1 118 ? 5.209   14.074  -7.683  1.00 16.13 ? 127 GLU A C   1 
ATOM   885  O O   . GLU A 1 118 ? 5.042   15.161  -7.121  1.00 17.61 ? 127 GLU A O   1 
ATOM   886  C CB  . GLU A 1 118 ? 7.306   12.733  -7.392  1.00 16.06 ? 127 GLU A CB  1 
ATOM   887  C CG  . GLU A 1 118 ? 8.155   11.784  -6.544  1.00 19.52 ? 127 GLU A CG  1 
ATOM   888  C CD  . GLU A 1 118 ? 8.436   12.328  -5.152  1.00 23.68 ? 127 GLU A CD  1 
ATOM   889  O OE1 . GLU A 1 118 ? 8.660   13.550  -5.030  1.00 30.89 ? 127 GLU A OE1 1 
ATOM   890  O OE2 . GLU A 1 118 ? 8.452   11.537  -4.184  1.00 26.82 ? 127 GLU A OE2 1 
ATOM   891  N N   . GLN A 1 119 ? 4.845   13.848  -8.942  1.00 16.94 ? 128 GLN A N   1 
ATOM   892  C CA  . GLN A 1 119 ? 4.226   14.890  -9.753  1.00 17.10 ? 128 GLN A CA  1 
ATOM   893  C C   . GLN A 1 119 ? 2.893   15.323  -9.146  1.00 16.13 ? 128 GLN A C   1 
ATOM   894  O O   . GLN A 1 119 ? 2.624   16.518  -9.024  1.00 16.30 ? 128 GLN A O   1 
ATOM   895  C CB  . GLN A 1 119 ? 4.036   14.395  -11.198 1.00 15.66 ? 128 GLN A CB  1 
ATOM   896  C CG  . GLN A 1 119 ? 3.316   15.378  -12.119 1.00 19.91 ? 128 GLN A CG  1 
ATOM   897  C CD  . GLN A 1 119 ? 1.803   15.256  -12.045 1.00 22.26 ? 128 GLN A CD  1 
ATOM   898  O OE1 . GLN A 1 119 ? 1.094   16.255  -11.908 1.00 28.40 ? 128 GLN A OE1 1 
ATOM   899  N NE2 . GLN A 1 119 ? 1.301   14.030  -12.146 1.00 17.76 ? 128 GLN A NE2 1 
ATOM   900  N N   . LEU A 1 120 ? 2.069   14.358  -8.747  1.00 15.48 ? 129 LEU A N   1 
ATOM   901  C CA  . LEU A 1 120 ? 0.777   14.677  -8.143  1.00 15.46 ? 129 LEU A CA  1 
ATOM   902  C C   . LEU A 1 120 ? 0.940   15.380  -6.790  1.00 16.11 ? 129 LEU A C   1 
ATOM   903  O O   . LEU A 1 120 ? 0.130   16.235  -6.437  1.00 15.21 ? 129 LEU A O   1 
ATOM   904  C CB  . LEU A 1 120 ? -0.067  13.404  -7.971  1.00 13.58 ? 129 LEU A CB  1 
ATOM   905  C CG  . LEU A 1 120 ? -0.501  12.646  -9.235  1.00 14.95 ? 129 LEU A CG  1 
ATOM   906  C CD1 . LEU A 1 120 ? -1.245  11.383  -8.836  1.00 15.38 ? 129 LEU A CD1 1 
ATOM   907  C CD2 . LEU A 1 120 ? -1.395  13.525  -10.104 1.00 13.22 ? 129 LEU A CD2 1 
ATOM   908  N N   . ALA A 1 121 ? 1.980   15.026  -6.035  1.00 18.45 ? 130 ALA A N   1 
ATOM   909  C CA  . ALA A 1 121 ? 2.211   15.643  -4.730  1.00 21.89 ? 130 ALA A CA  1 
ATOM   910  C C   . ALA A 1 121 ? 2.540   17.123  -4.891  1.00 25.46 ? 130 ALA A C   1 
ATOM   911  O O   . ALA A 1 121 ? 2.493   17.889  -3.926  1.00 25.10 ? 130 ALA A O   1 
ATOM   912  C CB  . ALA A 1 121 ? 3.346   14.934  -3.995  1.00 21.42 ? 130 ALA A CB  1 
ATOM   913  N N   . GLY A 1 122 ? 2.877   17.509  -6.119  1.00 29.31 ? 131 GLY A N   1 
ATOM   914  C CA  . GLY A 1 122 ? 3.205   18.889  -6.422  1.00 35.39 ? 131 GLY A CA  1 
ATOM   915  C C   . GLY A 1 122 ? 4.046   19.605  -5.384  1.00 39.81 ? 131 GLY A C   1 
ATOM   916  O O   . GLY A 1 122 ? 5.043   19.076  -4.891  1.00 39.65 ? 131 GLY A O   1 
ATOM   917  N N   . ASN A 1 123 ? 3.628   20.825  -5.056  1.00 44.47 ? 132 ASN A N   1 
ATOM   918  C CA  . ASN A 1 123 ? 4.320   21.663  -4.084  1.00 48.78 ? 132 ASN A CA  1 
ATOM   919  C C   . ASN A 1 123 ? 4.240   21.070  -2.684  1.00 50.72 ? 132 ASN A C   1 
ATOM   920  O O   . ASN A 1 123 ? 5.240   21.009  -1.962  1.00 51.65 ? 132 ASN A O   1 
ATOM   921  C CB  . ASN A 1 123 ? 3.696   23.060  -4.068  1.00 49.09 ? 132 ASN A CB  1 
ATOM   922  C CG  . ASN A 1 123 ? 2.243   23.044  -3.615  1.00 51.42 ? 132 ASN A CG  1 
ATOM   923  O OD1 . ASN A 1 123 ? 1.414   22.322  -4.173  1.00 53.50 ? 132 ASN A OD1 1 
ATOM   924  N ND2 . ASN A 1 123 ? 1.929   23.839  -2.597  1.00 51.73 ? 132 ASN A ND2 1 
ATOM   925  N N   . LEU A 1 124 ? 3.037   20.634  -2.315  1.00 53.01 ? 133 LEU A N   1 
ATOM   926  C CA  . LEU A 1 124 ? 2.774   20.065  -0.999  1.00 53.68 ? 133 LEU A CA  1 
ATOM   927  C C   . LEU A 1 124 ? 3.942   19.340  -0.360  1.00 54.74 ? 133 LEU A C   1 
ATOM   928  O O   . LEU A 1 124 ? 4.209   19.530  0.827   1.00 54.77 ? 133 LEU A O   1 
ATOM   929  C CB  . LEU A 1 124 ? 1.575   19.113  -1.046  1.00 53.99 ? 133 LEU A CB  1 
ATOM   930  C CG  . LEU A 1 124 ? 1.326   18.344  0.258   1.00 53.20 ? 133 LEU A CG  1 
ATOM   931  C CD1 . LEU A 1 124 ? 1.220   19.318  1.428   1.00 54.88 ? 133 LEU A CD1 1 
ATOM   932  C CD2 . LEU A 1 124 ? 0.061   17.522  0.134   1.00 52.87 ? 133 LEU A CD2 1 
ATOM   933  N N   . ARG A 1 125 ? 4.646   18.515  -1.126  1.00 55.43 ? 134 ARG A N   1 
ATOM   934  C CA  . ARG A 1 125 ? 5.747   17.787  -0.526  1.00 55.95 ? 134 ARG A CA  1 
ATOM   935  C C   . ARG A 1 125 ? 7.087   17.787  -1.243  1.00 56.05 ? 134 ARG A C   1 
ATOM   936  O O   . ARG A 1 125 ? 7.263   17.175  -2.301  1.00 56.02 ? 134 ARG A O   1 
ATOM   937  C CB  . ARG A 1 125 ? 5.312   16.350  -0.239  1.00 56.01 ? 134 ARG A CB  1 
ATOM   938  C CG  . ARG A 1 125 ? 5.572   15.917  1.199   1.00 59.16 ? 134 ARG A CG  1 
ATOM   939  C CD  . ARG A 1 125 ? 4.947   16.869  2.216   1.00 61.03 ? 134 ARG A CD  1 
ATOM   940  N NE  . ARG A 1 125 ? 5.107   16.381  3.583   1.00 63.75 ? 134 ARG A NE  1 
ATOM   941  C CZ  . ARG A 1 125 ? 6.280   16.201  4.184   1.00 65.16 ? 134 ARG A CZ  1 
ATOM   942  N NH1 . ARG A 1 125 ? 7.409   16.474  3.542   1.00 66.45 ? 134 ARG A NH1 1 
ATOM   943  N NH2 . ARG A 1 125 ? 6.327   15.741  5.427   1.00 65.44 ? 134 ARG A NH2 1 
ATOM   944  N N   . GLU A 1 126 ? 8.030   18.495  -0.628  1.00 55.67 ? 135 GLU A N   1 
ATOM   945  C CA  . GLU A 1 126 ? 9.399   18.604  -1.103  1.00 55.31 ? 135 GLU A CA  1 
ATOM   946  C C   . GLU A 1 126 ? 10.150  17.929  0.039   1.00 54.16 ? 135 GLU A C   1 
ATOM   947  O O   . GLU A 1 126 ? 10.304  18.511  1.112   1.00 54.46 ? 135 GLU A O   1 
ATOM   948  C CB  . GLU A 1 126 ? 9.806   20.075  -1.214  1.00 55.55 ? 135 GLU A CB  1 
ATOM   949  C CG  . GLU A 1 126 ? 10.944  20.337  -2.185  1.00 56.92 ? 135 GLU A CG  1 
ATOM   950  C CD  . GLU A 1 126 ? 10.583  19.958  -3.612  1.00 58.90 ? 135 GLU A CD  1 
ATOM   951  O OE1 . GLU A 1 126 ? 9.555   20.456  -4.120  1.00 59.55 ? 135 GLU A OE1 1 
ATOM   952  O OE2 . GLU A 1 126 ? 11.327  19.165  -4.225  1.00 60.53 ? 135 GLU A OE2 1 
ATOM   953  N N   . ASN A 1 127 ? 10.596  16.697  -0.189  1.00 52.78 ? 136 ASN A N   1 
ATOM   954  C CA  . ASN A 1 127 ? 11.281  15.920  0.840   1.00 50.98 ? 136 ASN A CA  1 
ATOM   955  C C   . ASN A 1 127 ? 10.247  15.522  1.889   1.00 48.54 ? 136 ASN A C   1 
ATOM   956  O O   . ASN A 1 127 ? 10.035  16.232  2.875   1.00 48.64 ? 136 ASN A O   1 
ATOM   957  C CB  . ASN A 1 127 ? 12.405  16.728  1.497   1.00 52.09 ? 136 ASN A CB  1 
ATOM   958  C CG  . ASN A 1 127 ? 13.699  16.677  0.706   1.00 54.70 ? 136 ASN A CG  1 
ATOM   959  O OD1 . ASN A 1 127 ? 13.759  17.124  -0.442  1.00 58.93 ? 136 ASN A OD1 1 
ATOM   960  N ND2 . ASN A 1 127 ? 14.745  16.125  1.317   1.00 54.47 ? 136 ASN A ND2 1 
ATOM   961  N N   . ILE A 1 128 ? 9.602   14.384  1.656   1.00 45.38 ? 137 ILE A N   1 
ATOM   962  C CA  . ILE A 1 128 ? 8.576   13.869  2.553   1.00 40.97 ? 137 ILE A CA  1 
ATOM   963  C C   . ILE A 1 128 ? 9.200   13.225  3.787   1.00 38.99 ? 137 ILE A C   1 
ATOM   964  O O   . ILE A 1 128 ? 10.049  12.341  3.677   1.00 38.78 ? 137 ILE A O   1 
ATOM   965  C CB  . ILE A 1 128 ? 7.695   12.826  1.832   1.00 41.01 ? 137 ILE A CB  1 
ATOM   966  C CG1 . ILE A 1 128 ? 7.262   13.378  0.471   1.00 39.40 ? 137 ILE A CG1 1 
ATOM   967  C CG2 . ILE A 1 128 ? 6.482   12.486  2.687   1.00 40.10 ? 137 ILE A CG2 1 
ATOM   968  C CD1 . ILE A 1 128 ? 6.370   12.456  -0.326  1.00 39.74 ? 137 ILE A CD1 1 
ATOM   969  N N   . GLU A 1 129 ? 8.769   13.676  4.960   1.00 35.94 ? 138 GLU A N   1 
ATOM   970  C CA  . GLU A 1 129 ? 9.273   13.160  6.230   1.00 34.76 ? 138 GLU A CA  1 
ATOM   971  C C   . GLU A 1 129 ? 8.630   11.804  6.548   1.00 30.75 ? 138 GLU A C   1 
ATOM   972  O O   . GLU A 1 129 ? 7.416   11.645  6.437   1.00 29.86 ? 138 GLU A O   1 
ATOM   973  C CB  . GLU A 1 129 ? 8.958   14.161  7.346   1.00 35.18 ? 138 GLU A CB  1 
ATOM   974  C CG  . GLU A 1 129 ? 9.633   13.877  8.684   1.00 39.63 ? 138 GLU A CG  1 
ATOM   975  C CD  . GLU A 1 129 ? 11.130  14.162  8.668   1.00 39.96 ? 138 GLU A CD  1 
ATOM   976  O OE1 . GLU A 1 129 ? 11.762  14.076  9.743   1.00 46.11 ? 138 GLU A OE1 1 
ATOM   977  O OE2 . GLU A 1 129 ? 11.673  14.471  7.585   1.00 43.56 ? 138 GLU A OE2 1 
ATOM   978  N N   . LEU A 1 130 ? 9.447   10.829  6.931   1.00 27.11 ? 139 LEU A N   1 
ATOM   979  C CA  . LEU A 1 130 ? 8.936   9.504   7.269   1.00 24.24 ? 139 LEU A CA  1 
ATOM   980  C C   . LEU A 1 130 ? 9.006   9.282   8.779   1.00 23.49 ? 139 LEU A C   1 
ATOM   981  O O   . LEU A 1 130 ? 9.735   9.981   9.484   1.00 22.06 ? 139 LEU A O   1 
ATOM   982  C CB  . LEU A 1 130 ? 9.738   8.414   6.547   1.00 23.39 ? 139 LEU A CB  1 
ATOM   983  C CG  . LEU A 1 130 ? 9.724   8.357   5.014   1.00 19.32 ? 139 LEU A CG  1 
ATOM   984  C CD1 . LEU A 1 130 ? 10.490  7.122   4.550   1.00 15.79 ? 139 LEU A CD1 1 
ATOM   985  C CD2 . LEU A 1 130 ? 8.291   8.308   4.498   1.00 17.42 ? 139 LEU A CD2 1 
ATOM   986  N N   . GLY A 1 131 ? 8.248   8.303   9.268   1.00 22.00 ? 140 GLY A N   1 
ATOM   987  C CA  . GLY A 1 131 ? 8.232   8.009   10.690  1.00 20.69 ? 140 GLY A CA  1 
ATOM   988  C C   . GLY A 1 131 ? 6.874   7.512   11.146  1.00 19.74 ? 140 GLY A C   1 
ATOM   989  O O   . GLY A 1 131 ? 5.938   7.407   10.346  1.00 19.77 ? 140 GLY A O   1 
ATOM   990  N N   . ASN A 1 132 ? 6.753   7.211   12.435  1.00 17.95 ? 141 ASN A N   1 
ATOM   991  C CA  . ASN A 1 132 ? 5.491   6.719   12.973  1.00 18.45 ? 141 ASN A CA  1 
ATOM   992  C C   . ASN A 1 132 ? 4.418   7.807   12.892  1.00 17.65 ? 141 ASN A C   1 
ATOM   993  O O   . ASN A 1 132 ? 3.256   7.523   12.599  1.00 17.22 ? 141 ASN A O   1 
ATOM   994  C CB  . ASN A 1 132 ? 5.682   6.265   14.423  1.00 18.76 ? 141 ASN A CB  1 
ATOM   995  C CG  . ASN A 1 132 ? 4.523   5.426   14.932  1.00 18.63 ? 141 ASN A CG  1 
ATOM   996  O OD1 . ASN A 1 132 ? 3.829   5.809   15.873  1.00 23.87 ? 141 ASN A OD1 1 
ATOM   997  N ND2 . ASN A 1 132 ? 4.311   4.273   14.310  1.00 19.11 ? 141 ASN A ND2 1 
ATOM   998  N N   . GLY A 1 133 ? 4.824   9.049   13.146  1.00 17.89 ? 142 GLY A N   1 
ATOM   999  C CA  . GLY A 1 133 ? 3.904   10.172  13.098  1.00 16.91 ? 142 GLY A CA  1 
ATOM   1000 C C   . GLY A 1 133 ? 3.365   10.393  11.698  1.00 16.99 ? 142 GLY A C   1 
ATOM   1001 O O   . GLY A 1 133 ? 2.153   10.499  11.512  1.00 16.65 ? 142 GLY A O   1 
ATOM   1002 N N   . PRO A 1 134 ? 4.245   10.489  10.686  1.00 15.83 ? 143 PRO A N   1 
ATOM   1003 C CA  . PRO A 1 134 ? 3.779   10.696  9.313   1.00 14.93 ? 143 PRO A CA  1 
ATOM   1004 C C   . PRO A 1 134 ? 2.864   9.558   8.844   1.00 13.93 ? 143 PRO A C   1 
ATOM   1005 O O   . PRO A 1 134 ? 1.882   9.798   8.137   1.00 13.87 ? 143 PRO A O   1 
ATOM   1006 C CB  . PRO A 1 134 ? 5.082   10.770  8.522   1.00 15.69 ? 143 PRO A CB  1 
ATOM   1007 C CG  . PRO A 1 134 ? 6.005   11.442  9.502   1.00 15.43 ? 143 PRO A CG  1 
ATOM   1008 C CD  . PRO A 1 134 ? 5.702   10.696  10.781  1.00 16.20 ? 143 PRO A CD  1 
ATOM   1009 N N   . LEU A 1 135 ? 3.183   8.326   9.246   1.00 12.74 ? 144 LEU A N   1 
ATOM   1010 C CA  . LEU A 1 135 ? 2.380   7.160   8.862   1.00 13.52 ? 144 LEU A CA  1 
ATOM   1011 C C   . LEU A 1 135 ? 1.000   7.212   9.515   1.00 13.61 ? 144 LEU A C   1 
ATOM   1012 O O   . LEU A 1 135 ? -0.003  6.824   8.912   1.00 15.01 ? 144 LEU A O   1 
ATOM   1013 C CB  . LEU A 1 135 ? 3.092   5.861   9.258   1.00 11.57 ? 144 LEU A CB  1 
ATOM   1014 C CG  . LEU A 1 135 ? 2.297   4.573   9.006   1.00 13.99 ? 144 LEU A CG  1 
ATOM   1015 C CD1 . LEU A 1 135 ? 1.947   4.448   7.522   1.00 8.09  ? 144 LEU A CD1 1 
ATOM   1016 C CD2 . LEU A 1 135 ? 3.118   3.374   9.463   1.00 14.42 ? 144 LEU A CD2 1 
ATOM   1017 N N   . GLU A 1 136 ? 0.966   7.682   10.756  1.00 15.36 ? 145 GLU A N   1 
ATOM   1018 C CA  . GLU A 1 136 ? -0.275  7.831   11.511  1.00 15.69 ? 145 GLU A CA  1 
ATOM   1019 C C   . GLU A 1 136 ? -1.202  8.732   10.695  1.00 14.81 ? 145 GLU A C   1 
ATOM   1020 O O   . GLU A 1 136 ? -2.352  8.381   10.420  1.00 14.26 ? 145 GLU A O   1 
ATOM   1021 C CB  . GLU A 1 136 ? 0.036   8.478   12.866  1.00 16.95 ? 145 GLU A CB  1 
ATOM   1022 C CG  . GLU A 1 136 ? -1.148  9.045   13.648  1.00 21.27 ? 145 GLU A CG  1 
ATOM   1023 C CD  . GLU A 1 136 ? -1.832  8.023   14.549  1.00 28.36 ? 145 GLU A CD  1 
ATOM   1024 O OE1 . GLU A 1 136 ? -1.131  7.213   15.197  1.00 26.80 ? 145 GLU A OE1 1 
ATOM   1025 O OE2 . GLU A 1 136 ? -3.079  8.045   14.624  1.00 31.72 ? 145 GLU A OE2 1 
ATOM   1026 N N   . GLU A 1 137 ? -0.675  9.884   10.295  1.00 14.50 ? 146 GLU A N   1 
ATOM   1027 C CA  . GLU A 1 137 ? -1.429  10.862  9.517   1.00 15.50 ? 146 GLU A CA  1 
ATOM   1028 C C   . GLU A 1 137 ? -1.746  10.353  8.105   1.00 13.55 ? 146 GLU A C   1 
ATOM   1029 O O   . GLU A 1 137 ? -2.803  10.661  7.550   1.00 12.62 ? 146 GLU A O   1 
ATOM   1030 C CB  . GLU A 1 137 ? -0.638  12.181  9.444   1.00 15.73 ? 146 GLU A CB  1 
ATOM   1031 C CG  . GLU A 1 137 ? -1.320  13.306  8.679   1.00 21.31 ? 146 GLU A CG  1 
ATOM   1032 C CD  . GLU A 1 137 ? -2.483  13.932  9.440   1.00 29.69 ? 146 GLU A CD  1 
ATOM   1033 O OE1 . GLU A 1 137 ? -3.079  14.899  8.915   1.00 34.87 ? 146 GLU A OE1 1 
ATOM   1034 O OE2 . GLU A 1 137 ? -2.805  13.467  10.556  1.00 29.26 ? 146 GLU A OE2 1 
ATOM   1035 N N   . ALA A 1 138 ? -0.834  9.578   7.525   1.00 11.89 ? 147 ALA A N   1 
ATOM   1036 C CA  . ALA A 1 138 ? -1.057  9.039   6.186   1.00 11.79 ? 147 ALA A CA  1 
ATOM   1037 C C   . ALA A 1 138 ? -2.263  8.101   6.192   1.00 10.97 ? 147 ALA A C   1 
ATOM   1038 O O   . ALA A 1 138 ? -3.070  8.102   5.256   1.00 11.50 ? 147 ALA A O   1 
ATOM   1039 C CB  . ALA A 1 138 ? 0.181   8.296   5.698   1.00 10.61 ? 147 ALA A CB  1 
ATOM   1040 N N   . ILE A 1 139 ? -2.382  7.302   7.249   1.00 9.71  ? 148 ILE A N   1 
ATOM   1041 C CA  . ILE A 1 139 ? -3.497  6.372   7.368   1.00 9.16  ? 148 ILE A CA  1 
ATOM   1042 C C   . ILE A 1 139 ? -4.821  7.134   7.394   1.00 9.34  ? 148 ILE A C   1 
ATOM   1043 O O   . ILE A 1 139 ? -5.783  6.727   6.741   1.00 9.51  ? 148 ILE A O   1 
ATOM   1044 C CB  . ILE A 1 139 ? -3.350  5.495   8.636   1.00 7.60  ? 148 ILE A CB  1 
ATOM   1045 C CG1 . ILE A 1 139 ? -2.197  4.507   8.431   1.00 8.14  ? 148 ILE A CG1 1 
ATOM   1046 C CG2 . ILE A 1 139 ? -4.653  4.761   8.935   1.00 7.98  ? 148 ILE A CG2 1 
ATOM   1047 C CD1 . ILE A 1 139 ? -1.712  3.847   9.702   1.00 5.19  ? 148 ILE A CD1 1 
ATOM   1048 N N   . SER A 1 140 ? -4.867  8.243   8.128   1.00 9.51  ? 149 SER A N   1 
ATOM   1049 C CA  . SER A 1 140 ? -6.085  9.048   8.203   1.00 11.93 ? 149 SER A CA  1 
ATOM   1050 C C   . SER A 1 140 ? -6.417  9.659   6.835   1.00 11.52 ? 149 SER A C   1 
ATOM   1051 O O   . SER A 1 140 ? -7.581  9.693   6.422   1.00 12.57 ? 149 SER A O   1 
ATOM   1052 C CB  . SER A 1 140 ? -5.930  10.168  9.238   1.00 12.24 ? 149 SER A CB  1 
ATOM   1053 O OG  . SER A 1 140 ? -5.803  9.652   10.555  1.00 14.59 ? 149 SER A OG  1 
ATOM   1054 N N   . ALA A 1 141 ? -5.389  10.139  6.141   1.00 11.59 ? 150 ALA A N   1 
ATOM   1055 C CA  . ALA A 1 141 ? -5.560  10.748  4.823   1.00 11.97 ? 150 ALA A CA  1 
ATOM   1056 C C   . ALA A 1 141 ? -6.175  9.759   3.833   1.00 11.92 ? 150 ALA A C   1 
ATOM   1057 O O   . ALA A 1 141 ? -7.097  10.106  3.087   1.00 12.30 ? 150 ALA A O   1 
ATOM   1058 C CB  . ALA A 1 141 ? -4.212  11.246  4.297   1.00 10.68 ? 150 ALA A CB  1 
ATOM   1059 N N   . LEU A 1 142 ? -5.654  8.533   3.821   1.00 11.74 ? 151 LEU A N   1 
ATOM   1060 C CA  . LEU A 1 142 ? -6.176  7.504   2.922   1.00 12.22 ? 151 LEU A CA  1 
ATOM   1061 C C   . LEU A 1 142 ? -7.624  7.198   3.265   1.00 12.36 ? 151 LEU A C   1 
ATOM   1062 O O   . LEU A 1 142 ? -8.458  7.039   2.377   1.00 12.37 ? 151 LEU A O   1 
ATOM   1063 C CB  . LEU A 1 142 ? -5.343  6.215   3.007   1.00 11.58 ? 151 LEU A CB  1 
ATOM   1064 C CG  . LEU A 1 142 ? -4.290  6.018   1.903   1.00 12.50 ? 151 LEU A CG  1 
ATOM   1065 C CD1 . LEU A 1 142 ? -3.226  7.098   1.998   1.00 12.62 ? 151 LEU A CD1 1 
ATOM   1066 C CD2 . LEU A 1 142 ? -3.652  4.634   2.038   1.00 12.47 ? 151 LEU A CD2 1 
ATOM   1067 N N   . TYR A 1 143 ? -7.926  7.125   4.556   1.00 12.83 ? 152 TYR A N   1 
ATOM   1068 C CA  . TYR A 1 143 ? -9.290  6.837   4.972   1.00 14.58 ? 152 TYR A CA  1 
ATOM   1069 C C   . TYR A 1 143 ? -10.279 7.938   4.588   1.00 14.01 ? 152 TYR A C   1 
ATOM   1070 O O   . TYR A 1 143 ? -11.308 7.667   3.973   1.00 15.10 ? 152 TYR A O   1 
ATOM   1071 C CB  . TYR A 1 143 ? -9.382  6.621   6.482   1.00 16.28 ? 152 TYR A CB  1 
ATOM   1072 C CG  . TYR A 1 143 ? -10.698 5.989   6.843   1.00 20.14 ? 152 TYR A CG  1 
ATOM   1073 C CD1 . TYR A 1 143 ? -10.838 4.600   6.858   1.00 22.45 ? 152 TYR A CD1 1 
ATOM   1074 C CD2 . TYR A 1 143 ? -11.837 6.767   7.036   1.00 20.87 ? 152 TYR A CD2 1 
ATOM   1075 C CE1 . TYR A 1 143 ? -12.078 4.002   7.043   1.00 24.17 ? 152 TYR A CE1 1 
ATOM   1076 C CE2 . TYR A 1 143 ? -13.081 6.180   7.219   1.00 24.31 ? 152 TYR A CE2 1 
ATOM   1077 C CZ  . TYR A 1 143 ? -13.193 4.798   7.221   1.00 22.63 ? 152 TYR A CZ  1 
ATOM   1078 O OH  . TYR A 1 143 ? -14.425 4.208   7.398   1.00 26.82 ? 152 TYR A OH  1 
ATOM   1079 N N   . TYR A 1 144 ? -9.973  9.177   4.959   1.00 13.21 ? 153 TYR A N   1 
ATOM   1080 C CA  . TYR A 1 144 ? -10.873 10.286  4.658   1.00 13.68 ? 153 TYR A CA  1 
ATOM   1081 C C   . TYR A 1 144 ? -11.010 10.601  3.174   1.00 14.42 ? 153 TYR A C   1 
ATOM   1082 O O   . TYR A 1 144 ? -11.974 11.245  2.761   1.00 12.66 ? 153 TYR A O   1 
ATOM   1083 C CB  . TYR A 1 144 ? -10.458 11.534  5.451   1.00 11.73 ? 153 TYR A CB  1 
ATOM   1084 C CG  . TYR A 1 144 ? -10.752 11.393  6.931   1.00 13.09 ? 153 TYR A CG  1 
ATOM   1085 C CD1 . TYR A 1 144 ? -12.037 11.073  7.372   1.00 15.06 ? 153 TYR A CD1 1 
ATOM   1086 C CD2 . TYR A 1 144 ? -9.741  11.529  7.886   1.00 9.76  ? 153 TYR A CD2 1 
ATOM   1087 C CE1 . TYR A 1 144 ? -12.313 10.883  8.723   1.00 13.33 ? 153 TYR A CE1 1 
ATOM   1088 C CE2 . TYR A 1 144 ? -10.006 11.340  9.249   1.00 9.09  ? 153 TYR A CE2 1 
ATOM   1089 C CZ  . TYR A 1 144 ? -11.298 11.013  9.656   1.00 11.45 ? 153 TYR A CZ  1 
ATOM   1090 O OH  . TYR A 1 144 ? -11.577 10.792  10.982  1.00 11.07 ? 153 TYR A OH  1 
ATOM   1091 N N   . TYR A 1 145 ? -10.067 10.132  2.362   1.00 16.24 ? 154 TYR A N   1 
ATOM   1092 C CA  . TYR A 1 145 ? -10.154 10.385  0.932   1.00 16.97 ? 154 TYR A CA  1 
ATOM   1093 C C   . TYR A 1 145 ? -11.497 9.884   0.431   1.00 18.17 ? 154 TYR A C   1 
ATOM   1094 O O   . TYR A 1 145 ? -12.130 10.516  -0.416  1.00 18.58 ? 154 TYR A O   1 
ATOM   1095 C CB  . TYR A 1 145 ? -9.043  9.665   0.159   1.00 17.58 ? 154 TYR A CB  1 
ATOM   1096 C CG  . TYR A 1 145 ? -9.127  9.906   -1.338  1.00 17.42 ? 154 TYR A CG  1 
ATOM   1097 C CD1 . TYR A 1 145 ? -8.896  11.177  -1.874  1.00 16.57 ? 154 TYR A CD1 1 
ATOM   1098 C CD2 . TYR A 1 145 ? -9.492  8.881   -2.210  1.00 15.42 ? 154 TYR A CD2 1 
ATOM   1099 C CE1 . TYR A 1 145 ? -9.027  11.423  -3.243  1.00 18.46 ? 154 TYR A CE1 1 
ATOM   1100 C CE2 . TYR A 1 145 ? -9.629  9.113   -3.587  1.00 17.49 ? 154 TYR A CE2 1 
ATOM   1101 C CZ  . TYR A 1 145 ? -9.394  10.387  -4.095  1.00 17.13 ? 154 TYR A CZ  1 
ATOM   1102 O OH  . TYR A 1 145 ? -9.521  10.624  -5.447  1.00 19.14 ? 154 TYR A OH  1 
ATOM   1103 N N   . SER A 1 146 ? -11.934 8.751   0.972   1.00 20.07 ? 155 SER A N   1 
ATOM   1104 C CA  . SER A 1 146 ? -13.198 8.160   0.559   1.00 22.00 ? 155 SER A CA  1 
ATOM   1105 C C   . SER A 1 146 ? -14.428 8.979   0.928   1.00 21.58 ? 155 SER A C   1 
ATOM   1106 O O   . SER A 1 146 ? -15.520 8.677   0.455   1.00 22.23 ? 155 SER A O   1 
ATOM   1107 C CB  . SER A 1 146 ? -13.335 6.735   1.118   1.00 22.75 ? 155 SER A CB  1 
ATOM   1108 O OG  . SER A 1 146 ? -13.345 6.723   2.532   1.00 26.07 ? 155 SER A OG  1 
ATOM   1109 N N   . THR A 1 147 ? -14.265 10.010  1.758   1.00 21.02 ? 156 THR A N   1 
ATOM   1110 C CA  . THR A 1 147 ? -15.409 10.846  2.139   1.00 19.66 ? 156 THR A CA  1 
ATOM   1111 C C   . THR A 1 147 ? -15.257 12.326  1.790   1.00 19.73 ? 156 THR A C   1 
ATOM   1112 O O   . THR A 1 147 ? -16.014 13.162  2.285   1.00 19.66 ? 156 THR A O   1 
ATOM   1113 C CB  . THR A 1 147 ? -15.742 10.729  3.648   1.00 20.08 ? 156 THR A CB  1 
ATOM   1114 O OG1 . THR A 1 147 ? -14.566 10.964  4.430   1.00 17.30 ? 156 THR A OG1 1 
ATOM   1115 C CG2 . THR A 1 147 ? -16.296 9.355   3.960   1.00 20.59 ? 156 THR A CG2 1 
ATOM   1116 N N   . GLY A 1 148 ? -14.273 12.642  0.951   1.00 17.90 ? 157 GLY A N   1 
ATOM   1117 C CA  . GLY A 1 148 ? -14.063 14.014  0.515   1.00 17.06 ? 157 GLY A CA  1 
ATOM   1118 C C   . GLY A 1 148 ? -13.198 14.938  1.357   1.00 15.69 ? 157 GLY A C   1 
ATOM   1119 O O   . GLY A 1 148 ? -13.103 16.132  1.061   1.00 14.70 ? 157 GLY A O   1 
ATOM   1120 N N   . GLY A 1 149 ? -12.548 14.411  2.386   1.00 14.97 ? 158 GLY A N   1 
ATOM   1121 C CA  . GLY A 1 149 ? -11.734 15.269  3.227   1.00 14.85 ? 158 GLY A CA  1 
ATOM   1122 C C   . GLY A 1 149 ? -10.255 15.297  2.894   1.00 15.18 ? 158 GLY A C   1 
ATOM   1123 O O   . GLY A 1 149 ? -9.471  15.941  3.591   1.00 15.00 ? 158 GLY A O   1 
ATOM   1124 N N   . THR A 1 150 ? -9.866  14.603  1.831   1.00 14.47 ? 159 THR A N   1 
ATOM   1125 C CA  . THR A 1 150 ? -8.463  14.557  1.442   1.00 14.96 ? 159 THR A CA  1 
ATOM   1126 C C   . THR A 1 150 ? -8.271  15.016  0.005   1.00 15.93 ? 159 THR A C   1 
ATOM   1127 O O   . THR A 1 150 ? -8.893  14.477  -0.910  1.00 17.67 ? 159 THR A O   1 
ATOM   1128 C CB  . THR A 1 150 ? -7.896  13.124  1.574   1.00 14.19 ? 159 THR A CB  1 
ATOM   1129 O OG1 . THR A 1 150 ? -8.100  12.645  2.910   1.00 14.59 ? 159 THR A OG1 1 
ATOM   1130 C CG2 . THR A 1 150 ? -6.404  13.108  1.258   1.00 10.59 ? 159 THR A CG2 1 
ATOM   1131 N N   . GLN A 1 151 ? -7.412  16.014  -0.186  1.00 16.76 ? 160 GLN A N   1 
ATOM   1132 C CA  . GLN A 1 151 ? -7.123  16.532  -1.517  1.00 17.77 ? 160 GLN A CA  1 
ATOM   1133 C C   . GLN A 1 151 ? -6.095  15.633  -2.197  1.00 16.38 ? 160 GLN A C   1 
ATOM   1134 O O   . GLN A 1 151 ? -5.305  14.956  -1.535  1.00 15.07 ? 160 GLN A O   1 
ATOM   1135 C CB  . GLN A 1 151 ? -6.587  17.963  -1.438  1.00 17.56 ? 160 GLN A CB  1 
ATOM   1136 C CG  . GLN A 1 151 ? -7.621  19.013  -1.037  1.00 23.55 ? 160 GLN A CG  1 
ATOM   1137 C CD  . GLN A 1 151 ? -8.850  19.013  -1.940  1.00 33.83 ? 160 GLN A CD  1 
ATOM   1138 O OE1 . GLN A 1 151 ? -9.853  18.348  -1.653  1.00 33.87 ? 160 GLN A OE1 1 
ATOM   1139 N NE2 . GLN A 1 151 ? -8.773  19.753  -3.044  1.00 35.08 ? 160 GLN A NE2 1 
ATOM   1140 N N   . LEU A 1 152 ? -6.094  15.650  -3.524  1.00 15.25 ? 161 LEU A N   1 
ATOM   1141 C CA  . LEU A 1 152 ? -5.189  14.812  -4.298  1.00 15.47 ? 161 LEU A CA  1 
ATOM   1142 C C   . LEU A 1 152 ? -3.705  14.903  -3.931  1.00 13.53 ? 161 LEU A C   1 
ATOM   1143 O O   . LEU A 1 152 ? -3.057  13.877  -3.736  1.00 13.88 ? 161 LEU A O   1 
ATOM   1144 C CB  . LEU A 1 152 ? -5.385  15.083  -5.791  1.00 16.32 ? 161 LEU A CB  1 
ATOM   1145 C CG  . LEU A 1 152 ? -4.766  14.054  -6.738  1.00 19.11 ? 161 LEU A CG  1 
ATOM   1146 C CD1 . LEU A 1 152 ? -5.148  12.646  -6.290  1.00 16.26 ? 161 LEU A CD1 1 
ATOM   1147 C CD2 . LEU A 1 152 ? -5.249  14.319  -8.157  1.00 24.45 ? 161 LEU A CD2 1 
ATOM   1148 N N   . PRO A 1 153 ? -3.144  16.123  -3.833  1.00 12.97 ? 162 PRO A N   1 
ATOM   1149 C CA  . PRO A 1 153 ? -1.721  16.248  -3.483  1.00 12.80 ? 162 PRO A CA  1 
ATOM   1150 C C   . PRO A 1 153 ? -1.404  15.577  -2.140  1.00 12.32 ? 162 PRO A C   1 
ATOM   1151 O O   . PRO A 1 153 ? -0.331  14.990  -1.956  1.00 12.16 ? 162 PRO A O   1 
ATOM   1152 C CB  . PRO A 1 153 ? -1.506  17.765  -3.434  1.00 11.24 ? 162 PRO A CB  1 
ATOM   1153 C CG  . PRO A 1 153 ? -2.516  18.287  -4.406  1.00 13.68 ? 162 PRO A CG  1 
ATOM   1154 C CD  . PRO A 1 153 ? -3.738  17.447  -4.088  1.00 12.79 ? 162 PRO A CD  1 
ATOM   1155 N N   . THR A 1 154 ? -2.348  15.671  -1.209  1.00 12.24 ? 163 THR A N   1 
ATOM   1156 C CA  . THR A 1 154 ? -2.194  15.070  0.112   1.00 11.73 ? 163 THR A CA  1 
ATOM   1157 C C   . THR A 1 154 ? -2.279  13.547  0.022   1.00 11.25 ? 163 THR A C   1 
ATOM   1158 O O   . THR A 1 154 ? -1.555  12.844  0.719   1.00 11.26 ? 163 THR A O   1 
ATOM   1159 C CB  . THR A 1 154 ? -3.276  15.592  1.080   1.00 12.61 ? 163 THR A CB  1 
ATOM   1160 O OG1 . THR A 1 154 ? -3.056  16.988  1.317   1.00 14.41 ? 163 THR A OG1 1 
ATOM   1161 C CG2 . THR A 1 154 ? -3.243  14.836  2.407   1.00 11.96 ? 163 THR A CG2 1 
ATOM   1162 N N   . LEU A 1 155 ? -3.162  13.048  -0.839  1.00 9.77  ? 164 LEU A N   1 
ATOM   1163 C CA  . LEU A 1 155 ? -3.327  11.606  -1.030  1.00 9.56  ? 164 LEU A CA  1 
ATOM   1164 C C   . LEU A 1 155 ? -2.028  11.037  -1.612  1.00 8.79  ? 164 LEU A C   1 
ATOM   1165 O O   . LEU A 1 155 ? -1.552  9.984   -1.189  1.00 9.76  ? 164 LEU A O   1 
ATOM   1166 C CB  . LEU A 1 155 ? -4.471  11.326  -2.009  1.00 8.70  ? 164 LEU A CB  1 
ATOM   1167 C CG  . LEU A 1 155 ? -5.349  10.071  -1.875  1.00 11.92 ? 164 LEU A CG  1 
ATOM   1168 C CD1 . LEU A 1 155 ? -5.659  9.535   -3.272  1.00 7.59  ? 164 LEU A CD1 1 
ATOM   1169 C CD2 . LEU A 1 155 ? -4.671  9.005   -1.035  1.00 10.03 ? 164 LEU A CD2 1 
ATOM   1170 N N   . ALA A 1 156 ? -1.464  11.749  -2.587  1.00 9.03  ? 165 ALA A N   1 
ATOM   1171 C CA  . ALA A 1 156 ? -0.227  11.326  -3.241  1.00 10.67 ? 165 ALA A CA  1 
ATOM   1172 C C   . ALA A 1 156 ? 0.914   11.217  -2.222  1.00 10.47 ? 165 ALA A C   1 
ATOM   1173 O O   . ALA A 1 156 ? 1.634   10.215  -2.179  1.00 10.03 ? 165 ALA A O   1 
ATOM   1174 C CB  . ALA A 1 156 ? 0.144   12.319  -4.356  1.00 9.47  ? 165 ALA A CB  1 
ATOM   1175 N N   . ARG A 1 157 ? 1.063   12.259  -1.410  1.00 11.44 ? 166 ARG A N   1 
ATOM   1176 C CA  . ARG A 1 157 ? 2.094   12.305  -0.380  1.00 13.06 ? 166 ARG A CA  1 
ATOM   1177 C C   . ARG A 1 157 ? 1.919   11.122  0.578   1.00 13.46 ? 166 ARG A C   1 
ATOM   1178 O O   . ARG A 1 157 ? 2.896   10.509  1.016   1.00 12.80 ? 166 ARG A O   1 
ATOM   1179 C CB  . ARG A 1 157 ? 1.978   13.610  0.411   1.00 12.89 ? 166 ARG A CB  1 
ATOM   1180 C CG  . ARG A 1 157 ? 3.041   13.799  1.479   1.00 14.64 ? 166 ARG A CG  1 
ATOM   1181 C CD  . ARG A 1 157 ? 2.519   14.691  2.616   1.00 19.76 ? 166 ARG A CD  1 
ATOM   1182 N NE  . ARG A 1 157 ? 1.515   13.987  3.413   1.00 33.25 ? 166 ARG A NE  1 
ATOM   1183 C CZ  . ARG A 1 157 ? 0.670   14.572  4.257   1.00 35.79 ? 166 ARG A CZ  1 
ATOM   1184 N NH1 . ARG A 1 157 ? -0.202  13.836  4.936   1.00 37.54 ? 166 ARG A NH1 1 
ATOM   1185 N NH2 . ARG A 1 157 ? 0.685   15.890  4.413   1.00 35.65 ? 166 ARG A NH2 1 
ATOM   1186 N N   . SER A 1 158 ? 0.667   10.810  0.901   1.00 11.64 ? 167 SER A N   1 
ATOM   1187 C CA  . SER A 1 158 ? 0.364   9.712   1.813   1.00 11.64 ? 167 SER A CA  1 
ATOM   1188 C C   . SER A 1 158 ? 0.707   8.346   1.217   1.00 11.39 ? 167 SER A C   1 
ATOM   1189 O O   . SER A 1 158 ? 1.179   7.456   1.932   1.00 12.23 ? 167 SER A O   1 
ATOM   1190 C CB  . SER A 1 158 ? -1.107  9.769   2.224   1.00 9.96  ? 167 SER A CB  1 
ATOM   1191 O OG  . SER A 1 158 ? -1.364  10.958  2.951   1.00 10.56 ? 167 SER A OG  1 
ATOM   1192 N N   . PHE A 1 159 ? 0.472   8.184   -0.085  1.00 10.07 ? 168 PHE A N   1 
ATOM   1193 C CA  . PHE A 1 159 ? 0.799   6.932   -0.764  1.00 10.36 ? 168 PHE A CA  1 
ATOM   1194 C C   . PHE A 1 159 ? 2.309   6.709   -0.699  1.00 9.92  ? 168 PHE A C   1 
ATOM   1195 O O   . PHE A 1 159 ? 2.777   5.593   -0.461  1.00 10.56 ? 168 PHE A O   1 
ATOM   1196 C CB  . PHE A 1 159 ? 0.383   6.976   -2.235  1.00 9.39  ? 168 PHE A CB  1 
ATOM   1197 C CG  . PHE A 1 159 ? -1.057  6.606   -2.484  1.00 10.60 ? 168 PHE A CG  1 
ATOM   1198 C CD1 . PHE A 1 159 ? -1.617  5.479   -1.890  1.00 12.32 ? 168 PHE A CD1 1 
ATOM   1199 C CD2 . PHE A 1 159 ? -1.834  7.356   -3.363  1.00 7.20  ? 168 PHE A CD2 1 
ATOM   1200 C CE1 . PHE A 1 159 ? -2.933  5.101   -2.169  1.00 13.28 ? 168 PHE A CE1 1 
ATOM   1201 C CE2 . PHE A 1 159 ? -3.149  6.987   -3.651  1.00 12.67 ? 168 PHE A CE2 1 
ATOM   1202 C CZ  . PHE A 1 159 ? -3.698  5.857   -3.053  1.00 9.16  ? 168 PHE A CZ  1 
ATOM   1203 N N   . ILE A 1 160 ? 3.066   7.780   -0.925  1.00 9.63  ? 169 ILE A N   1 
ATOM   1204 C CA  . ILE A 1 160 ? 4.523   7.707   -0.907  1.00 10.70 ? 169 ILE A CA  1 
ATOM   1205 C C   . ILE A 1 160 ? 5.027   7.266   0.459   1.00 11.09 ? 169 ILE A C   1 
ATOM   1206 O O   . ILE A 1 160 ? 5.941   6.449   0.558   1.00 10.46 ? 169 ILE A O   1 
ATOM   1207 C CB  . ILE A 1 160 ? 5.159   9.074   -1.280  1.00 11.16 ? 169 ILE A CB  1 
ATOM   1208 C CG1 . ILE A 1 160 ? 4.809   9.419   -2.731  1.00 12.38 ? 169 ILE A CG1 1 
ATOM   1209 C CG2 . ILE A 1 160 ? 6.684   9.025   -1.090  1.00 9.31  ? 169 ILE A CG2 1 
ATOM   1210 C CD1 . ILE A 1 160 ? 5.403   10.734  -3.223  1.00 10.29 ? 169 ILE A CD1 1 
ATOM   1211 N N   . ILE A 1 161 ? 4.421   7.792   1.516   1.00 11.54 ? 170 ILE A N   1 
ATOM   1212 C CA  . ILE A 1 161 ? 4.838   7.419   2.861   1.00 11.45 ? 170 ILE A CA  1 
ATOM   1213 C C   . ILE A 1 161 ? 4.578   5.929   3.113   1.00 11.85 ? 170 ILE A C   1 
ATOM   1214 O O   . ILE A 1 161 ? 5.450   5.229   3.619   1.00 11.78 ? 170 ILE A O   1 
ATOM   1215 C CB  . ILE A 1 161 ? 4.119   8.299   3.916   1.00 12.22 ? 170 ILE A CB  1 
ATOM   1216 C CG1 . ILE A 1 161 ? 4.630   9.740   3.796   1.00 12.38 ? 170 ILE A CG1 1 
ATOM   1217 C CG2 . ILE A 1 161 ? 4.351   7.753   5.318   1.00 11.05 ? 170 ILE A CG2 1 
ATOM   1218 C CD1 . ILE A 1 161 ? 3.816   10.769  4.560   1.00 11.65 ? 170 ILE A CD1 1 
ATOM   1219 N N   . CYS A 1 162 ? 3.398   5.441   2.742   1.00 11.87 ? 171 CYS A N   1 
ATOM   1220 C CA  . CYS A 1 162 ? 3.071   4.026   2.943   1.00 11.74 ? 171 CYS A CA  1 
ATOM   1221 C C   . CYS A 1 162 ? 3.983   3.114   2.117   1.00 11.44 ? 171 CYS A C   1 
ATOM   1222 O O   . CYS A 1 162 ? 4.446   2.080   2.602   1.00 11.27 ? 171 CYS A O   1 
ATOM   1223 C CB  . CYS A 1 162 ? 1.607   3.742   2.564   1.00 10.73 ? 171 CYS A CB  1 
ATOM   1224 S SG  . CYS A 1 162 ? 0.359   4.471   3.662   1.00 12.14 ? 171 CYS A SG  1 
ATOM   1225 N N   . ILE A 1 163 ? 4.232   3.505   0.871   1.00 11.13 ? 172 ILE A N   1 
ATOM   1226 C CA  . ILE A 1 163 ? 5.072   2.725   -0.028  1.00 10.43 ? 172 ILE A CA  1 
ATOM   1227 C C   . ILE A 1 163 ? 6.527   2.650   0.445   1.00 8.80  ? 172 ILE A C   1 
ATOM   1228 O O   . ILE A 1 163 ? 7.128   1.574   0.442   1.00 9.46  ? 172 ILE A O   1 
ATOM   1229 C CB  . ILE A 1 163 ? 5.010   3.300   -1.471  1.00 9.93  ? 172 ILE A CB  1 
ATOM   1230 C CG1 . ILE A 1 163 ? 3.591   3.115   -2.027  1.00 9.16  ? 172 ILE A CG1 1 
ATOM   1231 C CG2 . ILE A 1 163 ? 6.046   2.616   -2.363  1.00 9.99  ? 172 ILE A CG2 1 
ATOM   1232 C CD1 . ILE A 1 163 ? 3.343   3.800   -3.359  1.00 9.82  ? 172 ILE A CD1 1 
ATOM   1233 N N   . GLN A 1 164 ? 7.085   3.783   0.860   1.00 7.30  ? 173 GLN A N   1 
ATOM   1234 C CA  . GLN A 1 164 ? 8.464   3.810   1.334   1.00 8.00  ? 173 GLN A CA  1 
ATOM   1235 C C   . GLN A 1 164 ? 8.647   3.080   2.667   1.00 8.40  ? 173 GLN A C   1 
ATOM   1236 O O   . GLN A 1 164 ? 9.649   2.394   2.864   1.00 8.09  ? 173 GLN A O   1 
ATOM   1237 C CB  . GLN A 1 164 ? 8.955   5.257   1.482   1.00 7.87  ? 173 GLN A CB  1 
ATOM   1238 C CG  . GLN A 1 164 ? 8.976   6.043   0.178   1.00 8.56  ? 173 GLN A CG  1 
ATOM   1239 C CD  . GLN A 1 164 ? 9.645   7.396   0.326   1.00 10.63 ? 173 GLN A CD  1 
ATOM   1240 O OE1 . GLN A 1 164 ? 9.302   8.172   1.214   1.00 10.16 ? 173 GLN A OE1 1 
ATOM   1241 N NE2 . GLN A 1 164 ? 10.602  7.686   -0.550  1.00 10.90 ? 173 GLN A NE2 1 
ATOM   1242 N N   . MET A 1 165 ? 7.681   3.220   3.575   1.00 8.33  ? 174 MET A N   1 
ATOM   1243 C CA  . MET A 1 165 ? 7.774   2.578   4.885   1.00 10.62 ? 174 MET A CA  1 
ATOM   1244 C C   . MET A 1 165 ? 7.350   1.102   4.931   1.00 10.12 ? 174 MET A C   1 
ATOM   1245 O O   . MET A 1 165 ? 7.664   0.396   5.888   1.00 9.59  ? 174 MET A O   1 
ATOM   1246 C CB  . MET A 1 165 ? 6.955   3.362   5.918   1.00 10.37 ? 174 MET A CB  1 
ATOM   1247 C CG  . MET A 1 165 ? 7.540   4.716   6.309   1.00 11.80 ? 174 MET A CG  1 
ATOM   1248 S SD  . MET A 1 165 ? 6.517   5.567   7.542   1.00 14.01 ? 174 MET A SD  1 
ATOM   1249 C CE  . MET A 1 165 ? 7.018   4.716   9.056   1.00 16.63 ? 174 MET A CE  1 
ATOM   1250 N N   . ILE A 1 166 ? 6.648   0.633   3.904   1.00 9.61  ? 175 ILE A N   1 
ATOM   1251 C CA  . ILE A 1 166 ? 6.186   -0.754  3.886   1.00 9.78  ? 175 ILE A CA  1 
ATOM   1252 C C   . ILE A 1 166 ? 6.712   -1.542  2.684   1.00 10.60 ? 175 ILE A C   1 
ATOM   1253 O O   . ILE A 1 166 ? 7.540   -2.439  2.841   1.00 10.41 ? 175 ILE A O   1 
ATOM   1254 C CB  . ILE A 1 166 ? 4.635   -0.804  3.915   1.00 9.28  ? 175 ILE A CB  1 
ATOM   1255 C CG1 . ILE A 1 166 ? 4.124   -0.032  5.140   1.00 7.64  ? 175 ILE A CG1 1 
ATOM   1256 C CG2 . ILE A 1 166 ? 4.145   -2.263  3.942   1.00 7.64  ? 175 ILE A CG2 1 
ATOM   1257 C CD1 . ILE A 1 166 ? 2.621   0.177   5.163   1.00 8.56  ? 175 ILE A CD1 1 
ATOM   1258 N N   . SER A 1 167 ? 6.234   -1.199  1.491   1.00 11.73 ? 176 SER A N   1 
ATOM   1259 C CA  . SER A 1 167 ? 6.663   -1.874  0.268   1.00 12.58 ? 176 SER A CA  1 
ATOM   1260 C C   . SER A 1 167 ? 8.174   -1.842  0.083   1.00 11.54 ? 176 SER A C   1 
ATOM   1261 O O   . SER A 1 167 ? 8.817   -2.882  -0.047  1.00 10.03 ? 176 SER A O   1 
ATOM   1262 C CB  . SER A 1 167 ? 6.008   -1.230  -0.964  1.00 12.49 ? 176 SER A CB  1 
ATOM   1263 O OG  . SER A 1 167 ? 4.605   -1.420  -0.972  1.00 10.74 ? 176 SER A OG  1 
ATOM   1264 N N   . GLU A 1 168 ? 8.740   -0.640  0.067   1.00 12.04 ? 177 GLU A N   1 
ATOM   1265 C CA  . GLU A 1 168 ? 10.173  -0.489  -0.135  1.00 10.95 ? 177 GLU A CA  1 
ATOM   1266 C C   . GLU A 1 168 ? 11.021  -1.100  0.988   1.00 11.21 ? 177 GLU A C   1 
ATOM   1267 O O   . GLU A 1 168 ? 12.099  -1.648  0.732   1.00 9.61  ? 177 GLU A O   1 
ATOM   1268 C CB  . GLU A 1 168 ? 10.525  0.990   -0.308  1.00 11.56 ? 177 GLU A CB  1 
ATOM   1269 C CG  . GLU A 1 168 ? 11.855  1.193   -0.988  1.00 10.80 ? 177 GLU A CG  1 
ATOM   1270 C CD  . GLU A 1 168 ? 11.856  0.690   -2.420  1.00 13.56 ? 177 GLU A CD  1 
ATOM   1271 O OE1 . GLU A 1 168 ? 12.874  0.105   -2.836  1.00 16.66 ? 177 GLU A OE1 1 
ATOM   1272 O OE2 . GLU A 1 168 ? 10.852  0.889   -3.138  1.00 12.14 ? 177 GLU A OE2 1 
ATOM   1273 N N   . ALA A 1 169 ? 10.537  -1.008  2.225   1.00 10.84 ? 178 ALA A N   1 
ATOM   1274 C CA  . ALA A 1 169 ? 11.267  -1.570  3.357   1.00 10.04 ? 178 ALA A CA  1 
ATOM   1275 C C   . ALA A 1 169 ? 11.359  -3.096  3.216   1.00 11.10 ? 178 ALA A C   1 
ATOM   1276 O O   . ALA A 1 169 ? 12.405  -3.684  3.490   1.00 9.97  ? 178 ALA A O   1 
ATOM   1277 C CB  . ALA A 1 169 ? 10.576  -1.203  4.670   1.00 9.79  ? 178 ALA A CB  1 
ATOM   1278 N N   . ALA A 1 170 ? 10.267  -3.726  2.784   1.00 10.41 ? 179 ALA A N   1 
ATOM   1279 C CA  . ALA A 1 170 ? 10.233  -5.182  2.606   1.00 11.75 ? 179 ALA A CA  1 
ATOM   1280 C C   . ALA A 1 170 ? 11.120  -5.633  1.440   1.00 13.46 ? 179 ALA A C   1 
ATOM   1281 O O   . ALA A 1 170 ? 11.842  -6.629  1.556   1.00 12.51 ? 179 ALA A O   1 
ATOM   1282 C CB  . ALA A 1 170 ? 8.797   -5.652  2.379   1.00 11.01 ? 179 ALA A CB  1 
ATOM   1283 N N   . ARG A 1 171 ? 11.058  -4.910  0.322   1.00 15.30 ? 180 ARG A N   1 
ATOM   1284 C CA  . ARG A 1 171 ? 11.879  -5.235  -0.851  1.00 18.42 ? 180 ARG A CA  1 
ATOM   1285 C C   . ARG A 1 171 ? 13.357  -5.193  -0.491  1.00 17.67 ? 180 ARG A C   1 
ATOM   1286 O O   . ARG A 1 171 ? 14.102  -6.130  -0.780  1.00 17.63 ? 180 ARG A O   1 
ATOM   1287 C CB  . ARG A 1 171 ? 11.645  -4.240  -1.993  1.00 18.30 ? 180 ARG A CB  1 
ATOM   1288 C CG  . ARG A 1 171 ? 10.393  -4.457  -2.815  1.00 22.05 ? 180 ARG A CG  1 
ATOM   1289 C CD  . ARG A 1 171 ? 10.266  -3.375  -3.886  1.00 22.50 ? 180 ARG A CD  1 
ATOM   1290 N NE  . ARG A 1 171 ? 11.313  -3.461  -4.902  1.00 27.84 ? 180 ARG A NE  1 
ATOM   1291 C CZ  . ARG A 1 171 ? 11.325  -4.349  -5.893  1.00 30.53 ? 180 ARG A CZ  1 
ATOM   1292 N NH1 . ARG A 1 171 ? 10.342  -5.235  -6.007  1.00 30.56 ? 180 ARG A NH1 1 
ATOM   1293 N NH2 . ARG A 1 171 ? 12.317  -4.355  -6.772  1.00 31.77 ? 180 ARG A NH2 1 
ATOM   1294 N N   . PHE A 1 172 ? 13.770  -4.089  0.127   1.00 17.11 ? 181 PHE A N   1 
ATOM   1295 C CA  . PHE A 1 172 ? 15.158  -3.902  0.533   1.00 18.04 ? 181 PHE A CA  1 
ATOM   1296 C C   . PHE A 1 172 ? 15.676  -5.093  1.336   1.00 19.61 ? 181 PHE A C   1 
ATOM   1297 O O   . PHE A 1 172 ? 16.748  -5.623  1.057   1.00 20.24 ? 181 PHE A O   1 
ATOM   1298 C CB  . PHE A 1 172 ? 15.298  -2.632  1.367   1.00 17.94 ? 181 PHE A CB  1 
ATOM   1299 C CG  . PHE A 1 172 ? 16.636  -2.495  2.036   1.00 17.03 ? 181 PHE A CG  1 
ATOM   1300 C CD1 . PHE A 1 172 ? 17.778  -2.230  1.288   1.00 15.43 ? 181 PHE A CD1 1 
ATOM   1301 C CD2 . PHE A 1 172 ? 16.756  -2.670  3.412   1.00 13.73 ? 181 PHE A CD2 1 
ATOM   1302 C CE1 . PHE A 1 172 ? 19.021  -2.145  1.897   1.00 18.22 ? 181 PHE A CE1 1 
ATOM   1303 C CE2 . PHE A 1 172 ? 17.994  -2.587  4.035   1.00 16.23 ? 181 PHE A CE2 1 
ATOM   1304 C CZ  . PHE A 1 172 ? 19.134  -2.324  3.277   1.00 15.44 ? 181 PHE A CZ  1 
ATOM   1305 N N   . GLN A 1 173 ? 14.912  -5.504  2.341   1.00 19.60 ? 182 GLN A N   1 
ATOM   1306 C CA  . GLN A 1 173 ? 15.316  -6.630  3.171   1.00 20.48 ? 182 GLN A CA  1 
ATOM   1307 C C   . GLN A 1 173 ? 15.344  -7.950  2.400   1.00 21.41 ? 182 GLN A C   1 
ATOM   1308 O O   . GLN A 1 173 ? 16.181  -8.810  2.662   1.00 20.62 ? 182 GLN A O   1 
ATOM   1309 C CB  . GLN A 1 173 ? 14.398  -6.737  4.387   1.00 19.32 ? 182 GLN A CB  1 
ATOM   1310 C CG  . GLN A 1 173 ? 14.672  -5.665  5.436   1.00 19.97 ? 182 GLN A CG  1 
ATOM   1311 C CD  . GLN A 1 173 ? 13.786  -5.802  6.656   1.00 22.67 ? 182 GLN A CD  1 
ATOM   1312 O OE1 . GLN A 1 173 ? 13.485  -6.911  7.087   1.00 27.03 ? 182 GLN A OE1 1 
ATOM   1313 N NE2 . GLN A 1 173 ? 13.378  -4.677  7.227   1.00 22.62 ? 182 GLN A NE2 1 
ATOM   1314 N N   . TYR A 1 174 ? 14.437  -8.100  1.442   1.00 21.41 ? 183 TYR A N   1 
ATOM   1315 C CA  . TYR A 1 174 ? 14.375  -9.314  0.638   1.00 23.49 ? 183 TYR A CA  1 
ATOM   1316 C C   . TYR A 1 174 ? 15.644  -9.451  -0.197  1.00 26.06 ? 183 TYR A C   1 
ATOM   1317 O O   . TYR A 1 174 ? 16.249  -10.523 -0.269  1.00 25.03 ? 183 TYR A O   1 
ATOM   1318 C CB  . TYR A 1 174 ? 13.178  -9.263  -0.306  1.00 22.67 ? 183 TYR A CB  1 
ATOM   1319 C CG  . TYR A 1 174 ? 12.949  -10.543 -1.078  1.00 22.29 ? 183 TYR A CG  1 
ATOM   1320 C CD1 . TYR A 1 174 ? 12.083  -11.523 -0.595  1.00 21.11 ? 183 TYR A CD1 1 
ATOM   1321 C CD2 . TYR A 1 174 ? 13.593  -10.775 -2.294  1.00 20.20 ? 183 TYR A CD2 1 
ATOM   1322 C CE1 . TYR A 1 174 ? 11.859  -12.701 -1.302  1.00 24.70 ? 183 TYR A CE1 1 
ATOM   1323 C CE2 . TYR A 1 174 ? 13.378  -11.953 -3.012  1.00 23.16 ? 183 TYR A CE2 1 
ATOM   1324 C CZ  . TYR A 1 174 ? 12.507  -12.908 -2.509  1.00 25.81 ? 183 TYR A CZ  1 
ATOM   1325 O OH  . TYR A 1 174 ? 12.265  -14.066 -3.215  1.00 26.98 ? 183 TYR A OH  1 
ATOM   1326 N N   . ILE A 1 175 ? 16.034  -8.352  -0.832  1.00 28.61 ? 184 ILE A N   1 
ATOM   1327 C CA  . ILE A 1 175 ? 17.213  -8.327  -1.687  1.00 32.71 ? 184 ILE A CA  1 
ATOM   1328 C C   . ILE A 1 175 ? 18.515  -8.497  -0.912  1.00 35.00 ? 184 ILE A C   1 
ATOM   1329 O O   . ILE A 1 175 ? 19.436  -9.167  -1.378  1.00 36.15 ? 184 ILE A O   1 
ATOM   1330 C CB  . ILE A 1 175 ? 17.248  -7.021  -2.513  1.00 32.31 ? 184 ILE A CB  1 
ATOM   1331 C CG1 . ILE A 1 175 ? 16.101  -7.040  -3.529  1.00 33.01 ? 184 ILE A CG1 1 
ATOM   1332 C CG2 . ILE A 1 175 ? 18.588  -6.870  -3.211  1.00 33.45 ? 184 ILE A CG2 1 
ATOM   1333 C CD1 . ILE A 1 175 ? 16.033  -5.816  -4.425  1.00 32.85 ? 184 ILE A CD1 1 
ATOM   1334 N N   . GLU A 1 176 ? 18.594  -7.896  0.269   1.00 36.75 ? 185 GLU A N   1 
ATOM   1335 C CA  . GLU A 1 176 ? 19.789  -8.020  1.089   1.00 39.29 ? 185 GLU A CA  1 
ATOM   1336 C C   . GLU A 1 176 ? 19.850  -9.430  1.660   1.00 41.66 ? 185 GLU A C   1 
ATOM   1337 O O   . GLU A 1 176 ? 20.903  -9.889  2.095   1.00 42.87 ? 185 GLU A O   1 
ATOM   1338 C CB  . GLU A 1 176 ? 19.767  -6.990  2.221   1.00 38.23 ? 185 GLU A CB  1 
ATOM   1339 C CG  . GLU A 1 176 ? 19.980  -5.563  1.744   1.00 38.62 ? 185 GLU A CG  1 
ATOM   1340 C CD  . GLU A 1 176 ? 21.371  -5.340  1.157   1.00 37.06 ? 185 GLU A CD  1 
ATOM   1341 O OE1 . GLU A 1 176 ? 21.579  -4.301  0.493   1.00 35.59 ? 185 GLU A OE1 1 
ATOM   1342 O OE2 . GLU A 1 176 ? 22.259  -6.192  1.368   1.00 33.38 ? 185 GLU A OE2 1 
ATOM   1343 N N   . GLY A 1 177 ? 18.711  -10.114 1.649   1.00 43.47 ? 186 GLY A N   1 
ATOM   1344 C CA  . GLY A 1 177 ? 18.658  -11.473 2.158   1.00 46.09 ? 186 GLY A CA  1 
ATOM   1345 C C   . GLY A 1 177 ? 19.394  -12.407 1.220   1.00 48.20 ? 186 GLY A C   1 
ATOM   1346 O O   . GLY A 1 177 ? 20.139  -13.286 1.656   1.00 48.65 ? 186 GLY A O   1 
ATOM   1347 N N   . GLU A 1 178 ? 19.181  -12.213 -0.077  1.00 50.07 ? 187 GLU A N   1 
ATOM   1348 C CA  . GLU A 1 178 ? 19.833  -13.024 -1.096  1.00 52.58 ? 187 GLU A CA  1 
ATOM   1349 C C   . GLU A 1 178 ? 21.157  -12.382 -1.488  1.00 54.15 ? 187 GLU A C   1 
ATOM   1350 O O   . GLU A 1 178 ? 21.597  -12.480 -2.635  1.00 54.89 ? 187 GLU A O   1 
ATOM   1351 C CB  . GLU A 1 178 ? 18.923  -13.164 -2.318  1.00 52.36 ? 187 GLU A CB  1 
ATOM   1352 C CG  . GLU A 1 178 ? 18.219  -11.881 -2.726  1.00 53.24 ? 187 GLU A CG  1 
ATOM   1353 C CD  . GLU A 1 178 ? 17.246  -12.088 -3.873  1.00 53.69 ? 187 GLU A CD  1 
ATOM   1354 O OE1 . GLU A 1 178 ? 16.443  -13.044 -3.811  1.00 53.04 ? 187 GLU A OE1 1 
ATOM   1355 O OE2 . GLU A 1 178 ? 17.278  -11.290 -4.835  1.00 56.37 ? 187 GLU A OE2 1 
ATOM   1356 N N   . MET A 1 179 ? 21.784  -11.725 -0.515  1.00 55.69 ? 188 MET A N   1 
ATOM   1357 C CA  . MET A 1 179 ? 23.065  -11.052 -0.702  1.00 56.78 ? 188 MET A CA  1 
ATOM   1358 C C   . MET A 1 179 ? 23.162  -10.315 -2.032  1.00 57.31 ? 188 MET A C   1 
ATOM   1359 O O   . MET A 1 179 ? 23.686  -9.202  -2.096  1.00 57.73 ? 188 MET A O   1 
ATOM   1360 C CB  . MET A 1 179 ? 24.209  -12.061 -0.587  1.00 57.16 ? 188 MET A CB  1 
ATOM   1361 C CG  . MET A 1 179 ? 24.197  -12.861 0.706   1.00 57.65 ? 188 MET A CG  1 
ATOM   1362 S SD  . MET A 1 179 ? 23.975  -11.827 2.173   1.00 61.00 ? 188 MET A SD  1 
ATOM   1363 C CE  . MET A 1 179 ? 22.628  -12.682 3.003   1.00 59.15 ? 188 MET A CE  1 
HETATM 1364 S S   . SO4 B 2 .   ? 1.172   6.829   -15.221 1.00 18.69 ? 999 SO4 A S   1 
HETATM 1365 O O1  . SO4 B 2 .   ? 2.312   7.620   -15.791 1.00 21.32 ? 999 SO4 A O1  1 
HETATM 1366 O O2  . SO4 B 2 .   ? 1.703   5.706   -14.380 1.00 20.90 ? 999 SO4 A O2  1 
HETATM 1367 O O3  . SO4 B 2 .   ? 0.317   7.729   -14.379 1.00 19.04 ? 999 SO4 A O3  1 
HETATM 1368 O O4  . SO4 B 2 .   ? 0.350   6.260   -16.341 1.00 22.84 ? 999 SO4 A O4  1 
HETATM 1369 O O   . HOH C 3 .   ? 15.666  -0.308  -1.843  1.00 38.14 ? 34  HOH A O   1 
HETATM 1370 O O   . HOH C 3 .   ? -0.997  18.070  -8.136  1.00 33.80 ? 35  HOH A O   1 
HETATM 1371 O O   . HOH C 3 .   ? 4.955   7.985   -14.469 1.00 20.70 ? 36  HOH A O   1 
HETATM 1372 O O   . HOH C 3 .   ? -3.028  -3.528  14.808  1.00 36.86 ? 37  HOH A O   1 
HETATM 1373 O O   . HOH C 3 .   ? -0.565  -14.992 -1.175  1.00 29.64 ? 39  HOH A O   1 
HETATM 1374 O O   . HOH C 3 .   ? -21.633 4.784   -0.768  1.00 18.95 ? 41  HOH A O   1 
HETATM 1375 O O   . HOH C 3 .   ? 10.317  -14.347 1.098   1.00 36.58 ? 43  HOH A O   1 
HETATM 1376 O O   . HOH C 3 .   ? -11.880 2.102   10.429  1.00 23.06 ? 199 HOH A O   1 
HETATM 1377 O O   . HOH C 3 .   ? 0.076   1.092   -11.132 1.00 23.32 ? 200 HOH A O   1 
HETATM 1378 O O   . HOH C 3 .   ? -2.115  -3.496  -10.834 1.00 39.10 ? 201 HOH A O   1 
HETATM 1379 O O   . HOH C 3 .   ? 7.847   13.427  -11.256 1.00 18.98 ? 202 HOH A O   1 
HETATM 1380 O O   . HOH C 3 .   ? -3.704  -1.373  -9.677  1.00 8.19  ? 203 HOH A O   1 
HETATM 1381 O O   . HOH C 3 .   ? -0.238  -2.765  -12.700 1.00 20.77 ? 204 HOH A O   1 
HETATM 1382 O O   . HOH C 3 .   ? 2.759   -7.583  12.415  1.00 14.27 ? 205 HOH A O   1 
HETATM 1383 O O   . HOH C 3 .   ? -14.314 3.579   -4.311  1.00 11.40 ? 206 HOH A O   1 
HETATM 1384 O O   . HOH C 3 .   ? 2.794   2.407   -12.382 1.00 15.71 ? 207 HOH A O   1 
HETATM 1385 O O   . HOH C 3 .   ? -12.176 -0.385  -10.014 1.00 15.43 ? 208 HOH A O   1 
HETATM 1386 O O   . HOH C 3 .   ? 1.629   -3.755  15.214  1.00 11.91 ? 209 HOH A O   1 
HETATM 1387 O O   . HOH C 3 .   ? 2.740   -1.701  16.822  1.00 10.53 ? 210 HOH A O   1 
HETATM 1388 O O   . HOH C 3 .   ? -0.781  -10.117 11.845  1.00 26.60 ? 211 HOH A O   1 
HETATM 1389 O O   . HOH C 3 .   ? -4.776  0.925   16.359  1.00 14.52 ? 212 HOH A O   1 
HETATM 1390 O O   . HOH C 3 .   ? 1.452   12.110  6.726   1.00 16.50 ? 213 HOH A O   1 
HETATM 1391 O O   . HOH C 3 .   ? -9.447  -3.878  -13.350 1.00 24.87 ? 214 HOH A O   1 
HETATM 1392 O O   . HOH C 3 .   ? -16.743 -5.108  -4.758  1.00 24.21 ? 215 HOH A O   1 
HETATM 1393 O O   . HOH C 3 .   ? 13.908  -2.130  5.752   1.00 10.90 ? 216 HOH A O   1 
HETATM 1394 O O   . HOH C 3 .   ? -5.390  6.057   -17.989 1.00 12.74 ? 217 HOH A O   1 
HETATM 1395 O O   . HOH C 3 .   ? -1.645  7.940   -16.863 1.00 20.23 ? 218 HOH A O   1 
HETATM 1396 O O   . HOH C 3 .   ? 7.808   -11.655 11.691  1.00 24.69 ? 219 HOH A O   1 
HETATM 1397 O O   . HOH C 3 .   ? 4.124   -6.122  14.282  1.00 23.18 ? 220 HOH A O   1 
HETATM 1398 O O   . HOH C 3 .   ? 1.725   -1.602  19.169  1.00 12.96 ? 221 HOH A O   1 
HETATM 1399 O O   . HOH C 3 .   ? -9.497  -9.185  -1.113  1.00 24.44 ? 222 HOH A O   1 
HETATM 1400 O O   . HOH C 3 .   ? 9.091   5.960   -10.884 1.00 17.61 ? 223 HOH A O   1 
HETATM 1401 O O   . HOH C 3 .   ? 7.505   10.826  14.277  1.00 33.64 ? 224 HOH A O   1 
HETATM 1402 O O   . HOH C 3 .   ? -11.433 13.242  -0.740  1.00 18.11 ? 225 HOH A O   1 
HETATM 1403 O O   . HOH C 3 .   ? -13.675 13.241  5.097   1.00 22.82 ? 226 HOH A O   1 
HETATM 1404 O O   . HOH C 3 .   ? 6.015   13.213  15.168  1.00 39.86 ? 227 HOH A O   1 
HETATM 1405 O O   . HOH C 3 .   ? -15.462 10.074  7.025   1.00 23.24 ? 228 HOH A O   1 
HETATM 1406 O O   . HOH C 3 .   ? -9.848  15.691  -3.962  1.00 25.70 ? 229 HOH A O   1 
HETATM 1407 O O   . HOH C 3 .   ? 3.090   -10.120 12.323  1.00 30.80 ? 230 HOH A O   1 
HETATM 1408 O O   . HOH C 3 .   ? -13.512 11.887  -3.459  1.00 40.69 ? 231 HOH A O   1 
HETATM 1409 O O   . HOH C 3 .   ? 2.477   0.815   -9.233  1.00 36.37 ? 232 HOH A O   1 
HETATM 1410 O O   . HOH C 3 .   ? -15.223 -7.108  -8.199  1.00 34.75 ? 233 HOH A O   1 
HETATM 1411 O O   . HOH C 3 .   ? 3.310   -1.644  21.411  1.00 21.40 ? 234 HOH A O   1 
HETATM 1412 O O   . HOH C 3 .   ? -3.725  -14.725 6.938   1.00 42.37 ? 235 HOH A O   1 
HETATM 1413 O O   . HOH C 3 .   ? -17.013 8.091   7.065   1.00 17.40 ? 236 HOH A O   1 
HETATM 1414 O O   . HOH C 3 .   ? 12.573  -2.633  10.103  1.00 27.84 ? 237 HOH A O   1 
HETATM 1415 O O   . HOH C 3 .   ? 13.556  -0.022  -5.874  1.00 37.26 ? 238 HOH A O   1 
HETATM 1416 O O   . HOH C 3 .   ? 10.356  -7.341  -9.302  1.00 31.49 ? 239 HOH A O   1 
HETATM 1417 O O   . HOH C 3 .   ? -0.075  3.242   -15.421 1.00 51.12 ? 240 HOH A O   1 
HETATM 1418 O O   . HOH C 3 .   ? 9.627   11.626  11.677  1.00 38.79 ? 241 HOH A O   1 
HETATM 1419 O O   . HOH C 3 .   ? -19.009 8.756   5.463   1.00 28.88 ? 242 HOH A O   1 
HETATM 1420 O O   . HOH C 3 .   ? -5.818  4.754   20.848  1.00 33.50 ? 243 HOH A O   1 
HETATM 1421 O O   . HOH C 3 .   ? -4.514  -0.369  19.451  1.00 40.84 ? 244 HOH A O   1 
HETATM 1422 O O   . HOH C 3 .   ? 15.530  -12.668 1.503   1.00 39.50 ? 245 HOH A O   1 
HETATM 1423 O O   . HOH C 3 .   ? 7.798   16.055  -9.646  1.00 32.77 ? 246 HOH A O   1 
HETATM 1424 O O   . HOH C 3 .   ? -15.746 10.685  -3.343  1.00 37.08 ? 247 HOH A O   1 
HETATM 1425 O O   . HOH C 3 .   ? 7.248   9.358   16.338  1.00 25.70 ? 248 HOH A O   1 
HETATM 1426 O O   . HOH C 3 .   ? 3.212   1.070   -5.352  1.00 17.02 ? 249 HOH A O   1 
HETATM 1427 O O   . HOH C 3 .   ? -6.027  -16.578 0.868   1.00 39.97 ? 250 HOH A O   1 
HETATM 1428 O O   . HOH C 3 .   ? -17.556 3.884   1.689   1.00 25.58 ? 251 HOH A O   1 
HETATM 1429 O O   . HOH C 3 .   ? 12.582  2.261   -7.462  1.00 47.16 ? 252 HOH A O   1 
HETATM 1430 O O   . HOH C 3 .   ? 10.712  10.487  1.634   1.00 14.40 ? 253 HOH A O   1 
HETATM 1431 O O   . HOH C 3 .   ? 12.653  10.980  5.782   1.00 22.47 ? 254 HOH A O   1 
HETATM 1432 O O   . HOH C 3 .   ? -8.004  17.972  -4.808  1.00 34.53 ? 255 HOH A O   1 
HETATM 1433 O O   . HOH C 3 .   ? -7.387  17.600  4.294   1.00 30.21 ? 256 HOH A O   1 
HETATM 1434 O O   . HOH C 3 .   ? 12.209  -5.524  -9.065  1.00 33.90 ? 257 HOH A O   1 
HETATM 1435 O O   . HOH C 3 .   ? -1.862  -0.191  20.091  1.00 25.97 ? 258 HOH A O   1 
HETATM 1436 O O   . HOH C 3 .   ? -11.862 -2.124  7.590   1.00 40.25 ? 259 HOH A O   1 
HETATM 1437 O O   . HOH C 3 .   ? -11.459 -3.067  -10.483 1.00 57.40 ? 260 HOH A O   1 
HETATM 1438 O O   . HOH C 3 .   ? -8.147  9.339   -12.373 1.00 57.01 ? 261 HOH A O   1 
HETATM 1439 O O   . HOH C 3 .   ? -12.879 10.009  -7.465  1.00 51.24 ? 262 HOH A O   1 
HETATM 1440 O O   . HOH C 3 .   ? -6.053  17.279  2.026   1.00 52.80 ? 263 HOH A O   1 
HETATM 1441 O O   . HOH C 3 .   ? 12.397  -6.187  9.492   1.00 75.71 ? 264 HOH A O   1 
HETATM 1442 O O   . HOH C 3 .   ? -11.302 -0.037  6.426   1.00 17.81 ? 265 HOH A O   1 
HETATM 1443 O O   . HOH C 3 .   ? -9.344  -1.877  6.646   1.00 23.59 ? 266 HOH A O   1 
HETATM 1444 O O   . HOH C 3 .   ? 9.309   7.236   14.396  1.00 32.40 ? 267 HOH A O   1 
# 
